data_4F8V
# 
_entry.id   4F8V 
# 
_audit_conform.dict_name       mmcif_pdbx.dic 
_audit_conform.dict_version    5.388 
_audit_conform.dict_location   http://mmcif.pdb.org/dictionaries/ascii/mmcif_pdbx.dic 
# 
loop_
_database_2.database_id 
_database_2.database_code 
_database_2.pdbx_database_accession 
_database_2.pdbx_DOI 
PDB   4F8V         pdb_00004f8v 10.2210/pdb4f8v/pdb 
NDB   NA1818       ?            ?                   
RCSB  RCSB072601   ?            ?                   
WWPDB D_1000072601 ?            ?                   
# 
loop_
_pdbx_audit_revision_history.ordinal 
_pdbx_audit_revision_history.data_content_type 
_pdbx_audit_revision_history.major_revision 
_pdbx_audit_revision_history.minor_revision 
_pdbx_audit_revision_history.revision_date 
1 'Structure model' 1 0 2012-08-15 
2 'Structure model' 1 1 2012-09-05 
3 'Structure model' 1 2 2019-12-25 
4 'Structure model' 1 3 2024-03-20 
# 
_pdbx_audit_revision_details.ordinal             1 
_pdbx_audit_revision_details.revision_ordinal    1 
_pdbx_audit_revision_details.data_content_type   'Structure model' 
_pdbx_audit_revision_details.provider            repository 
_pdbx_audit_revision_details.type                'Initial release' 
_pdbx_audit_revision_details.description         ? 
_pdbx_audit_revision_details.details             ? 
# 
loop_
_pdbx_audit_revision_group.ordinal 
_pdbx_audit_revision_group.revision_ordinal 
_pdbx_audit_revision_group.data_content_type 
_pdbx_audit_revision_group.group 
1 2 'Structure model' 'Structure summary'    
2 3 'Structure model' 'Database references'  
3 4 'Structure model' 'Data collection'      
4 4 'Structure model' 'Database references'  
5 4 'Structure model' 'Derived calculations' 
# 
loop_
_pdbx_audit_revision_category.ordinal 
_pdbx_audit_revision_category.revision_ordinal 
_pdbx_audit_revision_category.data_content_type 
_pdbx_audit_revision_category.category 
1 3 'Structure model' citation       
2 4 'Structure model' chem_comp_atom 
3 4 'Structure model' chem_comp_bond 
4 4 'Structure model' database_2     
5 4 'Structure model' struct_site    
# 
loop_
_pdbx_audit_revision_item.ordinal 
_pdbx_audit_revision_item.revision_ordinal 
_pdbx_audit_revision_item.data_content_type 
_pdbx_audit_revision_item.item 
1  3 'Structure model' '_citation.journal_abbrev'            
2  3 'Structure model' '_citation.journal_volume'            
3  3 'Structure model' '_citation.page_first'                
4  3 'Structure model' '_citation.page_last'                 
5  3 'Structure model' '_citation.pdbx_database_id_PubMed'   
6  3 'Structure model' '_citation.title'                     
7  4 'Structure model' '_database_2.pdbx_DOI'                
8  4 'Structure model' '_database_2.pdbx_database_accession' 
9  4 'Structure model' '_struct_site.pdbx_auth_asym_id'      
10 4 'Structure model' '_struct_site.pdbx_auth_comp_id'      
11 4 'Structure model' '_struct_site.pdbx_auth_seq_id'       
# 
_pdbx_database_status.status_code                     REL 
_pdbx_database_status.entry_id                        4F8V 
_pdbx_database_status.recvd_initial_deposition_date   2012-05-18 
_pdbx_database_status.deposit_site                    RCSB 
_pdbx_database_status.process_site                    PDBJ 
_pdbx_database_status.methods_development_category    ? 
_pdbx_database_status.status_code_sf                  REL 
_pdbx_database_status.status_code_mr                  ? 
_pdbx_database_status.SG_entry                        ? 
_pdbx_database_status.status_code_cs                  ? 
_pdbx_database_status.pdb_format_compatible           Y 
_pdbx_database_status.status_code_nmr_data            ? 
# 
_pdbx_database_related.db_name        PDB 
_pdbx_database_related.db_id          4F8U 
_pdbx_database_related.details        . 
_pdbx_database_related.content_type   unspecified 
# 
loop_
_audit_author.name 
_audit_author.pdbx_ordinal 
'Kondo, J.'    1 
'Koganei, M.'  2 
'Kasahara, T.' 3 
# 
_citation.id                        primary 
_citation.title                     
'Crystal structure and specific binding mode of sisomicin to the bacterial ribosomal decoding site.' 
_citation.journal_abbrev            'Acs Med.Chem.Lett.' 
_citation.journal_volume            3 
_citation.page_first                741 
_citation.page_last                 744 
_citation.year                      2012 
_citation.journal_id_ASTM           ? 
_citation.country                   US 
_citation.journal_id_ISSN           1948-5875 
_citation.journal_id_CSD            ? 
_citation.book_publisher            ? 
_citation.pdbx_database_id_PubMed   24900542 
_citation.pdbx_database_id_DOI      10.1021/ml300145y 
# 
loop_
_citation_author.citation_id 
_citation_author.name 
_citation_author.ordinal 
_citation_author.identifier_ORCID 
primary 'Kondo, J.'    1 ? 
primary 'Koganei, M.'  2 ? 
primary 'Kasahara, T.' 3 ? 
# 
loop_
_entity.id 
_entity.type 
_entity.src_method 
_entity.pdbx_description 
_entity.formula_weight 
_entity.pdbx_number_of_molecules 
_entity.pdbx_ec 
_entity.pdbx_mutation 
_entity.pdbx_fragment 
_entity.details 
1 polymer     syn 
;RNA (5'-R(P*GP*CP*GP*UP*CP*AP*CP*AP*CP*CP*GP*GP*UP*GP*AP*AP*GP*UP*CP*GP*C)-3')
;
6743.077 2 ? ? ? ? 
2 non-polymer syn 
;(1S,2S,3R,4S,6R)-4,6-diamino-3-{[(2S,3R)-3-amino-6-(aminomethyl)-3,4-dihydro-2H-pyran-2-yl]oxy}-2-hydroxycyclohexyl 3-deoxy-4-C-methyl-3-(methylamino)-beta-L-arabinopyranoside
;
447.526  2 ? ? ? ? 
3 water       nat water 18.015   3 ? ? ? ? 
# 
_entity_poly.entity_id                      1 
_entity_poly.type                           polyribonucleotide 
_entity_poly.nstd_linkage                   no 
_entity_poly.nstd_monomer                   no 
_entity_poly.pdbx_seq_one_letter_code       GCGUCACACCGGUGAAGUCGC 
_entity_poly.pdbx_seq_one_letter_code_can   GCGUCACACCGGUGAAGUCGC 
_entity_poly.pdbx_strand_id                 A,B 
_entity_poly.pdbx_target_identifier         ? 
# 
loop_
_pdbx_entity_nonpoly.entity_id 
_pdbx_entity_nonpoly.name 
_pdbx_entity_nonpoly.comp_id 
2 
;(1S,2S,3R,4S,6R)-4,6-diamino-3-{[(2S,3R)-3-amino-6-(aminomethyl)-3,4-dihydro-2H-pyran-2-yl]oxy}-2-hydroxycyclohexyl 3-deoxy-4-C-methyl-3-(methylamino)-beta-L-arabinopyranoside
;
SIS 
3 water HOH 
# 
loop_
_entity_poly_seq.entity_id 
_entity_poly_seq.num 
_entity_poly_seq.mon_id 
_entity_poly_seq.hetero 
1 1  G n 
1 2  C n 
1 3  G n 
1 4  U n 
1 5  C n 
1 6  A n 
1 7  C n 
1 8  A n 
1 9  C n 
1 10 C n 
1 11 G n 
1 12 G n 
1 13 U n 
1 14 G n 
1 15 A n 
1 16 A n 
1 17 G n 
1 18 U n 
1 19 C n 
1 20 G n 
1 21 C n 
# 
loop_
_chem_comp.id 
_chem_comp.type 
_chem_comp.mon_nstd_flag 
_chem_comp.name 
_chem_comp.pdbx_synonyms 
_chem_comp.formula 
_chem_comp.formula_weight 
A   'RNA linking' y "ADENOSINE-5'-MONOPHOSPHATE" ?         'C10 H14 N5 O7 P' 347.221 
C   'RNA linking' y "CYTIDINE-5'-MONOPHOSPHATE" ?         'C9 H14 N3 O8 P'  323.197 
G   'RNA linking' y "GUANOSINE-5'-MONOPHOSPHATE" ?         'C10 H14 N5 O8 P' 363.221 
HOH non-polymer   . WATER ?         'H2 O'            18.015  
SIS non-polymer   . 
;(1S,2S,3R,4S,6R)-4,6-diamino-3-{[(2S,3R)-3-amino-6-(aminomethyl)-3,4-dihydro-2H-pyran-2-yl]oxy}-2-hydroxycyclohexyl 3-deoxy-4-C-methyl-3-(methylamino)-beta-L-arabinopyranoside
;
Sisomicin 'C19 H37 N5 O7'   447.526 
U   'RNA linking' y "URIDINE-5'-MONOPHOSPHATE" ?         'C9 H13 N2 O9 P'  324.181 
# 
loop_
_pdbx_poly_seq_scheme.asym_id 
_pdbx_poly_seq_scheme.entity_id 
_pdbx_poly_seq_scheme.seq_id 
_pdbx_poly_seq_scheme.mon_id 
_pdbx_poly_seq_scheme.ndb_seq_num 
_pdbx_poly_seq_scheme.pdb_seq_num 
_pdbx_poly_seq_scheme.auth_seq_num 
_pdbx_poly_seq_scheme.pdb_mon_id 
_pdbx_poly_seq_scheme.auth_mon_id 
_pdbx_poly_seq_scheme.pdb_strand_id 
_pdbx_poly_seq_scheme.pdb_ins_code 
_pdbx_poly_seq_scheme.hetero 
A 1 1  G 1  3  3  G G A . n 
A 1 2  C 2  4  4  C C A . n 
A 1 3  G 3  5  5  G G A . n 
A 1 4  U 4  6  6  U U A . n 
A 1 5  C 5  7  7  C C A . n 
A 1 6  A 6  8  8  A A A . n 
A 1 7  C 7  9  9  C C A . n 
A 1 8  A 8  10 10 A A A . n 
A 1 9  C 9  11 11 C C A . n 
A 1 10 C 10 12 12 C C A . n 
A 1 11 G 11 13 13 G G A . n 
A 1 12 G 12 14 14 G G A . n 
A 1 13 U 13 15 15 U U A . n 
A 1 14 G 14 16 16 G G A . n 
A 1 15 A 15 17 17 A A A . n 
A 1 16 A 16 18 18 A A A . n 
A 1 17 G 17 19 19 G G A . n 
A 1 18 U 18 20 20 U U A . n 
A 1 19 C 19 21 21 C C A . n 
A 1 20 G 20 22 22 G G A . n 
A 1 21 C 21 23 23 C C A . n 
B 1 1  G 1  26 26 G G B . n 
B 1 2  C 2  27 27 C C B . n 
B 1 3  G 3  28 28 G G B . n 
B 1 4  U 4  29 29 U U B . n 
B 1 5  C 5  30 30 C C B . n 
B 1 6  A 6  31 31 A A B . n 
B 1 7  C 7  32 32 C C B . n 
B 1 8  A 8  33 33 A A B . n 
B 1 9  C 9  34 34 C C B . n 
B 1 10 C 10 35 35 C C B . n 
B 1 11 G 11 36 36 G G B . n 
B 1 12 G 12 37 37 G G B . n 
B 1 13 U 13 38 38 U U B . n 
B 1 14 G 14 39 39 G G B . n 
B 1 15 A 15 40 40 A A B . n 
B 1 16 A 16 41 41 A A B . n 
B 1 17 G 17 42 42 G G B . n 
B 1 18 U 18 43 43 U U B . n 
B 1 19 C 19 44 44 C C B . n 
B 1 20 G 20 45 45 G G B . n 
B 1 21 C 21 46 46 C C B . n 
# 
loop_
_pdbx_nonpoly_scheme.asym_id 
_pdbx_nonpoly_scheme.entity_id 
_pdbx_nonpoly_scheme.mon_id 
_pdbx_nonpoly_scheme.ndb_seq_num 
_pdbx_nonpoly_scheme.pdb_seq_num 
_pdbx_nonpoly_scheme.auth_seq_num 
_pdbx_nonpoly_scheme.pdb_mon_id 
_pdbx_nonpoly_scheme.auth_mon_id 
_pdbx_nonpoly_scheme.pdb_strand_id 
_pdbx_nonpoly_scheme.pdb_ins_code 
C 2 SIS 1 101 52 SIS SIS A . 
D 2 SIS 1 101 51 SIS SIS B . 
E 3 HOH 1 201 1  HOH HOH A . 
E 3 HOH 2 202 3  HOH HOH A . 
F 3 HOH 1 201 2  HOH HOH B . 
# 
loop_
_software.name 
_software.classification 
_software.version 
_software.citation_id 
_software.pdbx_ordinal 
ADSC         'data collection' Quantum ? 1 
PHENIX       'model building'  .       ? 2 
CNS          refinement        1.3     ? 3 
CrystalClear 'data reduction'  .       ? 4 
CrystalClear 'data scaling'    .       ? 5 
PHENIX       phasing           .       ? 6 
# 
_cell.entry_id           4F8V 
_cell.length_a           31.650 
_cell.length_b           107.650 
_cell.length_c           48.860 
_cell.angle_alpha        90.00 
_cell.angle_beta         90.00 
_cell.angle_gamma        90.00 
_cell.Z_PDB              8 
_cell.pdbx_unique_axis   ? 
_cell.length_a_esd       ? 
_cell.length_b_esd       ? 
_cell.length_c_esd       ? 
_cell.angle_alpha_esd    ? 
_cell.angle_beta_esd     ? 
_cell.angle_gamma_esd    ? 
# 
_symmetry.entry_id                         4F8V 
_symmetry.space_group_name_H-M             'P 21 21 2' 
_symmetry.pdbx_full_space_group_name_H-M   ? 
_symmetry.cell_setting                     ? 
_symmetry.Int_Tables_number                18 
_symmetry.space_group_name_Hall            ? 
# 
_exptl.entry_id          4F8V 
_exptl.method            'X-RAY DIFFRACTION' 
_exptl.crystals_number   1 
# 
_exptl_crystal.id                    1 
_exptl_crystal.density_meas          ? 
_exptl_crystal.density_Matthews      3.09 
_exptl_crystal.density_percent_sol   60.14 
_exptl_crystal.description           ? 
_exptl_crystal.F_000                 ? 
_exptl_crystal.preparation           ? 
# 
_exptl_crystal_grow.crystal_id      1 
_exptl_crystal_grow.method          'VAPOR DIFFUSION, HANGING DROP' 
_exptl_crystal_grow.temp            303 
_exptl_crystal_grow.temp_details    ? 
_exptl_crystal_grow.pH              7 
_exptl_crystal_grow.pdbx_details    'Na Cacodylate, Spermine, NaCl, MPD , pH 7, VAPOR DIFFUSION, HANGING DROP, temperature 303K' 
_exptl_crystal_grow.pdbx_pH_range   ? 
# 
_diffrn.id                     1 
_diffrn.ambient_temp           100 
_diffrn.ambient_temp_details   ? 
_diffrn.crystal_id             1 
# 
_diffrn_detector.diffrn_id              1 
_diffrn_detector.detector               CCD 
_diffrn_detector.type                   'ADSC QUANTUM 315r' 
_diffrn_detector.pdbx_collection_date   2011-07-13 
_diffrn_detector.details                ? 
# 
_diffrn_radiation.diffrn_id                        1 
_diffrn_radiation.wavelength_id                    1 
_diffrn_radiation.pdbx_monochromatic_or_laue_m_l   M 
_diffrn_radiation.monochromator                    ? 
_diffrn_radiation.pdbx_diffrn_protocol             'SINGLE WAVELENGTH' 
_diffrn_radiation.pdbx_scattering_type             x-ray 
# 
_diffrn_radiation_wavelength.id           1 
_diffrn_radiation_wavelength.wavelength   1.0 
_diffrn_radiation_wavelength.wt           1.0 
# 
_diffrn_source.diffrn_id                   1 
_diffrn_source.source                      SYNCHROTRON 
_diffrn_source.type                        'SPRING-8 BEAMLINE BL38B1' 
_diffrn_source.pdbx_synchrotron_site       SPring-8 
_diffrn_source.pdbx_synchrotron_beamline   BL38B1 
_diffrn_source.pdbx_wavelength             ? 
_diffrn_source.pdbx_wavelength_list        1.0 
# 
_reflns.entry_id                     4F8V 
_reflns.observed_criterion_sigma_I   ? 
_reflns.observed_criterion_sigma_F   ? 
_reflns.d_resolution_low             44.5 
_reflns.d_resolution_high            2.8 
_reflns.number_obs                   4352 
_reflns.number_all                   ? 
_reflns.percent_possible_obs         ? 
_reflns.pdbx_Rmerge_I_obs            ? 
_reflns.pdbx_Rsym_value              ? 
_reflns.pdbx_netI_over_sigmaI        ? 
_reflns.B_iso_Wilson_estimate        ? 
_reflns.pdbx_redundancy              ? 
_reflns.R_free_details               ? 
_reflns.limit_h_max                  ? 
_reflns.limit_h_min                  ? 
_reflns.limit_k_max                  ? 
_reflns.limit_k_min                  ? 
_reflns.limit_l_max                  ? 
_reflns.limit_l_min                  ? 
_reflns.observed_criterion_F_max     ? 
_reflns.observed_criterion_F_min     ? 
_reflns.pdbx_chi_squared             ? 
_reflns.pdbx_scaling_rejects         ? 
_reflns.pdbx_ordinal                 1 
_reflns.pdbx_diffrn_id               1 
# 
_refine.entry_id                                 4F8V 
_refine.ls_number_reflns_obs                     4352 
_refine.ls_number_reflns_all                     ? 
_refine.pdbx_ls_sigma_I                          ? 
_refine.pdbx_ls_sigma_F                          ? 
_refine.pdbx_data_cutoff_high_absF               ? 
_refine.pdbx_data_cutoff_low_absF                ? 
_refine.pdbx_data_cutoff_high_rms_absF           ? 
_refine.ls_d_res_low                             44.5 
_refine.ls_d_res_high                            2.8 
_refine.ls_percent_reflns_obs                    97.1000 
_refine.ls_R_factor_obs                          ? 
_refine.ls_R_factor_all                          ? 
_refine.ls_R_factor_R_work                       0.226 
_refine.ls_R_factor_R_free                       0.265 
_refine.ls_R_factor_R_free_error                 ? 
_refine.ls_R_factor_R_free_error_details         ? 
_refine.ls_percent_reflns_R_free                 10.1000 
_refine.ls_number_reflns_R_free                  ? 
_refine.ls_number_parameters                     ? 
_refine.ls_number_restraints                     ? 
_refine.correlation_coeff_Fo_to_Fc               ? 
_refine.correlation_coeff_Fo_to_Fc_free          ? 
_refine.B_iso_mean                               100.2348 
_refine.solvent_model_param_bsol                 68.0444 
_refine.solvent_model_param_ksol                 ? 
_refine.pdbx_isotropic_thermal_model             ? 
_refine.aniso_B[1][1]                            -12.7420 
_refine.aniso_B[2][2]                            41.0710 
_refine.aniso_B[3][3]                            -28.3300 
_refine.aniso_B[1][2]                            0.0000 
_refine.aniso_B[1][3]                            0.0000 
_refine.aniso_B[2][3]                            0.0000 
_refine.pdbx_solvent_vdw_probe_radii             ? 
_refine.pdbx_solvent_ion_probe_radii             ? 
_refine.pdbx_solvent_shrinkage_radii             ? 
_refine.pdbx_ls_cross_valid_method               ? 
_refine.details                                  ? 
_refine.pdbx_starting_model                      ? 
_refine.pdbx_method_to_determine_struct          'MOLECULAR REPLACEMENT' 
_refine.pdbx_stereochemistry_target_values       ? 
_refine.pdbx_stereochem_target_val_spec_case     ? 
_refine.pdbx_R_Free_selection_details            ? 
_refine.pdbx_overall_ESU_R                       ? 
_refine.pdbx_overall_ESU_R_Free                  ? 
_refine.overall_SU_ML                            ? 
_refine.B_iso_max                                140.760 
_refine.B_iso_min                                64.140 
_refine.pdbx_overall_phase_error                 ? 
_refine.occupancy_max                            1.000 
_refine.occupancy_min                            1.000 
_refine.ls_redundancy_reflns_obs                 ? 
_refine.solvent_model_details                    ? 
_refine.overall_SU_B                             ? 
_refine.overall_SU_R_Cruickshank_DPI             ? 
_refine.overall_SU_R_free                        ? 
_refine.ls_wR_factor_R_free                      ? 
_refine.ls_wR_factor_R_work                      ? 
_refine.overall_FOM_free_R_set                   ? 
_refine.overall_FOM_work_R_set                   ? 
_refine.pdbx_diffrn_id                           1 
_refine.pdbx_refine_id                           'X-RAY DIFFRACTION' 
_refine.pdbx_TLS_residual_ADP_flag               ? 
_refine.pdbx_overall_SU_R_free_Cruickshank_DPI   ? 
_refine.pdbx_overall_SU_R_Blow_DPI               ? 
_refine.pdbx_overall_SU_R_free_Blow_DPI          ? 
# 
_refine_hist.pdbx_refine_id                   'X-RAY DIFFRACTION' 
_refine_hist.cycle_id                         LAST 
_refine_hist.pdbx_number_atoms_protein        0 
_refine_hist.pdbx_number_atoms_nucleic_acid   900 
_refine_hist.pdbx_number_atoms_ligand         62 
_refine_hist.number_atoms_solvent             3 
_refine_hist.number_atoms_total               965 
_refine_hist.d_res_high                       2.8 
_refine_hist.d_res_low                        44.5 
# 
loop_
_refine_ls_restr.pdbx_refine_id 
_refine_ls_restr.type 
_refine_ls_restr.number 
_refine_ls_restr.dev_ideal 
_refine_ls_restr.dev_ideal_target 
_refine_ls_restr.weight 
_refine_ls_restr.pdbx_restraint_function 
'X-RAY DIFFRACTION' c_bond_d     ? 0.006 ?     ? ? 
'X-RAY DIFFRACTION' c_angle_d    ? 1.025 ?     ? ? 
'X-RAY DIFFRACTION' c_mcbond_it  ? 0.000 1.500 ? ? 
'X-RAY DIFFRACTION' c_scbond_it  ? 1.490 2.000 ? ? 
'X-RAY DIFFRACTION' c_mcangle_it ? 0.000 2.000 ? ? 
'X-RAY DIFFRACTION' c_scangle_it ? 2.368 2.500 ? ? 
# 
loop_
_refine_ls_shell.d_res_high 
_refine_ls_shell.d_res_low 
_refine_ls_shell.pdbx_total_number_of_bins_used 
_refine_ls_shell.percent_reflns_obs 
_refine_ls_shell.number_reflns_R_work 
_refine_ls_shell.R_factor_all 
_refine_ls_shell.R_factor_R_work 
_refine_ls_shell.R_factor_R_free 
_refine_ls_shell.percent_reflns_R_free 
_refine_ls_shell.number_reflns_R_free 
_refine_ls_shell.R_factor_R_free_error 
_refine_ls_shell.number_reflns_all 
_refine_ls_shell.number_reflns_obs 
_refine_ls_shell.pdbx_refine_id 
_refine_ls_shell.redundancy_reflns_obs 
2.8000 2.9000   10 99.8000  400 . 0.5432 0.5668 . 47 . 447 . 'X-RAY DIFFRACTION' . 
2.9000 3.0200   10 100.0000 366 . 0.4957 0.5097 . 51 . 417 . 'X-RAY DIFFRACTION' . 
3.0200 3.1500   10 100.0000 392 . 0.3835 0.4066 . 48 . 440 . 'X-RAY DIFFRACTION' . 
3.1500 3.3200   10 97.7000  371 . 0.2791 0.2818 . 50 . 421 . 'X-RAY DIFFRACTION' . 
3.3200 3.5300   10 99.3000  405 . 0.2707 0.3474 . 39 . 444 . 'X-RAY DIFFRACTION' . 
3.5300 3.8000   10 96.3000  378 . 0.2385 0.2728 . 43 . 421 . 'X-RAY DIFFRACTION' . 
3.8000 4.1800   10 95.0000  374 . 0.2456 0.2465 . 48 . 422 . 'X-RAY DIFFRACTION' . 
4.1800 4.7900   10 97.5000  398 . 0.1956 0.2507 . 34 . 432 . 'X-RAY DIFFRACTION' . 
4.7900 6.0300   10 95.1000  397 . 0.1678 0.2188 . 48 . 445 . 'X-RAY DIFFRACTION' . 
6.0300 100.0000 10 91.6000  417 . 0.1803 0.2089 . 43 . 460 . 'X-RAY DIFFRACTION' . 
# 
loop_
_pdbx_xplor_file.pdbx_refine_id 
_pdbx_xplor_file.serial_no 
_pdbx_xplor_file.param_file 
_pdbx_xplor_file.topol_file 
'X-RAY DIFFRACTION' 1 sis_xplor.param ? 
'X-RAY DIFFRACTION' 2 dna-rna.param   ? 
'X-RAY DIFFRACTION' 3 water_rep.param ? 
'X-RAY DIFFRACTION' 4 ion.param       ? 
# 
_struct.entry_id                  4F8V 
_struct.title                     
'Crystal structure of the bacterial ribosomal decoding site in complex with sisomicin (P21212 form)' 
_struct.pdbx_model_details        ? 
_struct.pdbx_CASP_flag            ? 
_struct.pdbx_model_type_details   ? 
# 
_struct_keywords.entry_id        4F8V 
_struct_keywords.pdbx_keywords   RNA/ANTIBIOTIC 
_struct_keywords.text            'decording, ribosome, RNA-ANTIBIOTIC complex' 
# 
loop_
_struct_asym.id 
_struct_asym.pdbx_blank_PDB_chainid_flag 
_struct_asym.pdbx_modified 
_struct_asym.entity_id 
_struct_asym.details 
A N N 1 ? 
B N N 1 ? 
C N N 2 ? 
D N N 2 ? 
E N N 3 ? 
F N N 3 ? 
# 
_struct_ref.id                         1 
_struct_ref.db_name                    PDB 
_struct_ref.db_code                    4F8V 
_struct_ref.pdbx_db_accession          4F8V 
_struct_ref.entity_id                  1 
_struct_ref.pdbx_align_begin           ? 
_struct_ref.pdbx_seq_one_letter_code   ? 
_struct_ref.pdbx_db_isoform            ? 
# 
loop_
_struct_ref_seq.align_id 
_struct_ref_seq.ref_id 
_struct_ref_seq.pdbx_PDB_id_code 
_struct_ref_seq.pdbx_strand_id 
_struct_ref_seq.seq_align_beg 
_struct_ref_seq.pdbx_seq_align_beg_ins_code 
_struct_ref_seq.seq_align_end 
_struct_ref_seq.pdbx_seq_align_end_ins_code 
_struct_ref_seq.pdbx_db_accession 
_struct_ref_seq.db_align_beg 
_struct_ref_seq.pdbx_db_align_beg_ins_code 
_struct_ref_seq.db_align_end 
_struct_ref_seq.pdbx_db_align_end_ins_code 
_struct_ref_seq.pdbx_auth_seq_align_beg 
_struct_ref_seq.pdbx_auth_seq_align_end 
1 1 4F8V A 1 ? 21 ? 4F8V 3  ? 23 ? 3  23 
2 1 4F8V B 1 ? 21 ? 4F8V 26 ? 46 ? 26 46 
# 
_pdbx_struct_assembly.id                   1 
_pdbx_struct_assembly.details              author_and_software_defined_assembly 
_pdbx_struct_assembly.method_details       PISA 
_pdbx_struct_assembly.oligomeric_details   dimeric 
_pdbx_struct_assembly.oligomeric_count     2 
# 
loop_
_pdbx_struct_assembly_prop.biol_id 
_pdbx_struct_assembly_prop.type 
_pdbx_struct_assembly_prop.value 
_pdbx_struct_assembly_prop.details 
1 'ABSA (A^2)' 2510 ? 
1 MORE         -16  ? 
1 'SSA (A^2)'  8060 ? 
# 
_pdbx_struct_assembly_gen.assembly_id       1 
_pdbx_struct_assembly_gen.oper_expression   1 
_pdbx_struct_assembly_gen.asym_id_list      A,B,C,D,E,F 
# 
_pdbx_struct_oper_list.id                   1 
_pdbx_struct_oper_list.type                 'identity operation' 
_pdbx_struct_oper_list.name                 1_555 
_pdbx_struct_oper_list.symmetry_operation   x,y,z 
_pdbx_struct_oper_list.matrix[1][1]         1.0000000000 
_pdbx_struct_oper_list.matrix[1][2]         0.0000000000 
_pdbx_struct_oper_list.matrix[1][3]         0.0000000000 
_pdbx_struct_oper_list.vector[1]            0.0000000000 
_pdbx_struct_oper_list.matrix[2][1]         0.0000000000 
_pdbx_struct_oper_list.matrix[2][2]         1.0000000000 
_pdbx_struct_oper_list.matrix[2][3]         0.0000000000 
_pdbx_struct_oper_list.vector[2]            0.0000000000 
_pdbx_struct_oper_list.matrix[3][1]         0.0000000000 
_pdbx_struct_oper_list.matrix[3][2]         0.0000000000 
_pdbx_struct_oper_list.matrix[3][3]         1.0000000000 
_pdbx_struct_oper_list.vector[3]            0.0000000000 
# 
_struct_biol.id        1 
_struct_biol.details   ? 
# 
loop_
_struct_conn.id 
_struct_conn.conn_type_id 
_struct_conn.pdbx_leaving_atom_flag 
_struct_conn.pdbx_PDB_id 
_struct_conn.ptnr1_label_asym_id 
_struct_conn.ptnr1_label_comp_id 
_struct_conn.ptnr1_label_seq_id 
_struct_conn.ptnr1_label_atom_id 
_struct_conn.pdbx_ptnr1_label_alt_id 
_struct_conn.pdbx_ptnr1_PDB_ins_code 
_struct_conn.pdbx_ptnr1_standard_comp_id 
_struct_conn.ptnr1_symmetry 
_struct_conn.ptnr2_label_asym_id 
_struct_conn.ptnr2_label_comp_id 
_struct_conn.ptnr2_label_seq_id 
_struct_conn.ptnr2_label_atom_id 
_struct_conn.pdbx_ptnr2_label_alt_id 
_struct_conn.pdbx_ptnr2_PDB_ins_code 
_struct_conn.ptnr1_auth_asym_id 
_struct_conn.ptnr1_auth_comp_id 
_struct_conn.ptnr1_auth_seq_id 
_struct_conn.ptnr2_auth_asym_id 
_struct_conn.ptnr2_auth_comp_id 
_struct_conn.ptnr2_auth_seq_id 
_struct_conn.ptnr2_symmetry 
_struct_conn.pdbx_ptnr3_label_atom_id 
_struct_conn.pdbx_ptnr3_label_seq_id 
_struct_conn.pdbx_ptnr3_label_comp_id 
_struct_conn.pdbx_ptnr3_label_asym_id 
_struct_conn.pdbx_ptnr3_label_alt_id 
_struct_conn.pdbx_ptnr3_PDB_ins_code 
_struct_conn.details 
_struct_conn.pdbx_dist_value 
_struct_conn.pdbx_value_order 
_struct_conn.pdbx_role 
hydrog1  hydrog ? ? A G 1  N1 ? ? ? 1_555 B C 21 N3 ? ? A G 3  B C 46 1_555 ? ? ? ? ? ? WATSON-CRICK  ? ? ? 
hydrog2  hydrog ? ? A G 1  N2 ? ? ? 1_555 B C 21 O2 ? ? A G 3  B C 46 1_555 ? ? ? ? ? ? WATSON-CRICK  ? ? ? 
hydrog3  hydrog ? ? A G 1  O6 ? ? ? 1_555 B C 21 N4 ? ? A G 3  B C 46 1_555 ? ? ? ? ? ? WATSON-CRICK  ? ? ? 
hydrog4  hydrog ? ? A C 2  N3 ? ? ? 1_555 B G 20 N1 ? ? A C 4  B G 45 1_555 ? ? ? ? ? ? WATSON-CRICK  ? ? ? 
hydrog5  hydrog ? ? A C 2  N4 ? ? ? 1_555 B G 20 O6 ? ? A C 4  B G 45 1_555 ? ? ? ? ? ? WATSON-CRICK  ? ? ? 
hydrog6  hydrog ? ? A C 2  O2 ? ? ? 1_555 B G 20 N2 ? ? A C 4  B G 45 1_555 ? ? ? ? ? ? WATSON-CRICK  ? ? ? 
hydrog7  hydrog ? ? A G 3  N1 ? ? ? 1_555 B C 19 N3 ? ? A G 5  B C 44 1_555 ? ? ? ? ? ? WATSON-CRICK  ? ? ? 
hydrog8  hydrog ? ? A G 3  N2 ? ? ? 1_555 B C 19 O2 ? ? A G 5  B C 44 1_555 ? ? ? ? ? ? WATSON-CRICK  ? ? ? 
hydrog9  hydrog ? ? A G 3  O6 ? ? ? 1_555 B C 19 N4 ? ? A G 5  B C 44 1_555 ? ? ? ? ? ? WATSON-CRICK  ? ? ? 
hydrog10 hydrog ? ? A U 4  O4 ? ? ? 1_555 B U 18 N3 ? ? A U 6  B U 43 1_555 ? ? ? ? ? ? 'U-U MISPAIR' ? ? ? 
hydrog11 hydrog ? ? A C 5  N3 ? ? ? 1_555 B G 17 N1 ? ? A C 7  B G 42 1_555 ? ? ? ? ? ? WATSON-CRICK  ? ? ? 
hydrog12 hydrog ? ? A C 5  N4 ? ? ? 1_555 B G 17 O6 ? ? A C 7  B G 42 1_555 ? ? ? ? ? ? WATSON-CRICK  ? ? ? 
hydrog13 hydrog ? ? A C 5  O2 ? ? ? 1_555 B G 17 N2 ? ? A C 7  B G 42 1_555 ? ? ? ? ? ? WATSON-CRICK  ? ? ? 
hydrog14 hydrog ? ? A C 7  N3 ? ? ? 1_555 B G 14 N1 ? ? A C 9  B G 39 1_555 ? ? ? ? ? ? WATSON-CRICK  ? ? ? 
hydrog15 hydrog ? ? A C 7  N4 ? ? ? 1_555 B G 14 O6 ? ? A C 9  B G 39 1_555 ? ? ? ? ? ? WATSON-CRICK  ? ? ? 
hydrog16 hydrog ? ? A C 7  O2 ? ? ? 1_555 B G 14 N2 ? ? A C 9  B G 39 1_555 ? ? ? ? ? ? WATSON-CRICK  ? ? ? 
hydrog17 hydrog ? ? A A 8  N1 ? ? ? 1_555 B U 13 N3 ? ? A A 10 B U 38 1_555 ? ? ? ? ? ? WATSON-CRICK  ? ? ? 
hydrog18 hydrog ? ? A A 8  N6 ? ? ? 1_555 B U 13 O4 ? ? A A 10 B U 38 1_555 ? ? ? ? ? ? WATSON-CRICK  ? ? ? 
hydrog19 hydrog ? ? A C 9  N3 ? ? ? 1_555 B G 12 N1 ? ? A C 11 B G 37 1_555 ? ? ? ? ? ? WATSON-CRICK  ? ? ? 
hydrog20 hydrog ? ? A C 9  N4 ? ? ? 1_555 B G 12 O6 ? ? A C 11 B G 37 1_555 ? ? ? ? ? ? WATSON-CRICK  ? ? ? 
hydrog21 hydrog ? ? A C 9  O2 ? ? ? 1_555 B G 12 N2 ? ? A C 11 B G 37 1_555 ? ? ? ? ? ? WATSON-CRICK  ? ? ? 
hydrog22 hydrog ? ? A C 10 N3 ? ? ? 1_555 B G 11 N1 ? ? A C 12 B G 36 1_555 ? ? ? ? ? ? WATSON-CRICK  ? ? ? 
hydrog23 hydrog ? ? A C 10 N4 ? ? ? 1_555 B G 11 O6 ? ? A C 12 B G 36 1_555 ? ? ? ? ? ? WATSON-CRICK  ? ? ? 
hydrog24 hydrog ? ? A C 10 O2 ? ? ? 1_555 B G 11 N2 ? ? A C 12 B G 36 1_555 ? ? ? ? ? ? WATSON-CRICK  ? ? ? 
hydrog25 hydrog ? ? A G 11 N1 ? ? ? 1_555 B C 10 N3 ? ? A G 13 B C 35 1_555 ? ? ? ? ? ? WATSON-CRICK  ? ? ? 
hydrog26 hydrog ? ? A G 11 N2 ? ? ? 1_555 B C 10 O2 ? ? A G 13 B C 35 1_555 ? ? ? ? ? ? WATSON-CRICK  ? ? ? 
hydrog27 hydrog ? ? A G 11 O6 ? ? ? 1_555 B C 10 N4 ? ? A G 13 B C 35 1_555 ? ? ? ? ? ? WATSON-CRICK  ? ? ? 
hydrog28 hydrog ? ? A G 12 N1 ? ? ? 1_555 B C 9  N3 ? ? A G 14 B C 34 1_555 ? ? ? ? ? ? WATSON-CRICK  ? ? ? 
hydrog29 hydrog ? ? A G 12 N2 ? ? ? 1_555 B C 9  O2 ? ? A G 14 B C 34 1_555 ? ? ? ? ? ? WATSON-CRICK  ? ? ? 
hydrog30 hydrog ? ? A G 12 O6 ? ? ? 1_555 B C 9  N4 ? ? A G 14 B C 34 1_555 ? ? ? ? ? ? WATSON-CRICK  ? ? ? 
hydrog31 hydrog ? ? A U 13 N3 ? ? ? 1_555 B A 8  N1 ? ? A U 15 B A 33 1_555 ? ? ? ? ? ? WATSON-CRICK  ? ? ? 
hydrog32 hydrog ? ? A U 13 O4 ? ? ? 1_555 B A 8  N6 ? ? A U 15 B A 33 1_555 ? ? ? ? ? ? WATSON-CRICK  ? ? ? 
hydrog33 hydrog ? ? A G 14 N1 ? ? ? 1_555 B C 7  N3 ? ? A G 16 B C 32 1_555 ? ? ? ? ? ? WATSON-CRICK  ? ? ? 
hydrog34 hydrog ? ? A G 14 N2 ? ? ? 1_555 B C 7  O2 ? ? A G 16 B C 32 1_555 ? ? ? ? ? ? WATSON-CRICK  ? ? ? 
hydrog35 hydrog ? ? A G 14 O6 ? ? ? 1_555 B C 7  N4 ? ? A G 16 B C 32 1_555 ? ? ? ? ? ? WATSON-CRICK  ? ? ? 
hydrog36 hydrog ? ? A G 17 N1 ? ? ? 1_555 B C 5  N3 ? ? A G 19 B C 30 1_555 ? ? ? ? ? ? WATSON-CRICK  ? ? ? 
hydrog37 hydrog ? ? A G 17 N2 ? ? ? 1_555 B C 5  O2 ? ? A G 19 B C 30 1_555 ? ? ? ? ? ? WATSON-CRICK  ? ? ? 
hydrog38 hydrog ? ? A G 17 O6 ? ? ? 1_555 B C 5  N4 ? ? A G 19 B C 30 1_555 ? ? ? ? ? ? WATSON-CRICK  ? ? ? 
hydrog39 hydrog ? ? A C 19 N3 ? ? ? 1_555 B G 3  N1 ? ? A C 21 B G 28 1_555 ? ? ? ? ? ? WATSON-CRICK  ? ? ? 
hydrog40 hydrog ? ? A C 19 N4 ? ? ? 1_555 B G 3  O6 ? ? A C 21 B G 28 1_555 ? ? ? ? ? ? WATSON-CRICK  ? ? ? 
hydrog41 hydrog ? ? A C 19 O2 ? ? ? 1_555 B G 3  N2 ? ? A C 21 B G 28 1_555 ? ? ? ? ? ? WATSON-CRICK  ? ? ? 
hydrog42 hydrog ? ? A G 20 N1 ? ? ? 1_555 B C 2  N3 ? ? A G 22 B C 27 1_555 ? ? ? ? ? ? WATSON-CRICK  ? ? ? 
hydrog43 hydrog ? ? A G 20 N2 ? ? ? 1_555 B C 2  O2 ? ? A G 22 B C 27 1_555 ? ? ? ? ? ? WATSON-CRICK  ? ? ? 
hydrog44 hydrog ? ? A G 20 O6 ? ? ? 1_555 B C 2  N4 ? ? A G 22 B C 27 1_555 ? ? ? ? ? ? WATSON-CRICK  ? ? ? 
hydrog45 hydrog ? ? A C 21 O2 ? ? ? 1_555 B G 1  N2 ? ? A C 23 B G 26 1_555 ? ? ? ? ? ? 'C-G PAIR'    ? ? ? 
# 
_struct_conn_type.id          hydrog 
_struct_conn_type.criteria    ? 
_struct_conn_type.reference   ? 
# 
loop_
_struct_site.id 
_struct_site.pdbx_evidence_code 
_struct_site.pdbx_auth_asym_id 
_struct_site.pdbx_auth_comp_id 
_struct_site.pdbx_auth_seq_id 
_struct_site.pdbx_auth_ins_code 
_struct_site.pdbx_num_residues 
_struct_site.details 
AC1 Software A SIS 101 ? 9  'BINDING SITE FOR RESIDUE SIS A 101' 
AC2 Software B SIS 101 ? 10 'BINDING SITE FOR RESIDUE SIS B 101' 
1   ?        ? ?   ?   ? ?  ?                                    
# 
loop_
_struct_site_gen.id 
_struct_site_gen.site_id 
_struct_site_gen.pdbx_num_res 
_struct_site_gen.label_comp_id 
_struct_site_gen.label_asym_id 
_struct_site_gen.label_seq_id 
_struct_site_gen.pdbx_auth_ins_code 
_struct_site_gen.auth_comp_id 
_struct_site_gen.auth_asym_id 
_struct_site_gen.auth_seq_id 
_struct_site_gen.label_atom_id 
_struct_site_gen.label_alt_id 
_struct_site_gen.symmetry 
_struct_site_gen.details 
1  AC1 9  C A 2  ? C A 4  . ? 1_555 ? 
2  AC1 9  G A 3  ? G A 5  . ? 1_555 ? 
3  AC1 9  U A 4  ? U A 6  . ? 1_555 ? 
4  AC1 9  C A 5  ? C A 7  . ? 1_555 ? 
5  AC1 9  A A 6  ? A A 8  . ? 1_555 ? 
6  AC1 9  G B 14 ? G B 39 . ? 1_555 ? 
7  AC1 9  A B 16 ? A B 41 . ? 1_555 ? 
8  AC1 9  G B 17 ? G B 42 . ? 1_555 ? 
9  AC1 9  U B 18 ? U B 43 . ? 1_555 ? 
10 AC2 10 G A 14 ? G A 16 . ? 1_555 ? 
11 AC2 10 A A 16 ? A A 18 . ? 1_555 ? 
12 AC2 10 G A 17 ? G A 19 . ? 1_555 ? 
13 AC2 10 U A 18 ? U A 20 . ? 1_555 ? 
14 AC2 10 C B 2  ? C B 27 . ? 1_555 ? 
15 AC2 10 G B 3  ? G B 28 . ? 1_555 ? 
16 AC2 10 U B 4  ? U B 29 . ? 1_555 ? 
17 AC2 10 C B 5  ? C B 30 . ? 1_555 ? 
18 AC2 10 A B 6  ? A B 31 . ? 1_555 ? 
19 AC2 10 C B 7  ? C B 32 . ? 1_555 ? 
# 
loop_
_pdbx_validate_rmsd_bond.id 
_pdbx_validate_rmsd_bond.PDB_model_num 
_pdbx_validate_rmsd_bond.auth_atom_id_1 
_pdbx_validate_rmsd_bond.auth_asym_id_1 
_pdbx_validate_rmsd_bond.auth_comp_id_1 
_pdbx_validate_rmsd_bond.auth_seq_id_1 
_pdbx_validate_rmsd_bond.PDB_ins_code_1 
_pdbx_validate_rmsd_bond.label_alt_id_1 
_pdbx_validate_rmsd_bond.auth_atom_id_2 
_pdbx_validate_rmsd_bond.auth_asym_id_2 
_pdbx_validate_rmsd_bond.auth_comp_id_2 
_pdbx_validate_rmsd_bond.auth_seq_id_2 
_pdbx_validate_rmsd_bond.PDB_ins_code_2 
_pdbx_validate_rmsd_bond.label_alt_id_2 
_pdbx_validate_rmsd_bond.bond_value 
_pdbx_validate_rmsd_bond.bond_target_value 
_pdbx_validate_rmsd_bond.bond_deviation 
_pdbx_validate_rmsd_bond.bond_standard_deviation 
_pdbx_validate_rmsd_bond.linker_flag 
1 1 P A G 3  ? ? OP3 A G 3  ? ? 1.519 1.607 -0.088 0.012 N 
2 1 P B G 26 ? ? OP3 B G 26 ? ? 1.525 1.607 -0.082 0.012 N 
# 
_struct_site_keywords.site_id   1 
_struct_site_keywords.text      'MAJOR GROOVE BINDER' 
# 
loop_
_chem_comp_atom.comp_id 
_chem_comp_atom.atom_id 
_chem_comp_atom.type_symbol 
_chem_comp_atom.pdbx_aromatic_flag 
_chem_comp_atom.pdbx_stereo_config 
_chem_comp_atom.pdbx_ordinal 
A   OP3    O N N 1   
A   P      P N N 2   
A   OP1    O N N 3   
A   OP2    O N N 4   
A   "O5'"  O N N 5   
A   "C5'"  C N N 6   
A   "C4'"  C N R 7   
A   "O4'"  O N N 8   
A   "C3'"  C N S 9   
A   "O3'"  O N N 10  
A   "C2'"  C N R 11  
A   "O2'"  O N N 12  
A   "C1'"  C N R 13  
A   N9     N Y N 14  
A   C8     C Y N 15  
A   N7     N Y N 16  
A   C5     C Y N 17  
A   C6     C Y N 18  
A   N6     N N N 19  
A   N1     N Y N 20  
A   C2     C Y N 21  
A   N3     N Y N 22  
A   C4     C Y N 23  
A   HOP3   H N N 24  
A   HOP2   H N N 25  
A   "H5'"  H N N 26  
A   "H5''" H N N 27  
A   "H4'"  H N N 28  
A   "H3'"  H N N 29  
A   "HO3'" H N N 30  
A   "H2'"  H N N 31  
A   "HO2'" H N N 32  
A   "H1'"  H N N 33  
A   H8     H N N 34  
A   H61    H N N 35  
A   H62    H N N 36  
A   H2     H N N 37  
C   OP3    O N N 38  
C   P      P N N 39  
C   OP1    O N N 40  
C   OP2    O N N 41  
C   "O5'"  O N N 42  
C   "C5'"  C N N 43  
C   "C4'"  C N R 44  
C   "O4'"  O N N 45  
C   "C3'"  C N S 46  
C   "O3'"  O N N 47  
C   "C2'"  C N R 48  
C   "O2'"  O N N 49  
C   "C1'"  C N R 50  
C   N1     N N N 51  
C   C2     C N N 52  
C   O2     O N N 53  
C   N3     N N N 54  
C   C4     C N N 55  
C   N4     N N N 56  
C   C5     C N N 57  
C   C6     C N N 58  
C   HOP3   H N N 59  
C   HOP2   H N N 60  
C   "H5'"  H N N 61  
C   "H5''" H N N 62  
C   "H4'"  H N N 63  
C   "H3'"  H N N 64  
C   "HO3'" H N N 65  
C   "H2'"  H N N 66  
C   "HO2'" H N N 67  
C   "H1'"  H N N 68  
C   H41    H N N 69  
C   H42    H N N 70  
C   H5     H N N 71  
C   H6     H N N 72  
G   OP3    O N N 73  
G   P      P N N 74  
G   OP1    O N N 75  
G   OP2    O N N 76  
G   "O5'"  O N N 77  
G   "C5'"  C N N 78  
G   "C4'"  C N R 79  
G   "O4'"  O N N 80  
G   "C3'"  C N S 81  
G   "O3'"  O N N 82  
G   "C2'"  C N R 83  
G   "O2'"  O N N 84  
G   "C1'"  C N R 85  
G   N9     N Y N 86  
G   C8     C Y N 87  
G   N7     N Y N 88  
G   C5     C Y N 89  
G   C6     C N N 90  
G   O6     O N N 91  
G   N1     N N N 92  
G   C2     C N N 93  
G   N2     N N N 94  
G   N3     N N N 95  
G   C4     C Y N 96  
G   HOP3   H N N 97  
G   HOP2   H N N 98  
G   "H5'"  H N N 99  
G   "H5''" H N N 100 
G   "H4'"  H N N 101 
G   "H3'"  H N N 102 
G   "HO3'" H N N 103 
G   "H2'"  H N N 104 
G   "HO2'" H N N 105 
G   "H1'"  H N N 106 
G   H8     H N N 107 
G   H1     H N N 108 
G   H21    H N N 109 
G   H22    H N N 110 
HOH O      O N N 111 
HOH H1     H N N 112 
HOH H2     H N N 113 
SIS C11    C N S 114 
SIS C12    C N R 115 
SIS C13    C N R 116 
SIS C21    C N R 117 
SIS C22    C N N 118 
SIS C23    C N R 119 
SIS C31    C N N 120 
SIS C32    C N S 121 
SIS C33    C N R 122 
SIS C41    C N N 123 
SIS C42    C N R 124 
SIS C43    C N R 125 
SIS C51    C N N 126 
SIS C52    C N S 127 
SIS C53    C N N 128 
SIS C61    C N N 129 
SIS C62    C N S 130 
SIS C83    C N N 131 
SIS C93    C N N 132 
SIS N12    N N N 133 
SIS N21    N N N 134 
SIS N32    N N N 135 
SIS N33    N N N 136 
SIS N61    N N N 137 
SIS O11    O N N 138 
SIS O23    O N N 139 
SIS O43    O N N 140 
SIS O51    O N N 141 
SIS O52    O N N 142 
SIS O53    O N N 143 
SIS O62    O N N 144 
SIS H1     H N N 145 
SIS H2     H N N 146 
SIS H3     H N N 147 
SIS H4     H N N 148 
SIS H5     H N N 149 
SIS H6     H N N 150 
SIS H7     H N N 151 
SIS H8     H N N 152 
SIS H9     H N N 153 
SIS H10    H N N 154 
SIS H11    H N N 155 
SIS H12    H N N 156 
SIS H13    H N N 157 
SIS H14    H N N 158 
SIS H15    H N N 159 
SIS H16    H N N 160 
SIS H17    H N N 161 
SIS H18    H N N 162 
SIS H19    H N N 163 
SIS H20    H N N 164 
SIS H21    H N N 165 
SIS H22    H N N 166 
SIS H23    H N N 167 
SIS H24    H N N 168 
SIS H25    H N N 169 
SIS H26    H N N 170 
SIS H27    H N N 171 
SIS H29    H N N 172 
SIS H30    H N N 173 
SIS H32    H N N 174 
SIS H33    H N N 175 
SIS H35    H N N 176 
SIS H37    H N N 177 
SIS H38    H N N 178 
SIS H40    H N N 179 
SIS H41    H N N 180 
SIS H42    H N N 181 
U   OP3    O N N 182 
U   P      P N N 183 
U   OP1    O N N 184 
U   OP2    O N N 185 
U   "O5'"  O N N 186 
U   "C5'"  C N N 187 
U   "C4'"  C N R 188 
U   "O4'"  O N N 189 
U   "C3'"  C N S 190 
U   "O3'"  O N N 191 
U   "C2'"  C N R 192 
U   "O2'"  O N N 193 
U   "C1'"  C N R 194 
U   N1     N N N 195 
U   C2     C N N 196 
U   O2     O N N 197 
U   N3     N N N 198 
U   C4     C N N 199 
U   O4     O N N 200 
U   C5     C N N 201 
U   C6     C N N 202 
U   HOP3   H N N 203 
U   HOP2   H N N 204 
U   "H5'"  H N N 205 
U   "H5''" H N N 206 
U   "H4'"  H N N 207 
U   "H3'"  H N N 208 
U   "HO3'" H N N 209 
U   "H2'"  H N N 210 
U   "HO2'" H N N 211 
U   "H1'"  H N N 212 
U   H3     H N N 213 
U   H5     H N N 214 
U   H6     H N N 215 
# 
loop_
_chem_comp_bond.comp_id 
_chem_comp_bond.atom_id_1 
_chem_comp_bond.atom_id_2 
_chem_comp_bond.value_order 
_chem_comp_bond.pdbx_aromatic_flag 
_chem_comp_bond.pdbx_stereo_config 
_chem_comp_bond.pdbx_ordinal 
A   OP3   P      sing N N 1   
A   OP3   HOP3   sing N N 2   
A   P     OP1    doub N N 3   
A   P     OP2    sing N N 4   
A   P     "O5'"  sing N N 5   
A   OP2   HOP2   sing N N 6   
A   "O5'" "C5'"  sing N N 7   
A   "C5'" "C4'"  sing N N 8   
A   "C5'" "H5'"  sing N N 9   
A   "C5'" "H5''" sing N N 10  
A   "C4'" "O4'"  sing N N 11  
A   "C4'" "C3'"  sing N N 12  
A   "C4'" "H4'"  sing N N 13  
A   "O4'" "C1'"  sing N N 14  
A   "C3'" "O3'"  sing N N 15  
A   "C3'" "C2'"  sing N N 16  
A   "C3'" "H3'"  sing N N 17  
A   "O3'" "HO3'" sing N N 18  
A   "C2'" "O2'"  sing N N 19  
A   "C2'" "C1'"  sing N N 20  
A   "C2'" "H2'"  sing N N 21  
A   "O2'" "HO2'" sing N N 22  
A   "C1'" N9     sing N N 23  
A   "C1'" "H1'"  sing N N 24  
A   N9    C8     sing Y N 25  
A   N9    C4     sing Y N 26  
A   C8    N7     doub Y N 27  
A   C8    H8     sing N N 28  
A   N7    C5     sing Y N 29  
A   C5    C6     sing Y N 30  
A   C5    C4     doub Y N 31  
A   C6    N6     sing N N 32  
A   C6    N1     doub Y N 33  
A   N6    H61    sing N N 34  
A   N6    H62    sing N N 35  
A   N1    C2     sing Y N 36  
A   C2    N3     doub Y N 37  
A   C2    H2     sing N N 38  
A   N3    C4     sing Y N 39  
C   OP3   P      sing N N 40  
C   OP3   HOP3   sing N N 41  
C   P     OP1    doub N N 42  
C   P     OP2    sing N N 43  
C   P     "O5'"  sing N N 44  
C   OP2   HOP2   sing N N 45  
C   "O5'" "C5'"  sing N N 46  
C   "C5'" "C4'"  sing N N 47  
C   "C5'" "H5'"  sing N N 48  
C   "C5'" "H5''" sing N N 49  
C   "C4'" "O4'"  sing N N 50  
C   "C4'" "C3'"  sing N N 51  
C   "C4'" "H4'"  sing N N 52  
C   "O4'" "C1'"  sing N N 53  
C   "C3'" "O3'"  sing N N 54  
C   "C3'" "C2'"  sing N N 55  
C   "C3'" "H3'"  sing N N 56  
C   "O3'" "HO3'" sing N N 57  
C   "C2'" "O2'"  sing N N 58  
C   "C2'" "C1'"  sing N N 59  
C   "C2'" "H2'"  sing N N 60  
C   "O2'" "HO2'" sing N N 61  
C   "C1'" N1     sing N N 62  
C   "C1'" "H1'"  sing N N 63  
C   N1    C2     sing N N 64  
C   N1    C6     sing N N 65  
C   C2    O2     doub N N 66  
C   C2    N3     sing N N 67  
C   N3    C4     doub N N 68  
C   C4    N4     sing N N 69  
C   C4    C5     sing N N 70  
C   N4    H41    sing N N 71  
C   N4    H42    sing N N 72  
C   C5    C6     doub N N 73  
C   C5    H5     sing N N 74  
C   C6    H6     sing N N 75  
G   OP3   P      sing N N 76  
G   OP3   HOP3   sing N N 77  
G   P     OP1    doub N N 78  
G   P     OP2    sing N N 79  
G   P     "O5'"  sing N N 80  
G   OP2   HOP2   sing N N 81  
G   "O5'" "C5'"  sing N N 82  
G   "C5'" "C4'"  sing N N 83  
G   "C5'" "H5'"  sing N N 84  
G   "C5'" "H5''" sing N N 85  
G   "C4'" "O4'"  sing N N 86  
G   "C4'" "C3'"  sing N N 87  
G   "C4'" "H4'"  sing N N 88  
G   "O4'" "C1'"  sing N N 89  
G   "C3'" "O3'"  sing N N 90  
G   "C3'" "C2'"  sing N N 91  
G   "C3'" "H3'"  sing N N 92  
G   "O3'" "HO3'" sing N N 93  
G   "C2'" "O2'"  sing N N 94  
G   "C2'" "C1'"  sing N N 95  
G   "C2'" "H2'"  sing N N 96  
G   "O2'" "HO2'" sing N N 97  
G   "C1'" N9     sing N N 98  
G   "C1'" "H1'"  sing N N 99  
G   N9    C8     sing Y N 100 
G   N9    C4     sing Y N 101 
G   C8    N7     doub Y N 102 
G   C8    H8     sing N N 103 
G   N7    C5     sing Y N 104 
G   C5    C6     sing N N 105 
G   C5    C4     doub Y N 106 
G   C6    O6     doub N N 107 
G   C6    N1     sing N N 108 
G   N1    C2     sing N N 109 
G   N1    H1     sing N N 110 
G   C2    N2     sing N N 111 
G   C2    N3     doub N N 112 
G   N2    H21    sing N N 113 
G   N2    H22    sing N N 114 
G   N3    C4     sing N N 115 
HOH O     H1     sing N N 116 
HOH O     H2     sing N N 117 
SIS O43   C43    sing N N 118 
SIS C83   C43    sing N N 119 
SIS C43   C53    sing N N 120 
SIS C43   C33    sing N N 121 
SIS N33   C33    sing N N 122 
SIS N33   C93    sing N N 123 
SIS C53   O53    sing N N 124 
SIS C33   C23    sing N N 125 
SIS O53   C13    sing N N 126 
SIS C23   C13    sing N N 127 
SIS C23   O23    sing N N 128 
SIS C13   O62    sing N N 129 
SIS O62   C62    sing N N 130 
SIS O52   C52    sing N N 131 
SIS C62   C52    sing N N 132 
SIS C62   C12    sing N N 133 
SIS N12   C12    sing N N 134 
SIS C52   C42    sing N N 135 
SIS C12   C22    sing N N 136 
SIS C42   O11    sing N N 137 
SIS C42   C32    sing N N 138 
SIS C22   C32    sing N N 139 
SIS C11   O11    sing N N 140 
SIS C11   O51    sing N N 141 
SIS C11   C21    sing N N 142 
SIS N21   C21    sing N N 143 
SIS O51   C51    sing N N 144 
SIS C32   N32    sing N N 145 
SIS C21   C31    sing N N 146 
SIS C51   C61    sing N N 147 
SIS C51   C41    doub N N 148 
SIS N61   C61    sing N N 149 
SIS C31   C41    sing N N 150 
SIS C11   H1     sing N N 151 
SIS C12   H2     sing N N 152 
SIS C13   H3     sing N N 153 
SIS C21   H4     sing N N 154 
SIS C22   H5     sing N N 155 
SIS C22   H6     sing N N 156 
SIS C23   H7     sing N N 157 
SIS C31   H8     sing N N 158 
SIS C31   H9     sing N N 159 
SIS C32   H10    sing N N 160 
SIS C33   H11    sing N N 161 
SIS C41   H12    sing N N 162 
SIS C42   H13    sing N N 163 
SIS C52   H14    sing N N 164 
SIS C53   H15    sing N N 165 
SIS C53   H16    sing N N 166 
SIS C61   H17    sing N N 167 
SIS C61   H18    sing N N 168 
SIS C62   H19    sing N N 169 
SIS C83   H20    sing N N 170 
SIS C83   H21    sing N N 171 
SIS C83   H22    sing N N 172 
SIS C93   H23    sing N N 173 
SIS C93   H24    sing N N 174 
SIS C93   H25    sing N N 175 
SIS N12   H26    sing N N 176 
SIS N12   H27    sing N N 177 
SIS N21   H29    sing N N 178 
SIS N21   H30    sing N N 179 
SIS N32   H32    sing N N 180 
SIS N32   H33    sing N N 181 
SIS N33   H35    sing N N 182 
SIS N61   H37    sing N N 183 
SIS N61   H38    sing N N 184 
SIS O23   H40    sing N N 185 
SIS O43   H41    sing N N 186 
SIS O52   H42    sing N N 187 
U   OP3   P      sing N N 188 
U   OP3   HOP3   sing N N 189 
U   P     OP1    doub N N 190 
U   P     OP2    sing N N 191 
U   P     "O5'"  sing N N 192 
U   OP2   HOP2   sing N N 193 
U   "O5'" "C5'"  sing N N 194 
U   "C5'" "C4'"  sing N N 195 
U   "C5'" "H5'"  sing N N 196 
U   "C5'" "H5''" sing N N 197 
U   "C4'" "O4'"  sing N N 198 
U   "C4'" "C3'"  sing N N 199 
U   "C4'" "H4'"  sing N N 200 
U   "O4'" "C1'"  sing N N 201 
U   "C3'" "O3'"  sing N N 202 
U   "C3'" "C2'"  sing N N 203 
U   "C3'" "H3'"  sing N N 204 
U   "O3'" "HO3'" sing N N 205 
U   "C2'" "O2'"  sing N N 206 
U   "C2'" "C1'"  sing N N 207 
U   "C2'" "H2'"  sing N N 208 
U   "O2'" "HO2'" sing N N 209 
U   "C1'" N1     sing N N 210 
U   "C1'" "H1'"  sing N N 211 
U   N1    C2     sing N N 212 
U   N1    C6     sing N N 213 
U   C2    O2     doub N N 214 
U   C2    N3     sing N N 215 
U   N3    C4     sing N N 216 
U   N3    H3     sing N N 217 
U   C4    O4     doub N N 218 
U   C4    C5     sing N N 219 
U   C5    C6     doub N N 220 
U   C5    H5     sing N N 221 
U   C6    H6     sing N N 222 
# 
loop_
_ndb_struct_conf_na.entry_id 
_ndb_struct_conf_na.feature 
4F8V 'double helix'         
4F8V 'a-form double helix'  
4F8V 'mismatched base pair' 
4F8V 'internal loop'        
# 
loop_
_ndb_struct_na_base_pair.model_number 
_ndb_struct_na_base_pair.i_label_asym_id 
_ndb_struct_na_base_pair.i_label_comp_id 
_ndb_struct_na_base_pair.i_label_seq_id 
_ndb_struct_na_base_pair.i_symmetry 
_ndb_struct_na_base_pair.j_label_asym_id 
_ndb_struct_na_base_pair.j_label_comp_id 
_ndb_struct_na_base_pair.j_label_seq_id 
_ndb_struct_na_base_pair.j_symmetry 
_ndb_struct_na_base_pair.shear 
_ndb_struct_na_base_pair.stretch 
_ndb_struct_na_base_pair.stagger 
_ndb_struct_na_base_pair.buckle 
_ndb_struct_na_base_pair.propeller 
_ndb_struct_na_base_pair.opening 
_ndb_struct_na_base_pair.pair_number 
_ndb_struct_na_base_pair.pair_name 
_ndb_struct_na_base_pair.i_auth_asym_id 
_ndb_struct_na_base_pair.i_auth_seq_id 
_ndb_struct_na_base_pair.i_PDB_ins_code 
_ndb_struct_na_base_pair.j_auth_asym_id 
_ndb_struct_na_base_pair.j_auth_seq_id 
_ndb_struct_na_base_pair.j_PDB_ins_code 
_ndb_struct_na_base_pair.hbond_type_28 
_ndb_struct_na_base_pair.hbond_type_12 
1 A G 1  1_555 B C 21 1_555 -0.844 -0.329 -0.284 -2.062 -2.583  0.923   1  A_G3:C46_B  A 3  ? B 46 ? 19 1 
1 A C 2  1_555 B G 20 1_555 -0.394 -0.203 0.228  3.017  -8.325  -3.280  2  A_C4:G45_B  A 4  ? B 45 ? 19 1 
1 A G 3  1_555 B C 19 1_555 -1.002 -0.279 -0.265 3.320  0.264   2.982   3  A_G5:C44_B  A 5  ? B 44 ? 19 1 
1 A U 4  1_555 B U 18 1_555 -1.843 -1.324 -0.497 5.655  -11.694 -17.123 4  A_U6:U43_B  A 6  ? B 43 ? ?  ? 
1 A C 5  1_555 B G 17 1_555 0.238  -0.116 0.065  -0.562 -1.833  -1.735  5  A_C7:G42_B  A 7  ? B 42 ? 19 1 
1 A C 7  1_555 B G 14 1_555 -0.013 0.070  -0.098 8.129  -17.910 5.587   6  A_C9:G39_B  A 9  ? B 39 ? 19 1 
1 A A 8  1_555 B U 13 1_555 -0.273 0.113  0.460  6.707  -14.646 -0.376  7  A_A10:U38_B A 10 ? B 38 ? 20 1 
1 A C 9  1_555 B G 12 1_555 0.644  0.086  0.017  4.310  -15.619 5.676   8  A_C11:G37_B A 11 ? B 37 ? 19 1 
1 A C 10 1_555 B G 11 1_555 0.060  -0.087 0.034  0.953  -4.631  -0.228  9  A_C12:G36_B A 12 ? B 36 ? 19 1 
1 A G 11 1_555 B C 10 1_555 -0.156 0.037  0.305  -2.136 -12.375 3.557   10 A_G13:C35_B A 13 ? B 35 ? 19 1 
1 A G 12 1_555 B C 9  1_555 -0.081 -0.146 -0.219 -5.756 -24.195 1.459   11 A_G14:C34_B A 14 ? B 34 ? 19 1 
1 A U 13 1_555 B A 8  1_555 0.543  -0.347 0.337  -2.194 -17.951 6.314   12 A_U15:A33_B A 15 ? B 33 ? 20 1 
1 A G 14 1_555 B C 7  1_555 -0.249 -0.384 -0.558 -7.347 -15.954 -1.122  13 A_G16:C32_B A 16 ? B 32 ? 19 1 
1 A G 17 1_555 B C 5  1_555 -0.620 0.012  -0.409 -0.374 -2.310  -0.295  14 A_G19:C30_B A 19 ? B 30 ? 19 1 
1 A C 19 1_555 B G 3  1_555 0.584  -0.359 -0.337 4.983  1.786   2.632   15 A_C21:G28_B A 21 ? B 28 ? 19 1 
1 A G 20 1_555 B C 2  1_555 -0.907 -0.282 0.049  1.237  -8.765  -0.870  16 A_G22:C27_B A 22 ? B 27 ? 19 1 
1 A C 21 1_555 B G 1  1_555 0.479  0.363  -0.249 4.480  4.162   6.058   17 A_C23:G26_B A 23 ? B 26 ? ?  1 
# 
loop_
_ndb_struct_na_base_pair_step.model_number 
_ndb_struct_na_base_pair_step.i_label_asym_id_1 
_ndb_struct_na_base_pair_step.i_label_comp_id_1 
_ndb_struct_na_base_pair_step.i_label_seq_id_1 
_ndb_struct_na_base_pair_step.i_symmetry_1 
_ndb_struct_na_base_pair_step.j_label_asym_id_1 
_ndb_struct_na_base_pair_step.j_label_comp_id_1 
_ndb_struct_na_base_pair_step.j_label_seq_id_1 
_ndb_struct_na_base_pair_step.j_symmetry_1 
_ndb_struct_na_base_pair_step.i_label_asym_id_2 
_ndb_struct_na_base_pair_step.i_label_comp_id_2 
_ndb_struct_na_base_pair_step.i_label_seq_id_2 
_ndb_struct_na_base_pair_step.i_symmetry_2 
_ndb_struct_na_base_pair_step.j_label_asym_id_2 
_ndb_struct_na_base_pair_step.j_label_comp_id_2 
_ndb_struct_na_base_pair_step.j_label_seq_id_2 
_ndb_struct_na_base_pair_step.j_symmetry_2 
_ndb_struct_na_base_pair_step.shift 
_ndb_struct_na_base_pair_step.slide 
_ndb_struct_na_base_pair_step.rise 
_ndb_struct_na_base_pair_step.tilt 
_ndb_struct_na_base_pair_step.roll 
_ndb_struct_na_base_pair_step.twist 
_ndb_struct_na_base_pair_step.x_displacement 
_ndb_struct_na_base_pair_step.y_displacement 
_ndb_struct_na_base_pair_step.helical_rise 
_ndb_struct_na_base_pair_step.inclination 
_ndb_struct_na_base_pair_step.tip 
_ndb_struct_na_base_pair_step.helical_twist 
_ndb_struct_na_base_pair_step.step_number 
_ndb_struct_na_base_pair_step.step_name 
_ndb_struct_na_base_pair_step.i_auth_asym_id_1 
_ndb_struct_na_base_pair_step.i_auth_seq_id_1 
_ndb_struct_na_base_pair_step.i_PDB_ins_code_1 
_ndb_struct_na_base_pair_step.j_auth_asym_id_1 
_ndb_struct_na_base_pair_step.j_auth_seq_id_1 
_ndb_struct_na_base_pair_step.j_PDB_ins_code_1 
_ndb_struct_na_base_pair_step.i_auth_asym_id_2 
_ndb_struct_na_base_pair_step.i_auth_seq_id_2 
_ndb_struct_na_base_pair_step.i_PDB_ins_code_2 
_ndb_struct_na_base_pair_step.j_auth_asym_id_2 
_ndb_struct_na_base_pair_step.j_auth_seq_id_2 
_ndb_struct_na_base_pair_step.j_PDB_ins_code_2 
1 A G 1  1_555 B C 21 1_555 A C 2  1_555 B G 20 1_555 -0.759 -2.331 3.290 -4.071 -3.697 33.439 -3.371 0.609  3.584 -6.372 7.016   
33.876 1  AA_G3C4:G45C46_BB   A 3  ? B 46 ? A 4  ? B 45 ? 
1 A C 2  1_555 B G 20 1_555 A G 3  1_555 B C 19 1_555 0.090  -1.569 3.133 -0.413 7.619  28.536 -4.533 -0.255 2.633 15.118 0.819   
29.518 2  AA_C4G5:C44G45_BB   A 4  ? B 45 ? A 5  ? B 44 ? 
1 A G 3  1_555 B C 19 1_555 A U 4  1_555 B U 18 1_555 -0.883 -1.891 3.269 -2.838 1.239  29.552 -3.948 1.127  3.257 2.421  5.545   
29.710 3  AA_G5U6:U43C44_BB   A 5  ? B 44 ? A 6  ? B 43 ? 
1 A U 4  1_555 B U 18 1_555 A C 5  1_555 B G 17 1_555 0.866  -2.226 3.586 -4.385 2.446  39.682 -3.554 -1.802 3.338 3.586  6.429   
39.985 4  AA_U6C7:G42U43_BB   A 6  ? B 43 ? A 7  ? B 42 ? 
1 A C 7  1_555 B G 14 1_555 A A 8  1_555 B U 13 1_555 -0.339 -1.419 3.242 -6.058 11.035 32.575 -3.933 -0.294 2.656 18.819 10.332  
34.861 5  AA_C9A10:U38G39_BB  A 9  ? B 39 ? A 10 ? B 38 ? 
1 A A 8  1_555 B U 13 1_555 A C 9  1_555 B G 12 1_555 0.782  -1.528 3.301 6.247  3.765  35.172 -3.021 -0.369 3.213 6.148  -10.202 
35.897 6  AA_A10C11:G37U38_BB A 10 ? B 38 ? A 11 ? B 37 ? 
1 A C 9  1_555 B G 12 1_555 A C 10 1_555 B G 11 1_555 -0.793 -1.909 3.347 -1.226 4.430  29.738 -4.572 1.280  3.066 8.566  2.370   
30.083 7  AA_C11C12:G36G37_BB A 11 ? B 37 ? A 12 ? B 36 ? 
1 A C 10 1_555 B G 11 1_555 A G 11 1_555 B C 10 1_555 0.306  -1.594 3.207 1.291  9.334  28.239 -4.881 -0.351 2.571 18.492 -2.558  
29.740 8  AA_C12G13:C35G36_BB A 12 ? B 36 ? A 13 ? B 35 ? 
1 A G 11 1_555 B C 10 1_555 A G 12 1_555 B C 9  1_555 -0.072 -1.275 3.367 3.691  10.852 33.517 -3.652 0.647  2.809 18.170 -6.180  
35.369 9  AA_G13G14:C34C35_BB A 13 ? B 35 ? A 14 ? B 34 ? 
1 A G 12 1_555 B C 9  1_555 A U 13 1_555 B A 8  1_555 0.768  -0.960 3.024 -3.805 6.635  36.046 -2.320 -1.675 2.719 10.575 6.065   
36.822 10 AA_G14U15:A33C34_BB A 14 ? B 34 ? A 15 ? B 33 ? 
1 A U 13 1_555 B A 8  1_555 A G 14 1_555 B C 7  1_555 -0.047 -1.738 3.231 6.568  19.684 26.556 -5.666 0.968  1.559 36.579 -12.205 
33.587 11 AA_U15G16:C32A33_BB A 15 ? B 33 ? A 16 ? B 32 ? 
1 A G 17 1_555 B C 5  1_555 A C 19 1_555 B G 3  1_555 -0.222 -3.516 6.573 0.873  4.312  68.666 -3.428 0.260  6.367 3.819  -0.773  
68.790 12 AA_G19C21:G28C30_BB A 19 ? B 30 ? A 21 ? B 28 ? 
1 A C 19 1_555 B G 3  1_555 A G 20 1_555 B C 2  1_555 0.591  -2.036 3.318 1.429  7.909  21.927 -7.504 -1.015 2.474 19.952 -3.604  
23.336 13 AA_C21G22:C27G28_BB A 21 ? B 28 ? A 22 ? B 27 ? 
1 A G 20 1_555 B C 2  1_555 A C 21 1_555 B G 1  1_555 1.031  -2.093 3.291 3.995  2.659  41.426 -3.222 -1.027 3.238 3.743  -5.625  
41.691 14 AA_G22C23:G26C27_BB A 22 ? B 27 ? A 23 ? B 26 ? 
# 
_atom_sites.entry_id                    4F8V 
_atom_sites.fract_transf_matrix[1][1]   -0.02542809 
_atom_sites.fract_transf_matrix[1][2]   0.00340575 
_atom_sites.fract_transf_matrix[1][3]   -0.01844235 
_atom_sites.fract_transf_matrix[2][1]   0.00415214 
_atom_sites.fract_transf_matrix[2][2]   -0.00498760 
_atom_sites.fract_transf_matrix[2][3]   -0.00664598 
_atom_sites.fract_transf_matrix[3][1]   -0.00799290 
_atom_sites.fract_transf_matrix[3][2]   -0.01712491 
_atom_sites.fract_transf_matrix[3][3]   0.00785806 
_atom_sites.fract_transf_vector[1]      0.406706 
_atom_sites.fract_transf_vector[2]      -0.139551 
_atom_sites.fract_transf_vector[3]      -0.334073 
# 
loop_
_atom_type.symbol 
C 
N 
O 
P 
# 
loop_
_atom_site.group_PDB 
_atom_site.id 
_atom_site.type_symbol 
_atom_site.label_atom_id 
_atom_site.label_alt_id 
_atom_site.label_comp_id 
_atom_site.label_asym_id 
_atom_site.label_entity_id 
_atom_site.label_seq_id 
_atom_site.pdbx_PDB_ins_code 
_atom_site.Cartn_x 
_atom_site.Cartn_y 
_atom_site.Cartn_z 
_atom_site.occupancy 
_atom_site.B_iso_or_equiv 
_atom_site.pdbx_formal_charge 
_atom_site.auth_seq_id 
_atom_site.auth_comp_id 
_atom_site.auth_asym_id 
_atom_site.auth_atom_id 
_atom_site.pdbx_PDB_model_num 
ATOM   1   O OP3   . G   A 1 1  ? 13.757  23.959  1.515   1.00 131.52 ? 3   G   A OP3   1 
ATOM   2   P P     . G   A 1 1  ? 13.033  24.569  0.326   1.00 132.39 ? 3   G   A P     1 
ATOM   3   O OP1   . G   A 1 1  ? 12.929  26.091  0.417   1.00 130.93 ? 3   G   A OP1   1 
ATOM   4   O OP2   . G   A 1 1  ? 11.694  23.894  0.072   1.00 132.57 ? 3   G   A OP2   1 
ATOM   5   O "O5'" . G   A 1 1  ? 13.957  24.217  -0.977  1.00 132.22 ? 3   G   A "O5'" 1 
ATOM   6   C "C5'" . G   A 1 1  ? 13.555  24.614  -2.308  1.00 131.66 ? 3   G   A "C5'" 1 
ATOM   7   C "C4'" . G   A 1 1  ? 14.487  24.019  -3.346  1.00 131.19 ? 3   G   A "C4'" 1 
ATOM   8   O "O4'" . G   A 1 1  ? 15.865  24.244  -2.944  1.00 132.24 ? 3   G   A "O4'" 1 
ATOM   9   C "C3'" . G   A 1 1  ? 14.392  22.513  -3.550  1.00 130.41 ? 3   G   A "C3'" 1 
ATOM   10  O "O3'" . G   A 1 1  ? 13.366  22.174  -4.476  1.00 128.37 ? 3   G   A "O3'" 1 
ATOM   11  C "C2'" . G   A 1 1  ? 15.767  22.163  -4.112  1.00 131.01 ? 3   G   A "C2'" 1 
ATOM   12  O "O2'" . G   A 1 1  ? 15.865  22.334  -5.511  1.00 129.39 ? 3   G   A "O2'" 1 
ATOM   13  C "C1'" . G   A 1 1  ? 16.672  23.152  -3.368  1.00 132.53 ? 3   G   A "C1'" 1 
ATOM   14  N N9    . G   A 1 1  ? 17.321  22.565  -2.195  1.00 134.06 ? 3   G   A N9    1 
ATOM   15  C C8    . G   A 1 1  ? 17.138  22.909  -0.876  1.00 133.74 ? 3   G   A C8    1 
ATOM   16  N N7    . G   A 1 1  ? 17.852  22.188  -0.054  1.00 134.08 ? 3   G   A N7    1 
ATOM   17  C C5    . G   A 1 1  ? 18.551  21.317  -0.879  1.00 134.38 ? 3   G   A C5    1 
ATOM   18  C C6    . G   A 1 1  ? 19.478  20.291  -0.558  1.00 135.28 ? 3   G   A C6    1 
ATOM   19  O O6    . G   A 1 1  ? 19.879  19.934  0.558   1.00 136.32 ? 3   G   A O6    1 
ATOM   20  N N1    . G   A 1 1  ? 19.947  19.648  -1.699  1.00 135.28 ? 3   G   A N1    1 
ATOM   21  C C2    . G   A 1 1  ? 19.573  19.949  -2.984  1.00 135.54 ? 3   G   A C2    1 
ATOM   22  N N2    . G   A 1 1  ? 20.133  19.210  -3.956  1.00 135.57 ? 3   G   A N2    1 
ATOM   23  N N3    . G   A 1 1  ? 18.710  20.902  -3.296  1.00 135.29 ? 3   G   A N3    1 
ATOM   24  C C4    . G   A 1 1  ? 18.242  21.539  -2.202  1.00 134.20 ? 3   G   A C4    1 
ATOM   25  P P     . C   A 1 2  ? 12.778  20.677  -4.500  1.00 127.41 ? 4   C   A P     1 
ATOM   26  O OP1   . C   A 1 2  ? 11.730  20.606  -5.551  1.00 128.21 ? 4   C   A OP1   1 
ATOM   27  O OP2   . C   A 1 2  ? 12.442  20.305  -3.102  1.00 126.48 ? 4   C   A OP2   1 
ATOM   28  O "O5'" . C   A 1 2  ? 13.992  19.780  -5.000  1.00 125.73 ? 4   C   A "O5'" 1 
ATOM   29  C "C5'" . C   A 1 2  ? 14.340  19.741  -6.375  1.00 123.88 ? 4   C   A "C5'" 1 
ATOM   30  C "C4'" . C   A 1 2  ? 15.328  18.634  -6.637  1.00 123.90 ? 4   C   A "C4'" 1 
ATOM   31  O "O4'" . C   A 1 2  ? 16.533  18.875  -5.859  1.00 124.13 ? 4   C   A "O4'" 1 
ATOM   32  C "C3'" . C   A 1 2  ? 14.924  17.230  -6.214  1.00 123.37 ? 4   C   A "C3'" 1 
ATOM   33  O "O3'" . C   A 1 2  ? 14.071  16.588  -7.153  1.00 123.55 ? 4   C   A "O3'" 1 
ATOM   34  C "C2'" . C   A 1 2  ? 16.273  16.534  -6.163  1.00 123.13 ? 4   C   A "C2'" 1 
ATOM   35  O "O2'" . C   A 1 2  ? 16.729  16.189  -7.457  1.00 120.18 ? 4   C   A "O2'" 1 
ATOM   36  C "C1'" . C   A 1 2  ? 17.147  17.629  -5.541  1.00 124.10 ? 4   C   A "C1'" 1 
ATOM   37  N N1    . C   A 1 2  ? 17.249  17.498  -4.067  1.00 125.22 ? 4   C   A N1    1 
ATOM   38  C C2    . C   A 1 2  ? 18.134  16.535  -3.525  1.00 126.14 ? 4   C   A C2    1 
ATOM   39  O O2    . C   A 1 2  ? 18.834  15.849  -4.294  1.00 126.94 ? 4   C   A O2    1 
ATOM   40  N N3    . C   A 1 2  ? 18.197  16.381  -2.179  1.00 125.83 ? 4   C   A N3    1 
ATOM   41  C C4    . C   A 1 2  ? 17.436  17.136  -1.383  1.00 125.62 ? 4   C   A C4    1 
ATOM   42  N N4    . C   A 1 2  ? 17.523  16.937  -0.064  1.00 125.52 ? 4   C   A N4    1 
ATOM   43  C C5    . C   A 1 2  ? 16.551  18.127  -1.901  1.00 125.14 ? 4   C   A C5    1 
ATOM   44  C C6    . C   A 1 2  ? 16.492  18.276  -3.234  1.00 124.86 ? 4   C   A C6    1 
ATOM   45  P P     . G   A 1 3  ? 13.118  15.384  -6.666  1.00 122.60 ? 5   G   A P     1 
ATOM   46  O OP1   . G   A 1 3  ? 12.242  14.992  -7.803  1.00 123.28 ? 5   G   A OP1   1 
ATOM   47  O OP2   . G   A 1 3  ? 12.507  15.800  -5.379  1.00 120.72 ? 5   G   A OP2   1 
ATOM   48  O "O5'" . G   A 1 3  ? 14.124  14.177  -6.407  1.00 120.37 ? 5   G   A "O5'" 1 
ATOM   49  C "C5'" . G   A 1 3  ? 14.644  13.427  -7.500  1.00 117.03 ? 5   G   A "C5'" 1 
ATOM   50  C "C4'" . G   A 1 3  ? 15.554  12.331  -7.006  1.00 114.91 ? 5   G   A "C4'" 1 
ATOM   51  O "O4'" . G   A 1 3  ? 16.649  12.923  -6.259  1.00 113.31 ? 5   G   A "O4'" 1 
ATOM   52  C "C3'" . G   A 1 3  ? 14.946  11.348  -6.024  1.00 114.78 ? 5   G   A "C3'" 1 
ATOM   53  O "O3'" . G   A 1 3  ? 14.172  10.347  -6.680  1.00 117.01 ? 5   G   A "O3'" 1 
ATOM   54  C "C2'" . G   A 1 3  ? 16.188  10.787  -5.341  1.00 113.36 ? 5   G   A "C2'" 1 
ATOM   55  O "O2'" . G   A 1 3  ? 16.865  9.807   -6.099  1.00 111.47 ? 5   G   A "O2'" 1 
ATOM   56  C "C1'" . G   A 1 3  ? 17.051  12.045  -5.222  1.00 112.27 ? 5   G   A "C1'" 1 
ATOM   57  N N9    . G   A 1 3  ? 16.858  12.716  -3.938  1.00 111.41 ? 5   G   A N9    1 
ATOM   58  C C8    . G   A 1 3  ? 16.131  13.857  -3.686  1.00 110.70 ? 5   G   A C8    1 
ATOM   59  N N7    . G   A 1 3  ? 16.104  14.180  -2.420  1.00 109.77 ? 5   G   A N7    1 
ATOM   60  C C5    . G   A 1 3  ? 16.866  13.200  -1.798  1.00 109.33 ? 5   G   A C5    1 
ATOM   61  C C6    . G   A 1 3  ? 17.180  13.010  -0.427  1.00 108.45 ? 5   G   A C6    1 
ATOM   62  O O6    . G   A 1 3  ? 16.834  13.691  0.547   1.00 106.92 ? 5   G   A O6    1 
ATOM   63  N N1    . G   A 1 3  ? 17.979  11.887  -0.237  1.00 108.60 ? 5   G   A N1    1 
ATOM   64  C C2    . G   A 1 3  ? 18.416  11.048  -1.235  1.00 109.49 ? 5   G   A C2    1 
ATOM   65  N N2    . G   A 1 3  ? 19.170  10.005  -0.852  1.00 109.50 ? 5   G   A N2    1 
ATOM   66  N N3    . G   A 1 3  ? 18.129  11.213  -2.514  1.00 109.95 ? 5   G   A N3    1 
ATOM   67  C C4    . G   A 1 3  ? 17.355  12.299  -2.722  1.00 110.45 ? 5   G   A C4    1 
ATOM   68  P P     . U   A 1 4  ? 13.115  9.475   -5.829  1.00 119.82 ? 6   U   A P     1 
ATOM   69  O OP1   . U   A 1 4  ? 12.417  8.542   -6.759  1.00 119.72 ? 6   U   A OP1   1 
ATOM   70  O OP2   . U   A 1 4  ? 12.313  10.389  -4.969  1.00 117.71 ? 6   U   A OP2   1 
ATOM   71  O "O5'" . U   A 1 4  ? 14.050  8.583   -4.898  1.00 116.87 ? 6   U   A "O5'" 1 
ATOM   72  C "C5'" . U   A 1 4  ? 14.997  7.696   -5.480  1.00 112.63 ? 6   U   A "C5'" 1 
ATOM   73  C "C4'" . U   A 1 4  ? 15.782  6.979   -4.413  1.00 109.80 ? 6   U   A "C4'" 1 
ATOM   74  O "O4'" . U   A 1 4  ? 16.586  7.920   -3.653  1.00 108.71 ? 6   U   A "O4'" 1 
ATOM   75  C "C3'" . U   A 1 4  ? 14.975  6.288   -3.333  1.00 108.87 ? 6   U   A "C3'" 1 
ATOM   76  O "O3'" . U   A 1 4  ? 14.418  5.063   -3.782  1.00 109.62 ? 6   U   A "O3'" 1 
ATOM   77  C "C2'" . U   A 1 4  ? 16.034  6.077   -2.263  1.00 107.82 ? 6   U   A "C2'" 1 
ATOM   78  O "O2'" . U   A 1 4  ? 16.906  5.010   -2.559  1.00 107.80 ? 6   U   A "O2'" 1 
ATOM   79  C "C1'" . U   A 1 4  ? 16.799  7.401   -2.344  1.00 107.21 ? 6   U   A "C1'" 1 
ATOM   80  N N1    . U   A 1 4  ? 16.293  8.355   -1.346  1.00 105.79 ? 6   U   A N1    1 
ATOM   81  C C2    . U   A 1 4  ? 16.652  8.150   -0.021  1.00 104.90 ? 6   U   A C2    1 
ATOM   82  O O2    . U   A 1 4  ? 17.417  7.272   0.332   1.00 105.86 ? 6   U   A O2    1 
ATOM   83  N N3    . U   A 1 4  ? 16.085  9.017   0.875   1.00 103.47 ? 6   U   A N3    1 
ATOM   84  C C4    . U   A 1 4  ? 15.227  10.055  0.593   1.00 103.73 ? 6   U   A C4    1 
ATOM   85  O O4    . U   A 1 4  ? 14.714  10.678  1.521   1.00 102.70 ? 6   U   A O4    1 
ATOM   86  C C5    . U   A 1 4  ? 14.939  10.234  -0.798  1.00 104.31 ? 6   U   A C5    1 
ATOM   87  C C6    . U   A 1 4  ? 15.468  9.400   -1.696  1.00 105.38 ? 6   U   A C6    1 
ATOM   88  P P     . C   A 1 5  ? 12.949  4.631   -3.284  1.00 110.07 ? 7   C   A P     1 
ATOM   89  O OP1   . C   A 1 5  ? 12.554  3.403   -4.032  1.00 108.86 ? 7   C   A OP1   1 
ATOM   90  O OP2   . C   A 1 5  ? 12.078  5.847   -3.348  1.00 108.52 ? 7   C   A OP2   1 
ATOM   91  O "O5'" . C   A 1 5  ? 13.174  4.238   -1.755  1.00 104.80 ? 7   C   A "O5'" 1 
ATOM   92  C "C5'" . C   A 1 5  ? 14.030  3.160   -1.394  1.00 98.26  ? 7   C   A "C5'" 1 
ATOM   93  C "C4'" . C   A 1 5  ? 14.276  3.160   0.098   1.00 95.78  ? 7   C   A "C4'" 1 
ATOM   94  O "O4'" . C   A 1 5  ? 14.917  4.408   0.480   1.00 92.91  ? 7   C   A "O4'" 1 
ATOM   95  C "C3'" . C   A 1 5  ? 13.040  3.114   0.986   1.00 95.69  ? 7   C   A "C3'" 1 
ATOM   96  O "O3'" . C   A 1 5  ? 12.537  1.801   1.185   1.00 97.80  ? 7   C   A "O3'" 1 
ATOM   97  C "C2'" . C   A 1 5  ? 13.562  3.690   2.290   1.00 92.29  ? 7   C   A "C2'" 1 
ATOM   98  O "O2'" . C   A 1 5  ? 14.284  2.769   3.068   1.00 91.79  ? 7   C   A "O2'" 1 
ATOM   99  C "C1'" . C   A 1 5  ? 14.479  4.796   1.778   1.00 89.79  ? 7   C   A "C1'" 1 
ATOM   100 N N1    . C   A 1 5  ? 13.735  6.072   1.690   1.00 86.13  ? 7   C   A N1    1 
ATOM   101 C C2    . C   A 1 5  ? 13.326  6.687   2.894   1.00 84.22  ? 7   C   A C2    1 
ATOM   102 O O2    . C   A 1 5  ? 13.645  6.162   3.984   1.00 81.95  ? 7   C   A O2    1 
ATOM   103 N N3    . C   A 1 5  ? 12.602  7.832   2.842   1.00 81.89  ? 7   C   A N3    1 
ATOM   104 C C4    . C   A 1 5  ? 12.302  8.378   1.665   1.00 81.37  ? 7   C   A C4    1 
ATOM   105 N N4    . C   A 1 5  ? 11.586  9.511   1.675   1.00 79.34  ? 7   C   A N4    1 
ATOM   106 C C5    . C   A 1 5  ? 12.722  7.787   0.423   1.00 81.79  ? 7   C   A C5    1 
ATOM   107 C C6    . C   A 1 5  ? 13.428  6.647   0.483   1.00 82.50  ? 7   C   A C6    1 
ATOM   108 P P     . A   A 1 6  ? 11.020  1.603   1.681   1.00 100.29 ? 8   A   A P     1 
ATOM   109 O OP1   . A   A 1 6  ? 10.765  0.140   1.784   1.00 100.01 ? 8   A   A OP1   1 
ATOM   110 O OP2   . A   A 1 6  ? 10.155  2.449   0.802   1.00 97.91  ? 8   A   A OP2   1 
ATOM   111 O "O5'" . A   A 1 6  ? 11.006  2.203   3.159   1.00 96.26  ? 8   A   A "O5'" 1 
ATOM   112 C "C5'" . A   A 1 6  ? 11.691  1.538   4.202   1.00 93.68  ? 8   A   A "C5'" 1 
ATOM   113 C "C4'" . A   A 1 6  ? 11.351  2.159   5.527   1.00 92.96  ? 8   A   A "C4'" 1 
ATOM   114 O "O4'" . A   A 1 6  ? 11.792  3.539   5.534   1.00 94.94  ? 8   A   A "O4'" 1 
ATOM   115 C "C3'" . A   A 1 6  ? 9.876   2.242   5.854   1.00 92.65  ? 8   A   A "C3'" 1 
ATOM   116 O "O3'" . A   A 1 6  ? 9.416   1.023   6.401   1.00 91.54  ? 8   A   A "O3'" 1 
ATOM   117 C "C2'" . A   A 1 6  ? 9.847   3.380   6.868   1.00 93.79  ? 8   A   A "C2'" 1 
ATOM   118 O "O2'" . A   A 1 6  ? 10.272  2.994   8.162   1.00 91.70  ? 8   A   A "O2'" 1 
ATOM   119 C "C1'" . A   A 1 6  ? 10.862  4.344   6.250   1.00 93.26  ? 8   A   A "C1'" 1 
ATOM   120 N N9    . A   A 1 6  ? 10.261  5.288   5.303   1.00 90.75  ? 8   A   A N9    1 
ATOM   121 C C8    . A   A 1 6  ? 10.270  5.206   3.929   1.00 89.89  ? 8   A   A C8    1 
ATOM   122 N N7    . A   A 1 6  ? 9.646   6.194   3.334   1.00 90.32  ? 8   A   A N7    1 
ATOM   123 C C5    . A   A 1 6  ? 9.192   6.980   4.384   1.00 90.26  ? 8   A   A C5    1 
ATOM   124 C C6    . A   A 1 6  ? 8.461   8.181   4.412   1.00 89.96  ? 8   A   A C6    1 
ATOM   125 N N6    . A   A 1 6  ? 8.035   8.814   3.314   1.00 88.43  ? 8   A   A N6    1 
ATOM   126 N N1    . A   A 1 6  ? 8.181   8.715   5.623   1.00 90.40  ? 8   A   A N1    1 
ATOM   127 C C2    . A   A 1 6  ? 8.612   8.071   6.725   1.00 90.99  ? 8   A   A C2    1 
ATOM   128 N N3    . A   A 1 6  ? 9.306   6.933   6.823   1.00 89.83  ? 8   A   A N3    1 
ATOM   129 C C4    . A   A 1 6  ? 9.568   6.435   5.604   1.00 89.81  ? 8   A   A C4    1 
ATOM   130 P P     . C   A 1 7  ? 7.919   0.534   6.098   1.00 92.76  ? 9   C   A P     1 
ATOM   131 O OP1   . C   A 1 7  ? 7.803   -0.813  6.710   1.00 94.44  ? 9   C   A OP1   1 
ATOM   132 O OP2   . C   A 1 7  ? 7.636   0.711   4.642   1.00 90.45  ? 9   C   A OP2   1 
ATOM   133 O "O5'" . C   A 1 7  ? 7.010   1.537   6.944   1.00 90.48  ? 9   C   A "O5'" 1 
ATOM   134 C "C5'" . C   A 1 7  ? 7.181   1.667   8.356   1.00 86.66  ? 9   C   A "C5'" 1 
ATOM   135 C "C4'" . C   A 1 7  ? 6.359   2.820   8.881   1.00 85.56  ? 9   C   A "C4'" 1 
ATOM   136 O "O4'" . C   A 1 7  ? 6.909   4.081   8.406   1.00 83.53  ? 9   C   A "O4'" 1 
ATOM   137 C "C3'" . C   A 1 7  ? 4.916   2.864   8.415   1.00 85.94  ? 9   C   A "C3'" 1 
ATOM   138 O "O3'" . C   A 1 7  ? 4.094   1.972   9.148   1.00 87.99  ? 9   C   A "O3'" 1 
ATOM   139 C "C2'" . C   A 1 7  ? 4.560   4.332   8.620   1.00 83.89  ? 9   C   A "C2'" 1 
ATOM   140 O "O2'" . C   A 1 7  ? 4.268   4.663   9.964   1.00 84.22  ? 9   C   A "O2'" 1 
ATOM   141 C "C1'" . C   A 1 7  ? 5.859   5.011   8.179   1.00 80.18  ? 9   C   A "C1'" 1 
ATOM   142 N N1    . C   A 1 7  ? 5.855   5.376   6.747   1.00 76.92  ? 9   C   A N1    1 
ATOM   143 C C2    . C   A 1 7  ? 5.223   6.552   6.354   1.00 74.90  ? 9   C   A C2    1 
ATOM   144 O O2    . C   A 1 7  ? 4.706   7.265   7.218   1.00 76.10  ? 9   C   A O2    1 
ATOM   145 N N3    . C   A 1 7  ? 5.193   6.886   5.038   1.00 72.14  ? 9   C   A N3    1 
ATOM   146 C C4    . C   A 1 7  ? 5.771   6.094   4.137   1.00 70.71  ? 9   C   A C4    1 
ATOM   147 N N4    . C   A 1 7  ? 5.718   6.456   2.856   1.00 67.84  ? 9   C   A N4    1 
ATOM   148 C C5    . C   A 1 7  ? 6.428   4.895   4.508   1.00 72.91  ? 9   C   A C5    1 
ATOM   149 C C6    . C   A 1 7  ? 6.450   4.576   5.812   1.00 76.24  ? 9   C   A C6    1 
ATOM   150 P P     . A   A 1 8  ? 2.962   1.129   8.374   1.00 92.77  ? 10  A   A P     1 
ATOM   151 O OP1   . A   A 1 8  ? 2.558   0.025   9.286   1.00 91.56  ? 10  A   A OP1   1 
ATOM   152 O OP2   . A   A 1 8  ? 3.417   0.812   6.995   1.00 90.68  ? 10  A   A OP2   1 
ATOM   153 O "O5'" . A   A 1 8  ? 1.748   2.151   8.275   1.00 90.81  ? 10  A   A "O5'" 1 
ATOM   154 C "C5'" . A   A 1 8  ? 1.100   2.576   9.463   1.00 90.07  ? 10  A   A "C5'" 1 
ATOM   155 C "C4'" . A   A 1 8  ? 0.249   3.783   9.202   1.00 89.26  ? 10  A   A "C4'" 1 
ATOM   156 O "O4'" . A   A 1 8  ? 1.093   4.868   8.736   1.00 88.72  ? 10  A   A "O4'" 1 
ATOM   157 C "C3'" . A   A 1 8  ? -0.810  3.652   8.126   1.00 88.59  ? 10  A   A "C3'" 1 
ATOM   158 O "O3'" . A   A 1 8  ? -1.963  2.974   8.615   1.00 89.45  ? 10  A   A "O3'" 1 
ATOM   159 C "C2'" . A   A 1 8  ? -1.059  5.118   7.794   1.00 88.70  ? 10  A   A "C2'" 1 
ATOM   160 O "O2'" . A   A 1 8  ? -1.817  5.806   8.774   1.00 86.18  ? 10  A   A "O2'" 1 
ATOM   161 C "C1'" . A   A 1 8  ? 0.374   5.656   7.807   1.00 87.07  ? 10  A   A "C1'" 1 
ATOM   162 N N9    . A   A 1 8  ? 1.023   5.513   6.508   1.00 86.00  ? 10  A   A N9    1 
ATOM   163 C C8    . A   A 1 8  ? 1.979   4.603   6.116   1.00 86.87  ? 10  A   A C8    1 
ATOM   164 N N7    . A   A 1 8  ? 2.351   4.735   4.864   1.00 85.66  ? 10  A   A N7    1 
ATOM   165 C C5    . A   A 1 8  ? 1.594   5.802   4.408   1.00 84.67  ? 10  A   A C5    1 
ATOM   166 C C6    . A   A 1 8  ? 1.522   6.438   3.169   1.00 85.50  ? 10  A   A C6    1 
ATOM   167 N N6    . A   A 1 8  ? 2.254   6.089   2.113   1.00 85.35  ? 10  A   A N6    1 
ATOM   168 N N1    . A   A 1 8  ? 0.660   7.467   3.044   1.00 87.23  ? 10  A   A N1    1 
ATOM   169 C C2    . A   A 1 8  ? -0.077  7.823   4.107   1.00 86.56  ? 10  A   A C2    1 
ATOM   170 N N3    . A   A 1 8  ? -0.095  7.304   5.324   1.00 84.26  ? 10  A   A N3    1 
ATOM   171 C C4    . A   A 1 8  ? 0.773   6.288   5.409   1.00 84.62  ? 10  A   A C4    1 
ATOM   172 P P     . C   A 1 9  ? -2.612  1.782   7.745   1.00 91.42  ? 11  C   A P     1 
ATOM   173 O OP1   . C   A 1 9  ? -3.540  1.011   8.614   1.00 89.95  ? 11  C   A OP1   1 
ATOM   174 O OP2   . C   A 1 9  ? -1.523  1.073   7.024   1.00 91.97  ? 11  C   A OP2   1 
ATOM   175 O "O5'" . C   A 1 9  ? -3.464  2.545   6.637   1.00 89.68  ? 11  C   A "O5'" 1 
ATOM   176 C "C5'" . C   A 1 9  ? -4.456  3.488   7.008   1.00 84.69  ? 11  C   A "C5'" 1 
ATOM   177 C "C4'" . C   A 1 9  ? -4.697  4.465   5.889   1.00 81.36  ? 11  C   A "C4'" 1 
ATOM   178 O "O4'" . C   A 1 9  ? -3.459  5.142   5.558   1.00 83.13  ? 11  C   A "O4'" 1 
ATOM   179 C "C3'" . C   A 1 9  ? -5.117  3.895   4.556   1.00 78.45  ? 11  C   A "C3'" 1 
ATOM   180 O "O3'" . C   A 1 9  ? -6.486  3.590   4.570   1.00 78.26  ? 11  C   A "O3'" 1 
ATOM   181 C "C2'" . C   A 1 9  ? -4.827  5.066   3.635   1.00 79.80  ? 11  C   A "C2'" 1 
ATOM   182 O "O2'" . C   A 1 9  ? -5.759  6.122   3.767   1.00 78.63  ? 11  C   A "O2'" 1 
ATOM   183 C "C1'" . C   A 1 9  ? -3.482  5.529   4.190   1.00 81.00  ? 11  C   A "C1'" 1 
ATOM   184 N N1    . C   A 1 9  ? -2.344  4.901   3.491   1.00 81.19  ? 11  C   A N1    1 
ATOM   185 C C2    . C   A 1 9  ? -1.942  5.424   2.248   1.00 81.36  ? 11  C   A C2    1 
ATOM   186 O O2    . C   A 1 9  ? -2.525  6.413   1.791   1.00 83.09  ? 11  C   A O2    1 
ATOM   187 N N3    . C   A 1 9  ? -0.927  4.839   1.585   1.00 80.63  ? 11  C   A N3    1 
ATOM   188 C C4    . C   A 1 9  ? -0.312  3.785   2.112   1.00 81.05  ? 11  C   A C4    1 
ATOM   189 N N4    . C   A 1 9  ? 0.660   3.230   1.409   1.00 83.43  ? 11  C   A N4    1 
ATOM   190 C C5    . C   A 1 9  ? -0.674  3.249   3.381   1.00 80.63  ? 11  C   A C5    1 
ATOM   191 C C6    . C   A 1 9  ? -1.689  3.829   4.028   1.00 80.59  ? 11  C   A C6    1 
ATOM   192 P P     . C   A 1 10 ? -7.091  2.617   3.454   1.00 79.08  ? 12  C   A P     1 
ATOM   193 O OP1   . C   A 1 10 ? -8.482  2.377   3.875   1.00 80.96  ? 12  C   A OP1   1 
ATOM   194 O OP2   . C   A 1 10 ? -6.188  1.464   3.248   1.00 78.64  ? 12  C   A OP2   1 
ATOM   195 O "O5'" . C   A 1 10 ? -7.087  3.498   2.127   1.00 76.18  ? 12  C   A "O5'" 1 
ATOM   196 C "C5'" . C   A 1 10 ? -7.994  4.568   1.977   1.00 75.17  ? 12  C   A "C5'" 1 
ATOM   197 C "C4'" . C   A 1 10 ? -7.924  5.131   0.582   1.00 77.01  ? 12  C   A "C4'" 1 
ATOM   198 O "O4'" . C   A 1 10 ? -6.635  5.757   0.376   1.00 78.37  ? 12  C   A "O4'" 1 
ATOM   199 C "C3'" . C   A 1 10 ? -8.047  4.165   -0.582  1.00 77.72  ? 12  C   A "C3'" 1 
ATOM   200 O "O3'" . C   A 1 10 ? -9.404  3.859   -0.845  1.00 80.37  ? 12  C   A "O3'" 1 
ATOM   201 C "C2'" . C   A 1 10 ? -7.438  4.986   -1.708  1.00 78.76  ? 12  C   A "C2'" 1 
ATOM   202 O "O2'" . C   A 1 10 ? -8.278  6.038   -2.154  1.00 80.20  ? 12  C   A "O2'" 1 
ATOM   203 C "C1'" . C   A 1 10 ? -6.248  5.606   -0.983  1.00 78.61  ? 12  C   A "C1'" 1 
ATOM   204 N N1    . C   A 1 10 ? -5.054  4.743   -1.035  1.00 78.12  ? 12  C   A N1    1 
ATOM   205 C C2    . C   A 1 10 ? -4.253  4.769   -2.179  1.00 77.60  ? 12  C   A C2    1 
ATOM   206 O O2    . C   A 1 10 ? -4.590  5.486   -3.133  1.00 77.22  ? 12  C   A O2    1 
ATOM   207 N N3    . C   A 1 10 ? -3.136  4.003   -2.219  1.00 77.80  ? 12  C   A N3    1 
ATOM   208 C C4    . C   A 1 10 ? -2.825  3.224   -1.181  1.00 77.45  ? 12  C   A C4    1 
ATOM   209 N N4    . C   A 1 10 ? -1.723  2.490   -1.260  1.00 78.46  ? 12  C   A N4    1 
ATOM   210 C C5    . C   A 1 10 ? -3.633  3.164   -0.011  1.00 77.15  ? 12  C   A C5    1 
ATOM   211 C C6    . C   A 1 10 ? -4.726  3.932   0.020   1.00 78.23  ? 12  C   A C6    1 
ATOM   212 P P     . G   A 1 11 ? -9.795  2.444   -1.501  1.00 82.19  ? 13  G   A P     1 
ATOM   213 O OP1   . G   A 1 11 ? -11.284 2.449   -1.497  1.00 82.33  ? 13  G   A OP1   1 
ATOM   214 O OP2   . G   A 1 11 ? -9.076  1.342   -0.814  1.00 80.58  ? 13  G   A OP2   1 
ATOM   215 O "O5'" . G   A 1 11 ? -9.246  2.552   -2.998  1.00 79.68  ? 13  G   A "O5'" 1 
ATOM   216 C "C5'" . G   A 1 11 ? -9.869  3.422   -3.937  1.00 81.37  ? 13  G   A "C5'" 1 
ATOM   217 C "C4'" . G   A 1 11 ? -9.054  3.519   -5.208  1.00 83.11  ? 13  G   A "C4'" 1 
ATOM   218 O "O4'" . G   A 1 11 ? -7.718  3.965   -4.866  1.00 85.21  ? 13  G   A "O4'" 1 
ATOM   219 C "C3'" . G   A 1 11 ? -8.808  2.238   -5.992  1.00 84.36  ? 13  G   A "C3'" 1 
ATOM   220 O "O3'" . G   A 1 11 ? -9.910  1.891   -6.821  1.00 84.20  ? 13  G   A "O3'" 1 
ATOM   221 C "C2'" . G   A 1 11 ? -7.578  2.614   -6.807  1.00 84.60  ? 13  G   A "C2'" 1 
ATOM   222 O "O2'" . G   A 1 11 ? -7.853  3.445   -7.907  1.00 84.19  ? 13  G   A "O2'" 1 
ATOM   223 C "C1'" . G   A 1 11 ? -6.783  3.419   -5.782  1.00 85.72  ? 13  G   A "C1'" 1 
ATOM   224 N N9    . G   A 1 11 ? -5.848  2.574   -5.048  1.00 88.26  ? 13  G   A N9    1 
ATOM   225 C C8    . G   A 1 11 ? -5.973  2.091   -3.764  1.00 88.88  ? 13  G   A C8    1 
ATOM   226 N N7    . G   A 1 11 ? -4.966  1.344   -3.397  1.00 89.24  ? 13  G   A N7    1 
ATOM   227 C C5    . G   A 1 11 ? -4.123  1.337   -4.503  1.00 91.10  ? 13  G   A C5    1 
ATOM   228 C C6    . G   A 1 11 ? -2.879  0.693   -4.705  1.00 92.80  ? 13  G   A C6    1 
ATOM   229 O O6    . G   A 1 11 ? -2.244  -0.029  -3.915  1.00 94.66  ? 13  G   A O6    1 
ATOM   230 N N1    . G   A 1 11 ? -2.371  0.953   -5.978  1.00 92.89  ? 13  G   A N1    1 
ATOM   231 C C2    . G   A 1 11 ? -2.980  1.731   -6.932  1.00 91.94  ? 13  G   A C2    1 
ATOM   232 N N2    . G   A 1 11 ? -2.324  1.877   -8.092  1.00 90.41  ? 13  G   A N2    1 
ATOM   233 N N3    . G   A 1 11 ? -4.144  2.328   -6.759  1.00 91.22  ? 13  G   A N3    1 
ATOM   234 C C4    . G   A 1 11 ? -4.655  2.093   -5.529  1.00 89.99  ? 13  G   A C4    1 
ATOM   235 P P     . G   A 1 12 ? -10.278 0.342   -7.057  1.00 86.60  ? 14  G   A P     1 
ATOM   236 O OP1   . G   A 1 12 ? -11.666 0.288   -7.583  1.00 86.32  ? 14  G   A OP1   1 
ATOM   237 O OP2   . G   A 1 12 ? -9.929  -0.456  -5.853  1.00 85.01  ? 14  G   A OP2   1 
ATOM   238 O "O5'" . G   A 1 12 ? -9.271  -0.103  -8.208  1.00 87.61  ? 14  G   A "O5'" 1 
ATOM   239 C "C5'" . G   A 1 12 ? -9.220  0.595   -9.448  1.00 86.98  ? 14  G   A "C5'" 1 
ATOM   240 C "C4'" . G   A 1 12 ? -7.960  0.233   -10.204 1.00 88.79  ? 14  G   A "C4'" 1 
ATOM   241 O "O4'" . G   A 1 12 ? -6.793  0.701   -9.474  1.00 87.91  ? 14  G   A "O4'" 1 
ATOM   242 C "C3'" . G   A 1 12 ? -7.691  -1.251  -10.389 1.00 89.16  ? 14  G   A "C3'" 1 
ATOM   243 O "O3'" . G   A 1 12 ? -8.403  -1.783  -11.486 1.00 91.75  ? 14  G   A "O3'" 1 
ATOM   244 C "C2'" . G   A 1 12 ? -6.196  -1.275  -10.649 1.00 88.03  ? 14  G   A "C2'" 1 
ATOM   245 O "O2'" . G   A 1 12 ? -5.879  -0.947  -11.987 1.00 85.71  ? 14  G   A "O2'" 1 
ATOM   246 C "C1'" . G   A 1 12 ? -5.710  -0.192  -9.682  1.00 86.33  ? 14  G   A "C1'" 1 
ATOM   247 N N9    . G   A 1 12 ? -5.314  -0.752  -8.392  1.00 84.22  ? 14  G   A N9    1 
ATOM   248 C C8    . G   A 1 12 ? -6.063  -0.834  -7.242  1.00 82.31  ? 14  G   A C8    1 
ATOM   249 N N7    . G   A 1 12 ? -5.433  -1.422  -6.261  1.00 82.07  ? 14  G   A N7    1 
ATOM   250 C C5    . G   A 1 12 ? -4.189  -1.739  -6.794  1.00 84.03  ? 14  G   A C5    1 
ATOM   251 C C6    . G   A 1 12 ? -3.064  -2.409  -6.209  1.00 84.61  ? 14  G   A C6    1 
ATOM   252 O O6    . G   A 1 12 ? -2.937  -2.868  -5.064  1.00 83.46  ? 14  G   A O6    1 
ATOM   253 N N1    . G   A 1 12 ? -2.017  -2.529  -7.114  1.00 85.17  ? 14  G   A N1    1 
ATOM   254 C C2    . G   A 1 12 ? -2.038  -2.079  -8.410  1.00 86.19  ? 14  G   A C2    1 
ATOM   255 N N2    . G   A 1 12 ? -0.926  -2.297  -9.124  1.00 87.84  ? 14  G   A N2    1 
ATOM   256 N N3    . G   A 1 12 ? -3.069  -1.462  -8.965  1.00 85.65  ? 14  G   A N3    1 
ATOM   257 C C4    . G   A 1 12 ? -4.101  -1.328  -8.106  1.00 84.79  ? 14  G   A C4    1 
ATOM   258 P P     . U   A 1 13 ? -8.939  -3.289  -11.412 1.00 96.23  ? 15  U   A P     1 
ATOM   259 O OP1   . U   A 1 13 ? -9.777  -3.526  -12.614 1.00 96.07  ? 15  U   A OP1   1 
ATOM   260 O OP2   . U   A 1 13 ? -9.536  -3.481  -10.062 1.00 95.98  ? 15  U   A OP2   1 
ATOM   261 O "O5'" . U   A 1 13 ? -7.604  -4.154  -11.525 1.00 95.09  ? 15  U   A "O5'" 1 
ATOM   262 C "C5'" . U   A 1 13 ? -6.788  -4.071  -12.692 1.00 94.83  ? 15  U   A "C5'" 1 
ATOM   263 C "C4'" . U   A 1 13 ? -5.428  -4.691  -12.446 1.00 95.41  ? 15  U   A "C4'" 1 
ATOM   264 O "O4'" . U   A 1 13 ? -4.734  -3.944  -11.412 1.00 95.77  ? 15  U   A "O4'" 1 
ATOM   265 C "C3'" . U   A 1 13 ? -5.387  -6.128  -11.941 1.00 95.68  ? 15  U   A "C3'" 1 
ATOM   266 O "O3'" . U   A 1 13 ? -5.513  -7.077  -12.994 1.00 97.29  ? 15  U   A "O3'" 1 
ATOM   267 C "C2'" . U   A 1 13 ? -3.993  -6.195  -11.339 1.00 94.17  ? 15  U   A "C2'" 1 
ATOM   268 O "O2'" . U   A 1 13 ? -2.995  -6.328  -12.325 1.00 92.41  ? 15  U   A "O2'" 1 
ATOM   269 C "C1'" . U   A 1 13 ? -3.889  -4.821  -10.678 1.00 93.85  ? 15  U   A "C1'" 1 
ATOM   270 N N1    . U   A 1 13 ? -4.322  -4.847  -9.272  1.00 92.70  ? 15  U   A N1    1 
ATOM   271 C C2    . U   A 1 13 ? -3.437  -5.353  -8.343  1.00 92.58  ? 15  U   A C2    1 
ATOM   272 O O2    . U   A 1 13 ? -2.335  -5.762  -8.636  1.00 93.13  ? 15  U   A O2    1 
ATOM   273 N N3    . U   A 1 13 ? -3.890  -5.365  -7.055  1.00 94.16  ? 15  U   A N3    1 
ATOM   274 C C4    . U   A 1 13 ? -5.111  -4.930  -6.598  1.00 95.81  ? 15  U   A C4    1 
ATOM   275 O O4    . U   A 1 13 ? -5.337  -4.939  -5.384  1.00 97.16  ? 15  U   A O4    1 
ATOM   276 C C5    . U   A 1 13 ? -5.981  -4.422  -7.616  1.00 95.00  ? 15  U   A C5    1 
ATOM   277 C C6    . U   A 1 13 ? -5.565  -4.396  -8.886  1.00 93.83  ? 15  U   A C6    1 
ATOM   278 P P     . G   A 1 14 ? -6.408  -8.401  -12.777 1.00 99.32  ? 16  G   A P     1 
ATOM   279 O OP1   . G   A 1 14 ? -6.748  -8.918  -14.126 1.00 99.92  ? 16  G   A OP1   1 
ATOM   280 O OP2   . G   A 1 14 ? -7.500  -8.096  -11.813 1.00 97.11  ? 16  G   A OP2   1 
ATOM   281 O "O5'" . G   A 1 14 ? -5.435  -9.452  -12.077 1.00 97.49  ? 16  G   A "O5'" 1 
ATOM   282 C "C5'" . G   A 1 14 ? -4.144  -9.739  -12.600 1.00 95.87  ? 16  G   A "C5'" 1 
ATOM   283 C "C4'" . G   A 1 14 ? -3.271  -10.267 -11.498 1.00 96.52  ? 16  G   A "C4'" 1 
ATOM   284 O "O4'" . G   A 1 14 ? -3.410  -9.370  -10.395 1.00 96.55  ? 16  G   A "O4'" 1 
ATOM   285 C "C3'" . G   A 1 14 ? -3.625  -11.655 -10.959 1.00 98.23  ? 16  G   A "C3'" 1 
ATOM   286 O "O3'" . G   A 1 14 ? -2.609  -12.513 -11.483 1.00 100.49 ? 16  G   A "O3'" 1 
ATOM   287 C "C2'" . G   A 1 14 ? -3.379  -11.566 -9.446  1.00 97.90  ? 16  G   A "C2'" 1 
ATOM   288 O "O2'" . G   A 1 14 ? -2.230  -12.268 -9.015  1.00 100.23 ? 16  G   A "O2'" 1 
ATOM   289 C "C1'" . G   A 1 14 ? -3.149  -10.070 -9.217  1.00 96.44  ? 16  G   A "C1'" 1 
ATOM   290 N N9    . G   A 1 14 ? -3.808  -9.416  -8.093  1.00 95.40  ? 16  G   A N9    1 
ATOM   291 C C8    . G   A 1 14 ? -4.933  -8.624  -8.102  1.00 95.01  ? 16  G   A C8    1 
ATOM   292 N N7    . G   A 1 14 ? -5.243  -8.168  -6.919  1.00 95.03  ? 16  G   A N7    1 
ATOM   293 C C5    . G   A 1 14 ? -4.270  -8.701  -6.080  1.00 95.14  ? 16  G   A C5    1 
ATOM   294 C C6    . G   A 1 14 ? -4.087  -8.578  -4.673  1.00 95.49  ? 16  G   A C6    1 
ATOM   295 O O6    . G   A 1 14 ? -4.770  -7.945  -3.855  1.00 96.95  ? 16  G   A O6    1 
ATOM   296 N N1    . G   A 1 14 ? -2.972  -9.288  -4.239  1.00 94.18  ? 16  G   A N1    1 
ATOM   297 C C2    . G   A 1 14 ? -2.138  -10.019 -5.046  1.00 92.90  ? 16  G   A C2    1 
ATOM   298 N N2    . G   A 1 14 ? -1.106  -10.622 -4.448  1.00 91.21  ? 16  G   A N2    1 
ATOM   299 N N3    . G   A 1 14 ? -2.300  -10.145 -6.345  1.00 93.16  ? 16  G   A N3    1 
ATOM   300 C C4    . G   A 1 14 ? -3.379  -9.469  -6.792  1.00 94.56  ? 16  G   A C4    1 
ATOM   301 P P     . A   A 1 15 ? -2.927  -14.018 -11.947 1.00 102.06 ? 17  A   A P     1 
ATOM   302 O OP1   . A   A 1 15 ? -1.634  -14.725 -11.754 1.00 99.21  ? 17  A   A OP1   1 
ATOM   303 O OP2   . A   A 1 15 ? -3.519  -13.921 -13.304 1.00 101.62 ? 17  A   A OP2   1 
ATOM   304 O "O5'" . A   A 1 15 ? -3.982  -14.633 -10.914 1.00 103.23 ? 17  A   A "O5'" 1 
ATOM   305 C "C5'" . A   A 1 15 ? -5.379  -14.667 -11.224 1.00 104.76 ? 17  A   A "C5'" 1 
ATOM   306 C "C4'" . A   A 1 15 ? -5.997  -16.033 -10.922 1.00 105.22 ? 17  A   A "C4'" 1 
ATOM   307 O "O4'" . A   A 1 15 ? -5.506  -17.061 -11.826 1.00 105.23 ? 17  A   A "O4'" 1 
ATOM   308 C "C3'" . A   A 1 15 ? -5.785  -16.684 -9.563  1.00 105.23 ? 17  A   A "C3'" 1 
ATOM   309 O "O3'" . A   A 1 15 ? -6.547  -16.075 -8.523  1.00 104.17 ? 17  A   A "O3'" 1 
ATOM   310 C "C2'" . A   A 1 15 ? -6.251  -18.123 -9.825  1.00 105.22 ? 17  A   A "C2'" 1 
ATOM   311 O "O2'" . A   A 1 15 ? -7.643  -18.343 -9.721  1.00 104.54 ? 17  A   A "O2'" 1 
ATOM   312 C "C1'" . A   A 1 15 ? -5.821  -18.338 -11.278 1.00 104.77 ? 17  A   A "C1'" 1 
ATOM   313 N N9    . A   A 1 15 ? -4.661  -19.222 -11.356 1.00 103.97 ? 17  A   A N9    1 
ATOM   314 C C8    . A   A 1 15 ? -3.350  -18.913 -11.615 1.00 104.62 ? 17  A   A C8    1 
ATOM   315 N N7    . A   A 1 15 ? -2.543  -19.949 -11.565 1.00 104.36 ? 17  A   A N7    1 
ATOM   316 C C5    . A   A 1 15 ? -3.383  -21.011 -11.265 1.00 103.74 ? 17  A   A C5    1 
ATOM   317 C C6    . A   A 1 15 ? -3.138  -22.379 -11.071 1.00 103.53 ? 17  A   A C6    1 
ATOM   318 N N6    . A   A 1 15 ? -1.925  -22.924 -11.158 1.00 104.03 ? 17  A   A N6    1 
ATOM   319 N N1    . A   A 1 15 ? -4.191  -23.175 -10.780 1.00 103.74 ? 17  A   A N1    1 
ATOM   320 C C2    . A   A 1 15 ? -5.409  -22.616 -10.690 1.00 104.67 ? 17  A   A C2    1 
ATOM   321 N N3    . A   A 1 15 ? -5.766  -21.337 -10.852 1.00 104.91 ? 17  A   A N3    1 
ATOM   322 C C4    . A   A 1 15 ? -4.692  -20.580 -11.141 1.00 104.26 ? 17  A   A C4    1 
ATOM   323 P P     . A   A 1 16 ? -6.112  -16.296 -6.987  1.00 103.56 ? 18  A   A P     1 
ATOM   324 O OP1   . A   A 1 16 ? -7.111  -15.587 -6.154  1.00 103.69 ? 18  A   A OP1   1 
ATOM   325 O OP2   . A   A 1 16 ? -4.668  -15.982 -6.834  1.00 101.95 ? 18  A   A OP2   1 
ATOM   326 O "O5'" . A   A 1 16 ? -6.313  -17.859 -6.744  1.00 103.91 ? 18  A   A "O5'" 1 
ATOM   327 C "C5'" . A   A 1 16 ? -7.620  -18.406 -6.582  1.00 102.64 ? 18  A   A "C5'" 1 
ATOM   328 C "C4'" . A   A 1 16 ? -7.538  -19.868 -6.214  1.00 101.90 ? 18  A   A "C4'" 1 
ATOM   329 O "O4'" . A   A 1 16 ? -6.982  -20.617 -7.323  1.00 100.79 ? 18  A   A "O4'" 1 
ATOM   330 C "C3'" . A   A 1 16 ? -6.629  -20.200 -5.043  1.00 101.74 ? 18  A   A "C3'" 1 
ATOM   331 O "O3'" . A   A 1 16 ? -7.313  -20.032 -3.803  1.00 103.44 ? 18  A   A "O3'" 1 
ATOM   332 C "C2'" . A   A 1 16 ? -6.328  -21.670 -5.299  1.00 101.07 ? 18  A   A "C2'" 1 
ATOM   333 O "O2'" . A   A 1 16 ? -7.371  -22.533 -4.905  1.00 102.83 ? 18  A   A "O2'" 1 
ATOM   334 C "C1'" . A   A 1 16 ? -6.218  -21.696 -6.821  1.00 100.94 ? 18  A   A "C1'" 1 
ATOM   335 N N9    . A   A 1 16 ? -4.834  -21.520 -7.247  1.00 101.47 ? 18  A   A N9    1 
ATOM   336 C C8    . A   A 1 16 ? -4.183  -20.358 -7.563  1.00 100.31 ? 18  A   A C8    1 
ATOM   337 N N7    . A   A 1 16 ? -2.925  -20.532 -7.885  1.00 101.24 ? 18  A   A N7    1 
ATOM   338 C C5    . A   A 1 16 ? -2.739  -21.903 -7.784  1.00 101.14 ? 18  A   A C5    1 
ATOM   339 C C6    . A   A 1 16 ? -1.622  -22.726 -8.008  1.00 102.17 ? 18  A   A C6    1 
ATOM   340 N N6    . A   A 1 16 ? -0.430  -22.268 -8.401  1.00 102.63 ? 18  A   A N6    1 
ATOM   341 N N1    . A   A 1 16 ? -1.773  -24.054 -7.818  1.00 102.26 ? 18  A   A N1    1 
ATOM   342 C C2    . A   A 1 16 ? -2.969  -24.512 -7.430  1.00 101.82 ? 18  A   A C2    1 
ATOM   343 N N3    . A   A 1 16 ? -4.091  -23.841 -7.194  1.00 101.00 ? 18  A   A N3    1 
ATOM   344 C C4    . A   A 1 16 ? -3.906  -22.524 -7.393  1.00 101.41 ? 18  A   A C4    1 
ATOM   345 P P     . G   A 1 17 ? -7.110  -18.684 -2.940  1.00 103.46 ? 19  G   A P     1 
ATOM   346 O OP1   . G   A 1 17 ? -8.390  -17.927 -3.012  1.00 100.33 ? 19  G   A OP1   1 
ATOM   347 O OP2   . G   A 1 17 ? -5.838  -18.019 -3.336  1.00 102.82 ? 19  G   A OP2   1 
ATOM   348 O "O5'" . G   A 1 17 ? -6.921  -19.205 -1.446  1.00 101.24 ? 19  G   A "O5'" 1 
ATOM   349 C "C5'" . G   A 1 17 ? -5.903  -20.144 -1.111  1.00 99.81  ? 19  G   A "C5'" 1 
ATOM   350 C "C4'" . G   A 1 17 ? -5.301  -19.803 0.236   1.00 100.83 ? 19  G   A "C4'" 1 
ATOM   351 O "O4'" . G   A 1 17 ? -4.428  -18.648 0.111   1.00 101.65 ? 19  G   A "O4'" 1 
ATOM   352 C "C3'" . G   A 1 17 ? -6.292  -19.420 1.325   1.00 100.79 ? 19  G   A "C3'" 1 
ATOM   353 O "O3'" . G   A 1 17 ? -6.811  -20.557 1.997   1.00 101.99 ? 19  G   A "O3'" 1 
ATOM   354 C "C2'" . G   A 1 17 ? -5.433  -18.544 2.218   1.00 100.61 ? 19  G   A "C2'" 1 
ATOM   355 O "O2'" . G   A 1 17 ? -4.503  -19.302 2.963   1.00 99.19  ? 19  G   A "O2'" 1 
ATOM   356 C "C1'" . G   A 1 17 ? -4.684  -17.730 1.163   1.00 101.22 ? 19  G   A "C1'" 1 
ATOM   357 N N9    . G   A 1 17 ? -5.485  -16.633 0.611   1.00 101.88 ? 19  G   A N9    1 
ATOM   358 C C8    . G   A 1 17 ? -5.911  -16.501 -0.690  1.00 102.01 ? 19  G   A C8    1 
ATOM   359 N N7    . G   A 1 17 ? -6.664  -15.455 -0.883  1.00 101.47 ? 19  G   A N7    1 
ATOM   360 C C5    . G   A 1 17 ? -6.737  -14.848 0.359   1.00 102.84 ? 19  G   A C5    1 
ATOM   361 C C6    . G   A 1 17 ? -7.445  -13.688 0.771   1.00 104.04 ? 19  G   A C6    1 
ATOM   362 O O6    . G   A 1 17 ? -8.175  -12.951 0.094   1.00 103.84 ? 19  G   A O6    1 
ATOM   363 N N1    . G   A 1 17 ? -7.248  -13.423 2.125   1.00 105.56 ? 19  G   A N1    1 
ATOM   364 C C2    . G   A 1 17 ? -6.473  -14.185 2.977   1.00 106.71 ? 19  G   A C2    1 
ATOM   365 N N2    . G   A 1 17 ? -6.401  -13.776 4.257   1.00 106.69 ? 19  G   A N2    1 
ATOM   366 N N3    . G   A 1 17 ? -5.815  -15.273 2.601   1.00 106.36 ? 19  G   A N3    1 
ATOM   367 C C4    . G   A 1 17 ? -5.994  -15.547 1.290   1.00 103.29 ? 19  G   A C4    1 
ATOM   368 P P     . U   A 1 18 ? -8.374  -20.620 2.357   1.00 103.47 ? 20  U   A P     1 
ATOM   369 O OP1   . U   A 1 18 ? -8.607  -22.008 2.826   1.00 103.18 ? 20  U   A OP1   1 
ATOM   370 O OP2   . U   A 1 18 ? -9.186  -20.077 1.231   1.00 101.20 ? 20  U   A OP2   1 
ATOM   371 O "O5'" . U   A 1 18 ? -8.496  -19.628 3.594   1.00 103.92 ? 20  U   A "O5'" 1 
ATOM   372 C "C5'" . U   A 1 18 ? -7.628  -19.776 4.714   1.00 108.62 ? 20  U   A "C5'" 1 
ATOM   373 C "C4'" . U   A 1 18 ? -7.957  -18.760 5.782   1.00 111.13 ? 20  U   A "C4'" 1 
ATOM   374 O "O4'" . U   A 1 18 ? -7.562  -17.430 5.342   1.00 112.33 ? 20  U   A "O4'" 1 
ATOM   375 C "C3'" . U   A 1 18 ? -9.432  -18.617 6.123   1.00 112.03 ? 20  U   A "C3'" 1 
ATOM   376 O "O3'" . U   A 1 18 ? -9.880  -19.631 7.013   1.00 111.13 ? 20  U   A "O3'" 1 
ATOM   377 C "C2'" . U   A 1 18 ? -9.473  -17.220 6.730   1.00 111.85 ? 20  U   A "C2'" 1 
ATOM   378 O "O2'" . U   A 1 18 ? -8.981  -17.162 8.055   1.00 111.63 ? 20  U   A "O2'" 1 
ATOM   379 C "C1'" . U   A 1 18 ? -8.514  -16.475 5.802   1.00 111.44 ? 20  U   A "C1'" 1 
ATOM   380 N N1    . U   A 1 18 ? -9.214  -15.906 4.638   1.00 110.64 ? 20  U   A N1    1 
ATOM   381 C C2    . U   A 1 18 ? -9.844  -14.684 4.803   1.00 110.77 ? 20  U   A C2    1 
ATOM   382 O O2    . U   A 1 18 ? -9.826  -14.062 5.858   1.00 113.14 ? 20  U   A O2    1 
ATOM   383 N N3    . U   A 1 18 ? -10.494 -14.213 3.689   1.00 108.40 ? 20  U   A N3    1 
ATOM   384 C C4    . U   A 1 18 ? -10.575 -14.818 2.461   1.00 106.93 ? 20  U   A C4    1 
ATOM   385 O O4    . U   A 1 18 ? -11.196 -14.266 1.564   1.00 106.71 ? 20  U   A O4    1 
ATOM   386 C C5    . U   A 1 18 ? -9.900  -16.070 2.363   1.00 107.78 ? 20  U   A C5    1 
ATOM   387 C C6    . U   A 1 18 ? -9.259  -16.561 3.426   1.00 109.18 ? 20  U   A C6    1 
ATOM   388 P P     . C   A 1 19 ? -11.421 -20.077 6.985   1.00 110.79 ? 21  C   A P     1 
ATOM   389 O OP1   . C   A 1 19 ? -11.547 -21.167 7.979   1.00 110.29 ? 21  C   A OP1   1 
ATOM   390 O OP2   . C   A 1 19 ? -11.853 -20.302 5.585   1.00 110.92 ? 21  C   A OP2   1 
ATOM   391 O "O5'" . C   A 1 19 ? -12.198 -18.798 7.513   1.00 110.22 ? 21  C   A "O5'" 1 
ATOM   392 C "C5'" . C   A 1 19 ? -12.007 -18.337 8.841   1.00 112.07 ? 21  C   A "C5'" 1 
ATOM   393 C "C4'" . C   A 1 19 ? -12.845 -17.113 9.085   1.00 113.99 ? 21  C   A "C4'" 1 
ATOM   394 O "O4'" . C   A 1 19 ? -12.378 -16.043 8.223   1.00 113.92 ? 21  C   A "O4'" 1 
ATOM   395 C "C3'" . C   A 1 19 ? -14.315 -17.261 8.729   1.00 115.96 ? 21  C   A "C3'" 1 
ATOM   396 O "O3'" . C   A 1 19 ? -15.056 -17.885 9.776   1.00 118.72 ? 21  C   A "O3'" 1 
ATOM   397 C "C2'" . C   A 1 19 ? -14.725 -15.817 8.477   1.00 114.80 ? 21  C   A "C2'" 1 
ATOM   398 O "O2'" . C   A 1 19 ? -14.959 -15.076 9.656   1.00 113.54 ? 21  C   A "O2'" 1 
ATOM   399 C "C1'" . C   A 1 19 ? -13.483 -15.281 7.768   1.00 113.72 ? 21  C   A "C1'" 1 
ATOM   400 N N1    . C   A 1 19 ? -13.574 -15.416 6.304   1.00 113.20 ? 21  C   A N1    1 
ATOM   401 C C2    . C   A 1 19 ? -14.266 -14.434 5.581   1.00 112.49 ? 21  C   A C2    1 
ATOM   402 O O2    . C   A 1 19 ? -14.788 -13.493 6.193   1.00 112.02 ? 21  C   A O2    1 
ATOM   403 N N3    . C   A 1 19 ? -14.352 -14.539 4.237   1.00 111.69 ? 21  C   A N3    1 
ATOM   404 C C4    . C   A 1 19 ? -13.786 -15.571 3.612   1.00 112.66 ? 21  C   A C4    1 
ATOM   405 N N4    . C   A 1 19 ? -13.896 -15.628 2.282   1.00 111.98 ? 21  C   A N4    1 
ATOM   406 C C5    . C   A 1 19 ? -13.080 -16.593 4.322   1.00 113.66 ? 21  C   A C5    1 
ATOM   407 C C6    . C   A 1 19 ? -13.000 -16.476 5.654   1.00 113.37 ? 21  C   A C6    1 
ATOM   408 P P     . G   A 1 20 ? -16.231 -18.932 9.413   1.00 120.88 ? 22  G   A P     1 
ATOM   409 O OP1   . G   A 1 20 ? -16.595 -19.627 10.681  1.00 120.82 ? 22  G   A OP1   1 
ATOM   410 O OP2   . G   A 1 20 ? -15.810 -19.744 8.231   1.00 121.10 ? 22  G   A OP2   1 
ATOM   411 O "O5'" . G   A 1 20 ? -17.445 -17.995 8.968   1.00 116.24 ? 22  G   A "O5'" 1 
ATOM   412 C "C5'" . G   A 1 20 ? -17.974 -17.053 9.880   1.00 112.59 ? 22  G   A "C5'" 1 
ATOM   413 C "C4'" . G   A 1 20 ? -18.672 -15.932 9.158   1.00 111.76 ? 22  G   A "C4'" 1 
ATOM   414 O "O4'" . G   A 1 20 ? -17.781 -15.338 8.180   1.00 110.38 ? 22  G   A "O4'" 1 
ATOM   415 C "C3'" . G   A 1 20 ? -19.885 -16.269 8.311   1.00 112.41 ? 22  G   A "C3'" 1 
ATOM   416 O "O3'" . G   A 1 20 ? -21.049 -16.526 9.094   1.00 114.01 ? 22  G   A "O3'" 1 
ATOM   417 C "C2'" . G   A 1 20 ? -20.023 -14.988 7.493   1.00 110.95 ? 22  G   A "C2'" 1 
ATOM   418 O "O2'" . G   A 1 20 ? -20.615 -13.911 8.193   1.00 109.11 ? 22  G   A "O2'" 1 
ATOM   419 C "C1'" . G   A 1 20 ? -18.557 -14.670 7.192   1.00 109.24 ? 22  G   A "C1'" 1 
ATOM   420 N N9    . G   A 1 20 ? -18.202 -15.160 5.862   1.00 107.36 ? 22  G   A N9    1 
ATOM   421 C C8    . G   A 1 20 ? -17.449 -16.267 5.531   1.00 106.22 ? 22  G   A C8    1 
ATOM   422 N N7    . G   A 1 20 ? -17.386 -16.473 4.242   1.00 105.31 ? 22  G   A N7    1 
ATOM   423 C C5    . G   A 1 20 ? -18.126 -15.432 3.688   1.00 105.27 ? 22  G   A C5    1 
ATOM   424 C C6    . G   A 1 20 ? -18.432 -15.130 2.326   1.00 104.74 ? 22  G   A C6    1 
ATOM   425 O O6    . G   A 1 20 ? -18.095 -15.737 1.308   1.00 105.79 ? 22  G   A O6    1 
ATOM   426 N N1    . G   A 1 20 ? -19.216 -13.986 2.219   1.00 104.01 ? 22  G   A N1    1 
ATOM   427 C C2    . G   A 1 20 ? -19.647 -13.223 3.273   1.00 104.23 ? 22  G   A C2    1 
ATOM   428 N N2    . G   A 1 20 ? -20.391 -12.149 2.960   1.00 104.47 ? 22  G   A N2    1 
ATOM   429 N N3    . G   A 1 20 ? -19.369 -13.488 4.540   1.00 104.25 ? 22  G   A N3    1 
ATOM   430 C C4    . G   A 1 20 ? -18.615 -14.603 4.672   1.00 105.50 ? 22  G   A C4    1 
ATOM   431 P P     . C   A 1 21 ? -22.295 -17.316 8.440   1.00 115.23 ? 23  C   A P     1 
ATOM   432 O OP1   . C   A 1 21 ? -23.386 -17.250 9.449   1.00 116.35 ? 23  C   A OP1   1 
ATOM   433 O OP2   . C   A 1 21 ? -21.844 -18.645 7.933   1.00 114.83 ? 23  C   A OP2   1 
ATOM   434 O "O5'" . C   A 1 21 ? -22.725 -16.420 7.190   1.00 111.91 ? 23  C   A "O5'" 1 
ATOM   435 C "C5'" . C   A 1 21 ? -23.386 -15.169 7.377   1.00 108.48 ? 23  C   A "C5'" 1 
ATOM   436 C "C4'" . C   A 1 21 ? -24.057 -14.741 6.099   1.00 106.93 ? 23  C   A "C4'" 1 
ATOM   437 O "O4'" . C   A 1 21 ? -23.053 -14.383 5.114   1.00 106.15 ? 23  C   A "O4'" 1 
ATOM   438 C "C3'" . C   A 1 21 ? -24.877 -15.821 5.414   1.00 106.11 ? 23  C   A "C3'" 1 
ATOM   439 O "O3'" . C   A 1 21 ? -26.137 -16.066 6.025   1.00 106.60 ? 23  C   A "O3'" 1 
ATOM   440 C "C2'" . C   A 1 21 ? -24.921 -15.326 3.975   1.00 106.06 ? 23  C   A "C2'" 1 
ATOM   441 O "O2'" . C   A 1 21 ? -25.892 -14.311 3.770   1.00 105.05 ? 23  C   A "O2'" 1 
ATOM   442 C "C1'" . C   A 1 21 ? -23.501 -14.762 3.816   1.00 104.36 ? 23  C   A "C1'" 1 
ATOM   443 N N1    . C   A 1 21 ? -22.536 -15.730 3.238   1.00 99.92  ? 23  C   A N1    1 
ATOM   444 C C2    . C   A 1 21 ? -22.347 -15.754 1.844   1.00 98.29  ? 23  C   A C2    1 
ATOM   445 O O2    . C   A 1 21 ? -22.985 -14.952 1.135   1.00 98.16  ? 23  C   A O2    1 
ATOM   446 N N3    . C   A 1 21 ? -21.474 -16.648 1.307   1.00 96.21  ? 23  C   A N3    1 
ATOM   447 C C4    . C   A 1 21 ? -20.802 -17.487 2.102   1.00 95.87  ? 23  C   A C4    1 
ATOM   448 N N4    . C   A 1 21 ? -19.957 -18.356 1.533   1.00 92.22  ? 23  C   A N4    1 
ATOM   449 C C5    . C   A 1 21 ? -20.968 -17.478 3.518   1.00 97.26  ? 23  C   A C5    1 
ATOM   450 C C6    . C   A 1 21 ? -21.836 -16.593 4.038   1.00 98.56  ? 23  C   A C6    1 
ATOM   451 O OP3   . G   B 1 1  ? -19.061 -18.201 -9.820  1.00 140.29 ? 26  G   B OP3   1 
ATOM   452 P P     . G   B 1 1  ? -18.060 -17.051 -9.793  1.00 140.76 ? 26  G   B P     1 
ATOM   453 O OP1   . G   B 1 1  ? -17.647 -16.591 -11.188 1.00 140.50 ? 26  G   B OP1   1 
ATOM   454 O OP2   . G   B 1 1  ? -16.862 -17.325 -8.904  1.00 140.31 ? 26  G   B OP2   1 
ATOM   455 O "O5'" . G   B 1 1  ? -18.845 -15.804 -9.092  1.00 137.92 ? 26  G   B "O5'" 1 
ATOM   456 C "C5'" . G   B 1 1  ? -19.865 -15.086 -9.806  1.00 135.63 ? 26  G   B "C5'" 1 
ATOM   457 C "C4'" . G   B 1 1  ? -20.976 -14.666 -8.870  1.00 133.90 ? 26  G   B "C4'" 1 
ATOM   458 O "O4'" . G   B 1 1  ? -21.591 -15.837 -8.272  1.00 133.39 ? 26  G   B "O4'" 1 
ATOM   459 C "C3'" . G   B 1 1  ? -20.572 -13.807 -7.685  1.00 132.78 ? 26  G   B "C3'" 1 
ATOM   460 O "O3'" . G   B 1 1  ? -20.470 -12.437 -8.067  1.00 130.84 ? 26  G   B "O3'" 1 
ATOM   461 C "C2'" . G   B 1 1  ? -21.725 -14.034 -6.712  1.00 133.10 ? 26  G   B "C2'" 1 
ATOM   462 O "O2'" . G   B 1 1  ? -22.841 -13.199 -6.936  1.00 132.61 ? 26  G   B "O2'" 1 
ATOM   463 C "C1'" . G   B 1 1  ? -22.083 -15.501 -6.982  1.00 133.97 ? 26  G   B "C1'" 1 
ATOM   464 N N9    . G   B 1 1  ? -21.489 -16.408 -6.002  1.00 135.13 ? 26  G   B N9    1 
ATOM   465 C C8    . G   B 1 1  ? -20.679 -17.494 -6.246  1.00 135.81 ? 26  G   B C8    1 
ATOM   466 N N7    . G   B 1 1  ? -20.265 -18.080 -5.155  1.00 135.42 ? 26  G   B N7    1 
ATOM   467 C C5    . G   B 1 1  ? -20.844 -17.345 -4.128  1.00 135.54 ? 26  G   B C5    1 
ATOM   468 C C6    . G   B 1 1  ? -20.748 -17.497 -2.719  1.00 136.02 ? 26  G   B C6    1 
ATOM   469 O O6    . G   B 1 1  ? -20.097 -18.333 -2.074  1.00 136.76 ? 26  G   B O6    1 
ATOM   470 N N1    . G   B 1 1  ? -21.510 -16.539 -2.047  1.00 135.64 ? 26  G   B N1    1 
ATOM   471 C C2    . G   B 1 1  ? -22.258 -15.557 -2.650  1.00 134.76 ? 26  G   B C2    1 
ATOM   472 N N2    . G   B 1 1  ? -22.932 -14.730 -1.828  1.00 133.01 ? 26  G   B N2    1 
ATOM   473 N N3    . G   B 1 1  ? -22.343 -15.396 -3.962  1.00 135.22 ? 26  G   B N3    1 
ATOM   474 C C4    . G   B 1 1  ? -21.617 -16.320 -4.634  1.00 135.23 ? 26  G   B C4    1 
ATOM   475 P P     . C   B 1 2  ? -19.546 -11.436 -7.212  1.00 130.00 ? 27  C   B P     1 
ATOM   476 O OP1   . C   B 1 2  ? -19.540 -10.121 -7.906  1.00 128.00 ? 27  C   B OP1   1 
ATOM   477 O OP2   . C   B 1 2  ? -18.261 -12.121 -6.917  1.00 128.23 ? 27  C   B OP2   1 
ATOM   478 O "O5'" . C   B 1 2  ? -20.345 -11.243 -5.849  1.00 130.15 ? 27  C   B "O5'" 1 
ATOM   479 C "C5'" . C   B 1 2  ? -21.429 -10.318 -5.761  1.00 129.59 ? 27  C   B "C5'" 1 
ATOM   480 C "C4'" . C   B 1 2  ? -21.745 -10.014 -4.315  1.00 128.69 ? 27  C   B "C4'" 1 
ATOM   481 O "O4'" . C   B 1 2  ? -22.200 -11.233 -3.664  1.00 128.84 ? 27  C   B "O4'" 1 
ATOM   482 C "C3'" . C   B 1 2  ? -20.578 -9.546  -3.452  1.00 128.09 ? 27  C   B "C3'" 1 
ATOM   483 O "O3'" . C   B 1 2  ? -20.340 -8.144  -3.565  1.00 126.67 ? 27  C   B "O3'" 1 
ATOM   484 C "C2'" . C   B 1 2  ? -21.056 -9.913  -2.056  1.00 128.89 ? 27  C   B "C2'" 1 
ATOM   485 O "O2'" . C   B 1 2  ? -21.985 -8.991  -1.519  1.00 129.43 ? 27  C   B "O2'" 1 
ATOM   486 C "C1'" . C   B 1 2  ? -21.731 -11.260 -2.321  1.00 129.02 ? 27  C   B "C1'" 1 
ATOM   487 N N1    . C   B 1 2  ? -20.774 -12.372 -2.171  1.00 128.40 ? 27  C   B N1    1 
ATOM   488 C C2    . C   B 1 2  ? -20.416 -12.790 -0.879  1.00 128.34 ? 27  C   B C2    1 
ATOM   489 O O2    . C   B 1 2  ? -20.936 -12.237 0.104   1.00 129.09 ? 27  C   B O2    1 
ATOM   490 N N3    . C   B 1 2  ? -19.516 -13.783 -0.734  1.00 128.22 ? 27  C   B N3    1 
ATOM   491 C C4    . C   B 1 2  ? -18.983 -14.362 -1.813  1.00 128.88 ? 27  C   B C4    1 
ATOM   492 N N4    . C   B 1 2  ? -18.095 -15.341 -1.624  1.00 128.84 ? 27  C   B N4    1 
ATOM   493 C C5    . C   B 1 2  ? -19.335 -13.964 -3.134  1.00 129.02 ? 27  C   B C5    1 
ATOM   494 C C6    . C   B 1 2  ? -20.226 -12.978 -3.266  1.00 128.52 ? 27  C   B C6    1 
ATOM   495 P P     . G   B 1 3  ? -18.899 -7.538  -3.158  1.00 125.02 ? 28  G   B P     1 
ATOM   496 O OP1   . G   B 1 3  ? -18.881 -6.110  -3.566  1.00 124.43 ? 28  G   B OP1   1 
ATOM   497 O OP2   . G   B 1 3  ? -17.851 -8.456  -3.668  1.00 124.53 ? 28  G   B OP2   1 
ATOM   498 O "O5'" . G   B 1 3  ? -18.874 -7.588  -1.563  1.00 122.35 ? 28  G   B "O5'" 1 
ATOM   499 C "C5'" . G   B 1 3  ? -19.557 -6.601  -0.797  1.00 117.88 ? 28  G   B "C5'" 1 
ATOM   500 C "C4'" . G   B 1 3  ? -19.313 -6.813  0.675   1.00 115.04 ? 28  G   B "C4'" 1 
ATOM   501 O "O4'" . G   B 1 3  ? -19.796 -8.132  1.047   1.00 113.86 ? 28  G   B "O4'" 1 
ATOM   502 C "C3'" . G   B 1 3  ? -17.863 -6.840  1.119   1.00 114.90 ? 28  G   B "C3'" 1 
ATOM   503 O "O3'" . G   B 1 3  ? -17.307 -5.544  1.276   1.00 116.42 ? 28  G   B "O3'" 1 
ATOM   504 C "C2'" . G   B 1 3  ? -17.963 -7.582  2.442   1.00 114.43 ? 28  G   B "C2'" 1 
ATOM   505 O "O2'" . G   B 1 3  ? -18.445 -6.796  3.514   1.00 116.80 ? 28  G   B "O2'" 1 
ATOM   506 C "C1'" . G   B 1 3  ? -18.987 -8.657  2.089   1.00 112.35 ? 28  G   B "C1'" 1 
ATOM   507 N N9    . G   B 1 3  ? -18.307 -9.853  1.607   1.00 109.47 ? 28  G   B N9    1 
ATOM   508 C C8    . G   B 1 3  ? -18.258 -10.341 0.320   1.00 109.17 ? 28  G   B C8    1 
ATOM   509 N N7    . G   B 1 3  ? -17.537 -11.424 0.211   1.00 106.68 ? 28  G   B N7    1 
ATOM   510 C C5    . G   B 1 3  ? -17.087 -11.665 1.501   1.00 106.15 ? 28  G   B C5    1 
ATOM   511 C C6    . G   B 1 3  ? -16.263 -12.699 2.009   1.00 105.48 ? 28  G   B C6    1 
ATOM   512 O O6    . G   B 1 3  ? -15.735 -13.634 1.399   1.00 103.53 ? 28  G   B O6    1 
ATOM   513 N N1    . G   B 1 3  ? -16.070 -12.569 3.383   1.00 105.98 ? 28  G   B N1    1 
ATOM   514 C C2    . G   B 1 3  ? -16.594 -11.571 4.166   1.00 105.29 ? 28  G   B C2    1 
ATOM   515 N N2    . G   B 1 3  ? -16.299 -11.623 5.471   1.00 103.37 ? 28  G   B N2    1 
ATOM   516 N N3    . G   B 1 3  ? -17.354 -10.595 3.702   1.00 105.90 ? 28  G   B N3    1 
ATOM   517 C C4    . G   B 1 3  ? -17.561 -10.707 2.373   1.00 107.35 ? 28  G   B C4    1 
ATOM   518 P P     . U   B 1 4  ? -15.710 -5.381  1.415   1.00 119.07 ? 29  U   B P     1 
ATOM   519 O OP1   . U   B 1 4  ? -15.397 -3.927  1.398   1.00 119.19 ? 29  U   B OP1   1 
ATOM   520 O OP2   . U   B 1 4  ? -15.059 -6.276  0.426   1.00 119.23 ? 29  U   B OP2   1 
ATOM   521 O "O5'" . U   B 1 4  ? -15.391 -5.934  2.877   1.00 116.13 ? 29  U   B "O5'" 1 
ATOM   522 C "C5'" . U   B 1 4  ? -15.809 -5.208  4.027   1.00 113.84 ? 29  U   B "C5'" 1 
ATOM   523 C "C4'" . U   B 1 4  ? -15.198 -5.793  5.275   1.00 112.47 ? 29  U   B "C4'" 1 
ATOM   524 O "O4'" . U   B 1 4  ? -15.709 -7.139  5.475   1.00 111.54 ? 29  U   B "O4'" 1 
ATOM   525 C "C3'" . U   B 1 4  ? -13.695 -5.996  5.246   1.00 112.90 ? 29  U   B "C3'" 1 
ATOM   526 O "O3'" . U   B 1 4  ? -12.932 -4.816  5.448   1.00 112.36 ? 29  U   B "O3'" 1 
ATOM   527 C "C2'" . U   B 1 4  ? -13.500 -7.044  6.333   1.00 111.59 ? 29  U   B "C2'" 1 
ATOM   528 O "O2'" . U   B 1 4  ? -13.531 -6.545  7.653   1.00 111.89 ? 29  U   B "O2'" 1 
ATOM   529 C "C1'" . U   B 1 4  ? -14.695 -7.954  6.057   1.00 110.54 ? 29  U   B "C1'" 1 
ATOM   530 N N1    . U   B 1 4  ? -14.292 -8.976  5.081   1.00 109.18 ? 29  U   B N1    1 
ATOM   531 C C2    . U   B 1 4  ? -13.629 -10.087 5.567   1.00 109.11 ? 29  U   B C2    1 
ATOM   532 O O2    . U   B 1 4  ? -13.451 -10.291 6.760   1.00 109.65 ? 29  U   B O2    1 
ATOM   533 N N3    . U   B 1 4  ? -13.182 -10.955 4.604   1.00 108.88 ? 29  U   B N3    1 
ATOM   534 C C4    . U   B 1 4  ? -13.340 -10.836 3.241   1.00 108.39 ? 29  U   B C4    1 
ATOM   535 O O4    . U   B 1 4  ? -12.763 -11.632 2.499   1.00 108.28 ? 29  U   B O4    1 
ATOM   536 C C5    . U   B 1 4  ? -14.084 -9.686  2.823   1.00 107.96 ? 29  U   B C5    1 
ATOM   537 C C6    . U   B 1 4  ? -14.526 -8.820  3.732   1.00 107.89 ? 29  U   B C6    1 
ATOM   538 P P     . C   B 1 5  ? -11.530 -4.657  4.675   1.00 113.05 ? 30  C   B P     1 
ATOM   539 O OP1   . C   B 1 5  ? -10.919 -3.364  5.066   1.00 112.75 ? 30  C   B OP1   1 
ATOM   540 O OP2   . C   B 1 5  ? -11.794 -4.942  3.233   1.00 112.93 ? 30  C   B OP2   1 
ATOM   541 O "O5'" . C   B 1 5  ? -10.634 -5.825  5.289   1.00 109.85 ? 30  C   B "O5'" 1 
ATOM   542 C "C5'" . C   B 1 5  ? -10.444 -5.912  6.696   1.00 106.66 ? 30  C   B "C5'" 1 
ATOM   543 C "C4'" . C   B 1 5  ? -9.619  -7.120  7.055   1.00 104.28 ? 30  C   B "C4'" 1 
ATOM   544 O "O4'" . C   B 1 5  ? -10.327 -8.330  6.675   1.00 103.37 ? 30  C   B "O4'" 1 
ATOM   545 C "C3'" . C   B 1 5  ? -8.287  -7.255  6.347   1.00 104.41 ? 30  C   B "C3'" 1 
ATOM   546 O "O3'" . C   B 1 5  ? -7.283  -6.439  6.922   1.00 106.39 ? 30  C   B "O3'" 1 
ATOM   547 C "C2'" . C   B 1 5  ? -8.002  -8.738  6.524   1.00 103.78 ? 30  C   B "C2'" 1 
ATOM   548 O "O2'" . C   B 1 5  ? -7.551  -9.066  7.822   1.00 103.37 ? 30  C   B "O2'" 1 
ATOM   549 C "C1'" . C   B 1 5  ? -9.391  -9.327  6.275   1.00 101.83 ? 30  C   B "C1'" 1 
ATOM   550 N N1    . C   B 1 5  ? -9.596  -9.627  4.838   1.00 99.12  ? 30  C   B N1    1 
ATOM   551 C C2    . C   B 1 5  ? -8.994  -10.782 4.289   1.00 96.39  ? 30  C   B C2    1 
ATOM   552 O O2    . C   B 1 5  ? -8.351  -11.541 5.038   1.00 93.44  ? 30  C   B O2    1 
ATOM   553 N N3    . C   B 1 5  ? -9.136  -11.033 2.962   1.00 94.22  ? 30  C   B N3    1 
ATOM   554 C C4    . C   B 1 5  ? -9.852  -10.199 2.196   1.00 94.83  ? 30  C   B C4    1 
ATOM   555 N N4    . C   B 1 5  ? -9.963  -10.477 0.897   1.00 94.06  ? 30  C   B N4    1 
ATOM   556 C C5    . C   B 1 5  ? -10.488 -9.038  2.729   1.00 95.83  ? 30  C   B C5    1 
ATOM   557 C C6    . C   B 1 5  ? -10.338 -8.792  4.040   1.00 97.71  ? 30  C   B C6    1 
ATOM   558 P P     . A   B 1 6  ? -6.082  -5.898  5.997   1.00 108.13 ? 31  A   B P     1 
ATOM   559 O OP1   . A   B 1 6  ? -5.328  -4.864  6.758   1.00 108.90 ? 31  A   B OP1   1 
ATOM   560 O OP2   . A   B 1 6  ? -6.659  -5.557  4.669   1.00 106.96 ? 31  A   B OP2   1 
ATOM   561 O "O5'" . A   B 1 6  ? -5.146  -7.170  5.812   1.00 104.02 ? 31  A   B "O5'" 1 
ATOM   562 C "C5'" . A   B 1 6  ? -4.623  -7.855  6.942   1.00 100.35 ? 31  A   B "C5'" 1 
ATOM   563 C "C4'" . A   B 1 6  ? -3.947  -9.127  6.508   1.00 98.23  ? 31  A   B "C4'" 1 
ATOM   564 O "O4'" . A   B 1 6  ? -4.936  -10.028 5.939   1.00 96.94  ? 31  A   B "O4'" 1 
ATOM   565 C "C3'" . A   B 1 6  ? -2.919  -8.964  5.402   1.00 97.29  ? 31  A   B "C3'" 1 
ATOM   566 O "O3'" . A   B 1 6  ? -1.662  -8.541  5.921   1.00 98.19  ? 31  A   B "O3'" 1 
ATOM   567 C "C2'" . A   B 1 6  ? -2.887  -10.364 4.801   1.00 95.76  ? 31  A   B "C2'" 1 
ATOM   568 O "O2'" . A   B 1 6  ? -2.153  -11.280 5.581   1.00 95.13  ? 31  A   B "O2'" 1 
ATOM   569 C "C1'" . A   B 1 6  ? -4.371  -10.737 4.844   1.00 94.60  ? 31  A   B "C1'" 1 
ATOM   570 N N9    . A   B 1 6  ? -5.080  -10.346 3.622   1.00 92.62  ? 31  A   B N9    1 
ATOM   571 C C8    . A   B 1 6  ? -5.966  -9.306  3.450   1.00 92.62  ? 31  A   B C8    1 
ATOM   572 N N7    . A   B 1 6  ? -6.400  -9.176  2.217   1.00 90.67  ? 31  A   B N7    1 
ATOM   573 C C5    . A   B 1 6  ? -5.767  -10.203 1.534   1.00 89.86  ? 31  A   B C5    1 
ATOM   574 C C6    . A   B 1 6  ? -5.800  -10.597 0.195   1.00 88.87  ? 31  A   B C6    1 
ATOM   575 N N6    . A   B 1 6  ? -6.514  -9.967  -0.743  1.00 89.17  ? 31  A   B N6    1 
ATOM   576 N N1    . A   B 1 6  ? -5.064  -11.670 -0.162  1.00 88.68  ? 31  A   B N1    1 
ATOM   577 C C2    . A   B 1 6  ? -4.342  -12.295 0.775   1.00 88.51  ? 31  A   B C2    1 
ATOM   578 N N3    . A   B 1 6  ? -4.220  -12.014 2.066   1.00 89.92  ? 31  A   B N3    1 
ATOM   579 C C4    . A   B 1 6  ? -4.964  -10.943 2.388   1.00 90.94  ? 31  A   B C4    1 
ATOM   580 P P     . C   B 1 7  ? -0.753  -7.503  5.082   1.00 100.32 ? 32  C   B P     1 
ATOM   581 O OP1   . C   B 1 7  ? 0.392   -7.100  5.936   1.00 98.79  ? 32  C   B OP1   1 
ATOM   582 O OP2   . C   B 1 7  ? -1.640  -6.454  4.496   1.00 99.38  ? 32  C   B OP2   1 
ATOM   583 O "O5'" . C   B 1 7  ? -0.180  -8.377  3.878   1.00 99.61  ? 32  C   B "O5'" 1 
ATOM   584 C "C5'" . C   B 1 7  ? 0.572   -9.564  4.125   1.00 97.69  ? 32  C   B "C5'" 1 
ATOM   585 C "C4'" . C   B 1 7  ? 0.847   -10.287 2.830   1.00 97.46  ? 32  C   B "C4'" 1 
ATOM   586 O "O4'" . C   B 1 7  ? -0.394  -10.784 2.263   1.00 97.40  ? 32  C   B "O4'" 1 
ATOM   587 C "C3'" . C   B 1 7  ? 1.413   -9.418  1.724   1.00 97.09  ? 32  C   B "C3'" 1 
ATOM   588 O "O3'" . C   B 1 7  ? 2.807   -9.246  1.884   1.00 97.22  ? 32  C   B "O3'" 1 
ATOM   589 C "C2'" . C   B 1 7  ? 1.068   -10.213 0.475   1.00 96.04  ? 32  C   B "C2'" 1 
ATOM   590 O "O2'" . C   B 1 7  ? 1.957   -11.277 0.248   1.00 95.30  ? 32  C   B "O2'" 1 
ATOM   591 C "C1'" . C   B 1 7  ? -0.314  -10.759 0.841   1.00 95.95  ? 32  C   B "C1'" 1 
ATOM   592 N N1    . C   B 1 7  ? -1.397  -9.908  0.313   1.00 94.70  ? 32  C   B N1    1 
ATOM   593 C C2    . C   B 1 7  ? -1.855  -10.138 -0.991  1.00 94.54  ? 32  C   B C2    1 
ATOM   594 O O2    . C   B 1 7  ? -1.380  -11.093 -1.636  1.00 94.97  ? 32  C   B O2    1 
ATOM   595 N N3    . C   B 1 7  ? -2.803  -9.321  -1.513  1.00 92.97  ? 32  C   B N3    1 
ATOM   596 C C4    . C   B 1 7  ? -3.297  -8.323  -0.781  1.00 91.55  ? 32  C   B C4    1 
ATOM   597 N N4    . C   B 1 7  ? -4.203  -7.525  -1.345  1.00 91.38  ? 32  C   B N4    1 
ATOM   598 C C5    . C   B 1 7  ? -2.877  -8.092  0.557   1.00 91.92  ? 32  C   B C5    1 
ATOM   599 C C6    . C   B 1 7  ? -1.935  -8.897  1.061   1.00 92.84  ? 32  C   B C6    1 
ATOM   600 P P     . A   B 1 8  ? 3.487   -7.886  1.382   1.00 99.11  ? 33  A   B P     1 
ATOM   601 O OP1   . A   B 1 8  ? 4.869   -7.901  1.925   1.00 97.60  ? 33  A   B OP1   1 
ATOM   602 O OP2   . A   B 1 8  ? 2.585   -6.743  1.696   1.00 97.74  ? 33  A   B OP2   1 
ATOM   603 O "O5'" . A   B 1 8  ? 3.523   -8.061  -0.204  1.00 98.63  ? 33  A   B "O5'" 1 
ATOM   604 C "C5'" . A   B 1 8  ? 4.204   -9.159  -0.798  1.00 97.63  ? 33  A   B "C5'" 1 
ATOM   605 C "C4'" . A   B 1 8  ? 4.015   -9.151  -2.292  1.00 97.53  ? 33  A   B "C4'" 1 
ATOM   606 O "O4'" . A   B 1 8  ? 2.649   -9.509  -2.620  1.00 98.32  ? 33  A   B "O4'" 1 
ATOM   607 C "C3'" . A   B 1 8  ? 4.212   -7.814  -2.978  1.00 98.12  ? 33  A   B "C3'" 1 
ATOM   608 O "O3'" . A   B 1 8  ? 5.589   -7.529  -3.182  1.00 98.91  ? 33  A   B "O3'" 1 
ATOM   609 C "C2'" . A   B 1 8  ? 3.460   -8.022  -4.287  1.00 99.28  ? 33  A   B "C2'" 1 
ATOM   610 O "O2'" . A   B 1 8  ? 4.208   -8.722  -5.266  1.00 98.24  ? 33  A   B "O2'" 1 
ATOM   611 C "C1'" . A   B 1 8  ? 2.262   -8.851  -3.816  1.00 98.99  ? 33  A   B "C1'" 1 
ATOM   612 N N9    . A   B 1 8  ? 1.092   -8.024  -3.522  1.00 100.38 ? 33  A   B N9    1 
ATOM   613 C C8    . A   B 1 8  ? 0.652   -7.573  -2.298  1.00 101.12 ? 33  A   B C8    1 
ATOM   614 N N7    . A   B 1 8  ? -0.437  -6.846  -2.362  1.00 100.63 ? 33  A   B N7    1 
ATOM   615 C C5    . A   B 1 8  ? -0.737  -6.815  -3.715  1.00 101.63 ? 33  A   B C5    1 
ATOM   616 C C6    . A   B 1 8  ? -1.781  -6.211  -4.439  1.00 102.45 ? 33  A   B C6    1 
ATOM   617 N N6    . A   B 1 8  ? -2.761  -5.496  -3.876  1.00 102.45 ? 33  A   B N6    1 
ATOM   618 N N1    . A   B 1 8  ? -1.788  -6.373  -5.782  1.00 102.51 ? 33  A   B N1    1 
ATOM   619 C C2    . A   B 1 8  ? -0.811  -7.093  -6.346  1.00 103.12 ? 33  A   B C2    1 
ATOM   620 N N3    . A   B 1 8  ? 0.221   -7.714  -5.772  1.00 103.04 ? 33  A   B N3    1 
ATOM   621 C C4    . A   B 1 8  ? 0.198   -7.534  -4.441  1.00 101.69 ? 33  A   B C4    1 
ATOM   622 P P     . C   B 1 9  ? 6.088   -6.001  -3.232  1.00 100.60 ? 34  C   B P     1 
ATOM   623 O OP1   . C   B 1 9  ? 7.562   -6.015  -3.096  1.00 100.92 ? 34  C   B OP1   1 
ATOM   624 O OP2   . C   B 1 9  ? 5.284   -5.216  -2.262  1.00 100.86 ? 34  C   B OP2   1 
ATOM   625 O "O5'" . C   B 1 9  ? 5.709   -5.520  -4.708  1.00 99.85  ? 34  C   B "O5'" 1 
ATOM   626 C "C5'" . C   B 1 9  ? 6.350   -6.095  -5.848  1.00 99.94  ? 34  C   B "C5'" 1 
ATOM   627 C "C4'" . C   B 1 9  ? 5.679   -5.655  -7.133  1.00 100.52 ? 34  C   B "C4'" 1 
ATOM   628 O "O4'" . C   B 1 9  ? 4.340   -6.216  -7.196  1.00 100.18 ? 34  C   B "O4'" 1 
ATOM   629 C "C3'" . C   B 1 9  ? 5.481   -4.158  -7.338  1.00 101.01 ? 34  C   B "C3'" 1 
ATOM   630 O "O3'" . C   B 1 9  ? 6.644   -3.504  -7.846  1.00 101.76 ? 34  C   B "O3'" 1 
ATOM   631 C "C2'" . C   B 1 9  ? 4.327   -4.133  -8.331  1.00 100.64 ? 34  C   B "C2'" 1 
ATOM   632 O "O2'" . C   B 1 9  ? 4.728   -4.382  -9.662  1.00 98.83  ? 34  C   B "O2'" 1 
ATOM   633 C "C1'" . C   B 1 9  ? 3.459   -5.281  -7.804  1.00 101.23 ? 34  C   B "C1'" 1 
ATOM   634 N N1    . C   B 1 9  ? 2.483   -4.819  -6.788  1.00 101.68 ? 34  C   B N1    1 
ATOM   635 C C2    . C   B 1 9  ? 1.207   -4.404  -7.208  1.00 101.75 ? 34  C   B C2    1 
ATOM   636 O O2    . C   B 1 9  ? 0.907   -4.479  -8.415  1.00 100.49 ? 34  C   B O2    1 
ATOM   637 N N3    . C   B 1 9  ? 0.334   -3.934  -6.285  1.00 102.38 ? 34  C   B N3    1 
ATOM   638 C C4    . C   B 1 9  ? 0.681   -3.885  -4.995  1.00 101.81 ? 34  C   B C4    1 
ATOM   639 N N4    . C   B 1 9  ? -0.207  -3.408  -4.128  1.00 101.53 ? 34  C   B N4    1 
ATOM   640 C C5    . C   B 1 9  ? 1.955   -4.320  -4.541  1.00 101.24 ? 34  C   B C5    1 
ATOM   641 C C6    . C   B 1 9  ? 2.816   -4.775  -5.460  1.00 101.83 ? 34  C   B C6    1 
ATOM   642 P P     . C   B 1 10 ? 6.906   -1.953  -7.492  1.00 102.83 ? 35  C   B P     1 
ATOM   643 O OP1   . C   B 1 10 ? 8.234   -1.560  -8.016  1.00 103.18 ? 35  C   B OP1   1 
ATOM   644 O OP2   . C   B 1 10 ? 6.606   -1.746  -6.052  1.00 102.59 ? 35  C   B OP2   1 
ATOM   645 O "O5'" . C   B 1 10 ? 5.802   -1.187  -8.344  1.00 101.99 ? 35  C   B "O5'" 1 
ATOM   646 C "C5'" . C   B 1 10 ? 5.837   -1.228  -9.763  1.00 102.85 ? 35  C   B "C5'" 1 
ATOM   647 C "C4'" . C   B 1 10 ? 4.719   -0.399  -10.344 1.00 103.29 ? 35  C   B "C4'" 1 
ATOM   648 O "O4'" . C   B 1 10 ? 3.449   -1.075  -10.137 1.00 103.73 ? 35  C   B "O4'" 1 
ATOM   649 C "C3'" . C   B 1 10 ? 4.531   0.981   -9.737  1.00 102.28 ? 35  C   B "C3'" 1 
ATOM   650 O "O3'" . C   B 1 10 ? 5.396   1.929   -10.335 1.00 102.46 ? 35  C   B "O3'" 1 
ATOM   651 C "C2'" . C   B 1 10 ? 3.076   1.264   -10.068 1.00 102.86 ? 35  C   B "C2'" 1 
ATOM   652 O "O2'" . C   B 1 10 ? 2.923   1.658   -11.412 1.00 103.18 ? 35  C   B "O2'" 1 
ATOM   653 C "C1'" . C   B 1 10 ? 2.447   -0.114  -9.836  1.00 104.09 ? 35  C   B "C1'" 1 
ATOM   654 N N1    . C   B 1 10 ? 2.032   -0.302  -8.428  1.00 105.03 ? 35  C   B N1    1 
ATOM   655 C C2    . C   B 1 10 ? 0.764   0.131   -8.027  1.00 104.60 ? 35  C   B C2    1 
ATOM   656 O O2    . C   B 1 10 ? -0.012  0.587   -8.879  1.00 105.02 ? 35  C   B O2    1 
ATOM   657 N N3    . C   B 1 10 ? 0.415   0.032   -6.720  1.00 103.71 ? 35  C   B N3    1 
ATOM   658 C C4    . C   B 1 10 ? 1.270   -0.488  -5.837  1.00 102.45 ? 35  C   B C4    1 
ATOM   659 N N4    . C   B 1 10 ? 0.902   -0.539  -4.560  1.00 101.04 ? 35  C   B N4    1 
ATOM   660 C C5    . C   B 1 10 ? 2.545   -0.975  -6.224  1.00 103.64 ? 35  C   B C5    1 
ATOM   661 C C6    . C   B 1 10 ? 2.884   -0.865  -7.515  1.00 105.19 ? 35  C   B C6    1 
ATOM   662 P P     . G   B 1 11 ? 5.787   3.266   -9.531  1.00 105.00 ? 36  G   B P     1 
ATOM   663 O OP1   . G   B 1 11 ? 6.797   4.001   -10.338 1.00 105.75 ? 36  G   B OP1   1 
ATOM   664 O OP2   . G   B 1 11 ? 6.113   2.899   -8.130  1.00 104.63 ? 36  G   B OP2   1 
ATOM   665 O "O5'" . G   B 1 11 ? 4.434   4.110   -9.540  1.00 102.53 ? 36  G   B "O5'" 1 
ATOM   666 C "C5'" . G   B 1 11 ? 3.892   4.610   -10.760 1.00 100.72 ? 36  G   B "C5'" 1 
ATOM   667 C "C4'" . G   B 1 11 ? 2.530   5.219   -10.522 1.00 101.09 ? 36  G   B "C4'" 1 
ATOM   668 O "O4'" . G   B 1 11 ? 1.603   4.192   -10.078 1.00 101.98 ? 36  G   B "O4'" 1 
ATOM   669 C "C3'" . G   B 1 11 ? 2.449   6.260   -9.421  1.00 100.59 ? 36  G   B "C3'" 1 
ATOM   670 O "O3'" . G   B 1 11 ? 2.858   7.528   -9.886  1.00 100.34 ? 36  G   B "O3'" 1 
ATOM   671 C "C2'" . G   B 1 11 ? 0.965   6.251   -9.081  1.00 99.98  ? 36  G   B "C2'" 1 
ATOM   672 O "O2'" . G   B 1 11 ? 0.189   6.977   -10.013 1.00 98.31  ? 36  G   B "O2'" 1 
ATOM   673 C "C1'" . G   B 1 11 ? 0.650   4.756   -9.181  1.00 100.05 ? 36  G   B "C1'" 1 
ATOM   674 N N9    . G   B 1 11 ? 0.763   4.077   -7.890  1.00 99.04  ? 36  G   B N9    1 
ATOM   675 C C8    . G   B 1 11 ? 1.777   3.246   -7.470  1.00 98.48  ? 36  G   B C8    1 
ATOM   676 N N7    . G   B 1 11 ? 1.617   2.816   -6.247  1.00 98.34  ? 36  G   B N7    1 
ATOM   677 C C5    . G   B 1 11 ? 0.418   3.390   -5.835  1.00 98.02  ? 36  G   B C5    1 
ATOM   678 C C6    . G   B 1 11 ? -0.273  3.294   -4.597  1.00 96.36  ? 36  G   B C6    1 
ATOM   679 O O6    . G   B 1 11 ? 0.045   2.671   -3.587  1.00 95.55  ? 36  G   B O6    1 
ATOM   680 N N1    . G   B 1 11 ? -1.448  4.031   -4.607  1.00 94.44  ? 36  G   B N1    1 
ATOM   681 C C2    . G   B 1 11 ? -1.900  4.775   -5.661  1.00 94.47  ? 36  G   B C2    1 
ATOM   682 N N2    . G   B 1 11 ? -3.049  5.431   -5.463  1.00 94.75  ? 36  G   B N2    1 
ATOM   683 N N3    . G   B 1 11 ? -1.270  4.875   -6.820  1.00 96.02  ? 36  G   B N3    1 
ATOM   684 C C4    . G   B 1 11 ? -0.126  4.163   -6.839  1.00 97.79  ? 36  G   B C4    1 
ATOM   685 P P     . G   B 1 12 ? 3.433   8.597   -8.843  1.00 101.03 ? 37  G   B P     1 
ATOM   686 O OP1   . G   B 1 12 ? 3.768   9.789   -9.668  1.00 101.16 ? 37  G   B OP1   1 
ATOM   687 O OP2   . G   B 1 12 ? 4.481   7.961   -8.002  1.00 99.63  ? 37  G   B OP2   1 
ATOM   688 O "O5'" . G   B 1 12 ? 2.179   8.954   -7.925  1.00 99.28  ? 37  G   B "O5'" 1 
ATOM   689 C "C5'" . G   B 1 12 ? 1.055   9.607   -8.492  1.00 97.47  ? 37  G   B "C5'" 1 
ATOM   690 C "C4'" . G   B 1 12 ? -0.088  9.668   -7.515  1.00 95.36  ? 37  G   B "C4'" 1 
ATOM   691 O "O4'" . G   B 1 12 ? -0.459  8.332   -7.099  1.00 94.02  ? 37  G   B "O4'" 1 
ATOM   692 C "C3'" . G   B 1 12 ? 0.129   10.402  -6.207  1.00 93.98  ? 37  G   B "C3'" 1 
ATOM   693 O "O3'" . G   B 1 12 ? -0.003  11.799  -6.400  1.00 95.42  ? 37  G   B "O3'" 1 
ATOM   694 C "C2'" . G   B 1 12 ? -1.028  9.858   -5.377  1.00 93.69  ? 37  G   B "C2'" 1 
ATOM   695 O "O2'" . G   B 1 12 ? -2.282  10.428  -5.721  1.00 93.15  ? 37  G   B "O2'" 1 
ATOM   696 C "C1'" . G   B 1 12 ? -1.018  8.389   -5.795  1.00 93.11  ? 37  G   B "C1'" 1 
ATOM   697 N N9    . G   B 1 12 ? -0.209  7.556   -4.911  1.00 91.78  ? 37  G   B N9    1 
ATOM   698 C C8    . G   B 1 12 ? 1.016   6.998   -5.187  1.00 92.32  ? 37  G   B C8    1 
ATOM   699 N N7    . G   B 1 12 ? 1.490   6.288   -4.201  1.00 91.68  ? 37  G   B N7    1 
ATOM   700 C C5    . G   B 1 12 ? 0.520   6.382   -3.213  1.00 90.53  ? 37  G   B C5    1 
ATOM   701 C C6    . G   B 1 12 ? 0.469   5.802   -1.918  1.00 90.61  ? 37  G   B C6    1 
ATOM   702 O O6    . G   B 1 12 ? 1.288   5.046   -1.375  1.00 90.41  ? 37  G   B O6    1 
ATOM   703 N N1    . G   B 1 12 ? -0.692  6.171   -1.242  1.00 89.40  ? 37  G   B N1    1 
ATOM   704 C C2    . G   B 1 12 ? -1.679  6.974   -1.752  1.00 87.67  ? 37  G   B C2    1 
ATOM   705 N N2    . G   B 1 12 ? -2.715  7.211   -0.947  1.00 86.25  ? 37  G   B N2    1 
ATOM   706 N N3    . G   B 1 12 ? -1.652  7.504   -2.961  1.00 88.26  ? 37  G   B N3    1 
ATOM   707 C C4    . G   B 1 12 ? -0.531  7.170   -3.632  1.00 90.38  ? 37  G   B C4    1 
ATOM   708 P P     . U   B 1 13 ? 0.646   12.819  -5.341  1.00 96.42  ? 38  U   B P     1 
ATOM   709 O OP1   . U   B 1 13 ? 0.482   14.183  -5.899  1.00 96.79  ? 38  U   B OP1   1 
ATOM   710 O OP2   . U   B 1 13 ? 2.015   12.326  -5.008  1.00 95.59  ? 38  U   B OP2   1 
ATOM   711 O "O5'" . U   B 1 13 ? -0.276  12.683  -4.042  1.00 94.28  ? 38  U   B "O5'" 1 
ATOM   712 C "C5'" . U   B 1 13 ? -1.620  13.161  -4.030  1.00 92.12  ? 38  U   B "C5'" 1 
ATOM   713 C "C4'" . U   B 1 13 ? -2.289  12.823  -2.714  1.00 91.66  ? 38  U   B "C4'" 1 
ATOM   714 O "O4'" . U   B 1 13 ? -2.266  11.384  -2.538  1.00 91.62  ? 38  U   B "O4'" 1 
ATOM   715 C "C3'" . U   B 1 13 ? -1.596  13.326  -1.458  1.00 92.03  ? 38  U   B "C3'" 1 
ATOM   716 O "O3'" . U   B 1 13 ? -1.886  14.671  -1.130  1.00 92.60  ? 38  U   B "O3'" 1 
ATOM   717 C "C2'" . U   B 1 13 ? -2.119  12.380  -0.392  1.00 90.39  ? 38  U   B "C2'" 1 
ATOM   718 O "O2'" . U   B 1 13 ? -3.435  12.666  0.033   1.00 87.73  ? 38  U   B "O2'" 1 
ATOM   719 C "C1'" . U   B 1 13 ? -2.083  11.067  -1.159  1.00 90.71  ? 38  U   B "C1'" 1 
ATOM   720 N N1    . U   B 1 13 ? -0.812  10.336  -0.991  1.00 89.88  ? 38  U   B N1    1 
ATOM   721 C C2    . U   B 1 13 ? -0.571  9.748   0.240   1.00 90.54  ? 38  U   B C2    1 
ATOM   722 O O2    . U   B 1 13 ? -1.314  9.894   1.201   1.00 92.52  ? 38  U   B O2    1 
ATOM   723 N N3    . U   B 1 13 ? 0.577   8.993   0.312   1.00 90.12  ? 38  U   B N3    1 
ATOM   724 C C4    . U   B 1 13 ? 1.506   8.787   -0.689  1.00 89.93  ? 38  U   B C4    1 
ATOM   725 O O4    . U   B 1 13 ? 2.421   7.974   -0.510  1.00 88.24  ? 38  U   B O4    1 
ATOM   726 C C5    . U   B 1 13 ? 1.221   9.474   -1.908  1.00 89.79  ? 38  U   B C5    1 
ATOM   727 C C6    . U   B 1 13 ? 0.100   10.207  -2.017  1.00 90.49  ? 38  U   B C6    1 
ATOM   728 P P     . G   B 1 14 ? -0.783  15.527  -0.346  1.00 91.50  ? 39  G   B P     1 
ATOM   729 O OP1   . G   B 1 14 ? -1.253  16.928  -0.262  1.00 92.55  ? 39  G   B OP1   1 
ATOM   730 O OP2   . G   B 1 14 ? 0.545   15.221  -0.946  1.00 90.09  ? 39  G   B OP2   1 
ATOM   731 O "O5'" . G   B 1 14 ? -0.768  14.885  1.103   1.00 89.85  ? 39  G   B "O5'" 1 
ATOM   732 C "C5'" . G   B 1 14 ? -1.913  14.903  1.937   1.00 89.35  ? 39  G   B "C5'" 1 
ATOM   733 C "C4'" . G   B 1 14 ? -1.528  14.391  3.290   1.00 89.76  ? 39  G   B "C4'" 1 
ATOM   734 O "O4'" . G   B 1 14 ? -1.149  13.005  3.165   1.00 89.34  ? 39  G   B "O4'" 1 
ATOM   735 C "C3'" . G   B 1 14 ? -0.296  15.088  3.842   1.00 91.96  ? 39  G   B "C3'" 1 
ATOM   736 O "O3'" . G   B 1 14 ? -0.688  16.297  4.485   1.00 94.59  ? 39  G   B "O3'" 1 
ATOM   737 C "C2'" . G   B 1 14 ? 0.400   14.024  4.688   1.00 92.06  ? 39  G   B "C2'" 1 
ATOM   738 O "O2'" . G   B 1 14 ? 0.060   13.951  6.060   1.00 97.26  ? 39  G   B "O2'" 1 
ATOM   739 C "C1'" . G   B 1 14 ? -0.045  12.735  3.999   1.00 89.40  ? 39  G   B "C1'" 1 
ATOM   740 N N9    . G   B 1 14 ? 0.998   12.088  3.217   1.00 86.68  ? 39  G   B N9    1 
ATOM   741 C C8    . G   B 1 14 ? 1.399   12.358  1.931   1.00 86.04  ? 39  G   B C8    1 
ATOM   742 N N7    . G   B 1 14 ? 2.372   11.587  1.530   1.00 84.46  ? 39  G   B N7    1 
ATOM   743 C C5    . G   B 1 14 ? 2.621   10.763  2.618   1.00 84.55  ? 39  G   B C5    1 
ATOM   744 C C6    . G   B 1 14 ? 3.569   9.733   2.791   1.00 83.94  ? 39  G   B C6    1 
ATOM   745 O O6    . G   B 1 14 ? 4.391   9.303   1.982   1.00 84.91  ? 39  G   B O6    1 
ATOM   746 N N1    . G   B 1 14 ? 3.500   9.185   4.066   1.00 83.87  ? 39  G   B N1    1 
ATOM   747 C C2    . G   B 1 14 ? 2.626   9.577   5.047   1.00 83.62  ? 39  G   B C2    1 
ATOM   748 N N2    . G   B 1 14 ? 2.729   8.963   6.228   1.00 83.08  ? 39  G   B N2    1 
ATOM   749 N N3    . G   B 1 14 ? 1.722   10.513  4.886   1.00 84.28  ? 39  G   B N3    1 
ATOM   750 C C4    . G   B 1 14 ? 1.781   11.065  3.661   1.00 85.15  ? 39  G   B C4    1 
ATOM   751 P P     . A   B 1 15 ? -1.577  16.259  5.835   1.00 96.62  ? 40  A   B P     1 
ATOM   752 O OP1   . A   B 1 15 ? -2.121  14.895  6.095   1.00 94.50  ? 40  A   B OP1   1 
ATOM   753 O OP2   . A   B 1 15 ? -2.530  17.394  5.689   1.00 97.08  ? 40  A   B OP2   1 
ATOM   754 O "O5'" . A   B 1 15 ? -0.496  16.612  6.964   1.00 95.96  ? 40  A   B "O5'" 1 
ATOM   755 C "C5'" . A   B 1 15 ? 0.588   17.501  6.663   1.00 92.00  ? 40  A   B "C5'" 1 
ATOM   756 C "C4'" . A   B 1 15 ? 1.294   17.994  7.922   1.00 90.38  ? 40  A   B "C4'" 1 
ATOM   757 O "O4'" . A   B 1 15 ? 0.353   18.348  8.967   1.00 88.20  ? 40  A   B "O4'" 1 
ATOM   758 C "C3'" . A   B 1 15 ? 2.247   17.071  8.660   1.00 88.63  ? 40  A   B "C3'" 1 
ATOM   759 O "O3'" . A   B 1 15 ? 3.472   16.952  7.944   1.00 89.51  ? 40  A   B "O3'" 1 
ATOM   760 C "C2'" . A   B 1 15 ? 2.441   17.826  9.974   1.00 86.70  ? 40  A   B "C2'" 1 
ATOM   761 O "O2'" . A   B 1 15 ? 3.366   18.898  9.885   1.00 82.19  ? 40  A   B "O2'" 1 
ATOM   762 C "C1'" . A   B 1 15 ? 1.042   18.399  10.202  1.00 85.96  ? 40  A   B "C1'" 1 
ATOM   763 N N9    . A   B 1 15 ? 0.274   17.673  11.207  1.00 85.64  ? 40  A   B N9    1 
ATOM   764 C C8    . A   B 1 15 ? -0.427  16.497  11.105  1.00 85.61  ? 40  A   B C8    1 
ATOM   765 N N7    . A   B 1 15 ? -0.997  16.125  12.226  1.00 85.32  ? 40  A   B N7    1 
ATOM   766 C C5    . A   B 1 15 ? -0.652  17.127  13.123  1.00 86.74  ? 40  A   B C5    1 
ATOM   767 C C6    . A   B 1 15 ? -0.939  17.327  14.496  1.00 89.34  ? 40  A   B C6    1 
ATOM   768 N N6    . A   B 1 15 ? -1.684  16.494  15.244  1.00 89.81  ? 40  A   B N6    1 
ATOM   769 N N1    . A   B 1 15 ? -0.421  18.429  15.087  1.00 89.93  ? 40  A   B N1    1 
ATOM   770 C C2    . A   B 1 15 ? 0.328   19.259  14.349  1.00 89.01  ? 40  A   B C2    1 
ATOM   771 N N3    . A   B 1 15 ? 0.661   19.179  13.062  1.00 85.84  ? 40  A   B N3    1 
ATOM   772 C C4    . A   B 1 15 ? 0.134   18.081  12.505  1.00 85.78  ? 40  A   B C4    1 
ATOM   773 P P     . A   B 1 16 ? 4.416   15.683  8.199   1.00 87.82  ? 41  A   B P     1 
ATOM   774 O OP1   . A   B 1 16 ? 5.423   15.637  7.100   1.00 89.43  ? 41  A   B OP1   1 
ATOM   775 O OP2   . A   B 1 16 ? 3.550   14.506  8.460   1.00 87.50  ? 41  A   B OP2   1 
ATOM   776 O "O5'" . A   B 1 16 ? 5.164   16.045  9.554   1.00 88.52  ? 41  A   B "O5'" 1 
ATOM   777 C "C5'" . A   B 1 16 ? 6.153   17.080  9.590   1.00 88.23  ? 41  A   B "C5'" 1 
ATOM   778 C "C4'" . A   B 1 16 ? 6.653   17.256  10.996  1.00 86.06  ? 41  A   B "C4'" 1 
ATOM   779 O "O4'" . A   B 1 16 ? 5.523   17.613  11.832  1.00 86.36  ? 41  A   B "O4'" 1 
ATOM   780 C "C3'" . A   B 1 16 ? 7.209   15.982  11.604  1.00 85.28  ? 41  A   B "C3'" 1 
ATOM   781 O "O3'" . A   B 1 16 ? 8.602   15.895  11.336  1.00 85.62  ? 41  A   B "O3'" 1 
ATOM   782 C "C2'" . A   B 1 16 ? 6.932   16.179  13.088  1.00 85.36  ? 41  A   B "C2'" 1 
ATOM   783 O "O2'" . A   B 1 16 ? 7.901   17.006  13.698  1.00 86.14  ? 41  A   B "O2'" 1 
ATOM   784 C "C1'" . A   B 1 16 ? 5.594   16.922  13.060  1.00 84.80  ? 41  A   B "C1'" 1 
ATOM   785 N N9    . A   B 1 16 ? 4.393   16.096  13.173  1.00 84.00  ? 41  A   B N9    1 
ATOM   786 C C8    . A   B 1 16 ? 3.934   15.131  12.313  1.00 84.63  ? 41  A   B C8    1 
ATOM   787 N N7    . A   B 1 16 ? 2.793   14.600  12.678  1.00 84.68  ? 41  A   B N7    1 
ATOM   788 C C5    . A   B 1 16 ? 2.490   15.256  13.863  1.00 85.33  ? 41  A   B C5    1 
ATOM   789 C C6    . A   B 1 16 ? 1.401   15.162  14.743  1.00 87.31  ? 41  A   B C6    1 
ATOM   790 N N6    . A   B 1 16 ? 0.365   14.339  14.551  1.00 91.27  ? 41  A   B N6    1 
ATOM   791 N N1    . A   B 1 16 ? 1.398   15.958  15.835  1.00 86.01  ? 41  A   B N1    1 
ATOM   792 C C2    . A   B 1 16 ? 2.415   16.794  16.007  1.00 84.45  ? 41  A   B C2    1 
ATOM   793 N N3    . A   B 1 16 ? 3.491   16.980  15.249  1.00 84.71  ? 41  A   B N3    1 
ATOM   794 C C4    . A   B 1 16 ? 3.468   16.170  14.182  1.00 83.87  ? 41  A   B C4    1 
ATOM   795 P P     . G   B 1 17 ? 9.142   14.885  10.204  1.00 87.43  ? 42  G   B P     1 
ATOM   796 O OP1   . G   B 1 17 ? 9.628   15.722  9.082   1.00 87.40  ? 42  G   B OP1   1 
ATOM   797 O OP2   . G   B 1 17 ? 8.153   13.798  9.937   1.00 87.55  ? 42  G   B OP2   1 
ATOM   798 O "O5'" . G   B 1 17 ? 10.418  14.202  10.864  1.00 86.87  ? 42  G   B "O5'" 1 
ATOM   799 C "C5'" . G   B 1 17 ? 10.322  13.442  12.065  1.00 84.79  ? 42  G   B "C5'" 1 
ATOM   800 C "C4'" . G   B 1 17 ? 10.888  12.058  11.851  1.00 84.01  ? 42  G   B "C4'" 1 
ATOM   801 O "O4'" . G   B 1 17 ? 10.012  11.342  10.941  1.00 82.91  ? 42  G   B "O4'" 1 
ATOM   802 C "C3'" . G   B 1 17 ? 12.239  11.958  11.154  1.00 85.18  ? 42  G   B "C3'" 1 
ATOM   803 O "O3'" . G   B 1 17 ? 13.360  12.215  11.985  1.00 88.28  ? 42  G   B "O3'" 1 
ATOM   804 C "C2'" . G   B 1 17 ? 12.222  10.523  10.642  1.00 84.52  ? 42  G   B "C2'" 1 
ATOM   805 O "O2'" . G   B 1 17 ? 12.522  9.524   11.613  1.00 86.39  ? 42  G   B "O2'" 1 
ATOM   806 C "C1'" . G   B 1 17 ? 10.773  10.413  10.172  1.00 81.33  ? 42  G   B "C1'" 1 
ATOM   807 N N9    . G   B 1 17 ? 10.649  10.757  8.761   1.00 77.60  ? 42  G   B N9    1 
ATOM   808 C C8    . G   B 1 17 ? 10.043  11.863  8.219   1.00 76.19  ? 42  G   B C8    1 
ATOM   809 N N7    . G   B 1 17 ? 10.093  11.887  6.917   1.00 75.51  ? 42  G   B N7    1 
ATOM   810 C C5    . G   B 1 17 ? 10.773  10.725  6.578   1.00 76.08  ? 42  G   B C5    1 
ATOM   811 C C6    . G   B 1 17 ? 11.135  10.202  5.298   1.00 77.05  ? 42  G   B C6    1 
ATOM   812 O O6    . G   B 1 17 ? 10.895  10.660  4.169   1.00 77.60  ? 42  G   B O6    1 
ATOM   813 N N1    . G   B 1 17 ? 11.839  9.013   5.418   1.00 78.07  ? 42  G   B N1    1 
ATOM   814 C C2    . G   B 1 17 ? 12.145  8.390   6.600   1.00 79.68  ? 42  G   B C2    1 
ATOM   815 N N2    . G   B 1 17 ? 12.832  7.242   6.494   1.00 79.75  ? 42  G   B N2    1 
ATOM   816 N N3    . G   B 1 17 ? 11.802  8.856   7.796   1.00 78.44  ? 42  G   B N3    1 
ATOM   817 C C4    . G   B 1 17 ? 11.126  10.020  7.706   1.00 76.92  ? 42  G   B C4    1 
ATOM   818 P P     . U   B 1 18 ? 14.705  12.827  11.333  1.00 90.98  ? 43  U   B P     1 
ATOM   819 O OP1   . U   B 1 18 ? 15.643  13.027  12.469  1.00 89.32  ? 43  U   B OP1   1 
ATOM   820 O OP2   . U   B 1 18 ? 14.326  13.986  10.477  1.00 89.33  ? 43  U   B OP2   1 
ATOM   821 O "O5'" . U   B 1 18 ? 15.271  11.677  10.372  1.00 89.35  ? 43  U   B "O5'" 1 
ATOM   822 C "C5'" . U   B 1 18 ? 15.668  10.417  10.911  1.00 91.15  ? 43  U   B "C5'" 1 
ATOM   823 C "C4'" . U   B 1 18 ? 16.143  9.476   9.820   1.00 92.28  ? 43  U   B "C4'" 1 
ATOM   824 O "O4'" . U   B 1 18 ? 15.075  9.242   8.876   1.00 91.79  ? 43  U   B "O4'" 1 
ATOM   825 C "C3'" . U   B 1 18 ? 17.318  9.903   8.948   1.00 93.27  ? 43  U   B "C3'" 1 
ATOM   826 O "O3'" . U   B 1 18 ? 18.546  9.618   9.604   1.00 97.07  ? 43  U   B "O3'" 1 
ATOM   827 C "C2'" . U   B 1 18 ? 17.153  9.006   7.724   1.00 90.83  ? 43  U   B "C2'" 1 
ATOM   828 O "O2'" . U   B 1 18 ? 17.670  7.702   7.864   1.00 89.80  ? 43  U   B "O2'" 1 
ATOM   829 C "C1'" . U   B 1 18 ? 15.632  8.922   7.611   1.00 89.99  ? 43  U   B "C1'" 1 
ATOM   830 N N1    . U   B 1 18 ? 15.122  9.866   6.610   1.00 87.76  ? 43  U   B N1    1 
ATOM   831 C C2    . U   B 1 18 ? 15.280  9.514   5.296   1.00 86.84  ? 43  U   B C2    1 
ATOM   832 O O2    . U   B 1 18 ? 15.782  8.451   4.953   1.00 88.41  ? 43  U   B O2    1 
ATOM   833 N N3    . U   B 1 18 ? 14.833  10.443  4.395   1.00 84.17  ? 43  U   B N3    1 
ATOM   834 C C4    . U   B 1 18 ? 14.249  11.648  4.676   1.00 83.13  ? 43  U   B C4    1 
ATOM   835 O O4    . U   B 1 18 ? 13.909  12.374  3.754   1.00 83.90  ? 43  U   B O4    1 
ATOM   836 C C5    . U   B 1 18 ? 14.101  11.935  6.058   1.00 84.31  ? 43  U   B C5    1 
ATOM   837 C C6    . U   B 1 18 ? 14.532  11.056  6.960   1.00 86.89  ? 43  U   B C6    1 
ATOM   838 P P     . C   B 1 19 ? 19.828  10.549  9.352   1.00 100.04 ? 44  C   B P     1 
ATOM   839 O OP1   . C   B 1 19 ? 20.805  10.153  10.407  1.00 97.86  ? 44  C   B OP1   1 
ATOM   840 O OP2   . C   B 1 19 ? 19.392  11.972  9.243   1.00 99.24  ? 44  C   B OP2   1 
ATOM   841 O "O5'" . C   B 1 19 ? 20.357  10.082  7.924   1.00 98.41  ? 44  C   B "O5'" 1 
ATOM   842 C "C5'" . C   B 1 19 ? 20.938  8.800   7.768   1.00 100.29 ? 44  C   B "C5'" 1 
ATOM   843 C "C4'" . C   B 1 19 ? 21.138  8.479   6.310   1.00 101.39 ? 44  C   B "C4'" 1 
ATOM   844 O "O4'" . C   B 1 19 ? 19.848  8.444   5.648   1.00 100.74 ? 44  C   B "O4'" 1 
ATOM   845 C "C3'" . C   B 1 19 ? 21.939  9.477   5.488   1.00 102.70 ? 44  C   B "C3'" 1 
ATOM   846 O "O3'" . C   B 1 19 ? 23.343  9.304   5.639   1.00 104.54 ? 44  C   B "O3'" 1 
ATOM   847 C "C2'" . C   B 1 19 ? 21.484  9.134   4.079   1.00 102.16 ? 44  C   B "C2'" 1 
ATOM   848 O "O2'" . C   B 1 19 ? 22.082  7.945   3.590   1.00 103.12 ? 44  C   B "O2'" 1 
ATOM   849 C "C1'" . C   B 1 19 ? 19.987  8.913   4.312   1.00 99.81  ? 44  C   B "C1'" 1 
ATOM   850 N N1    . C   B 1 19 ? 19.188  10.150  4.162   1.00 96.21  ? 44  C   B N1    1 
ATOM   851 C C2    . C   B 1 19 ? 18.814  10.571  2.867   1.00 94.16  ? 44  C   B C2    1 
ATOM   852 O O2    . C   B 1 19 ? 19.173  9.900   1.884   1.00 93.43  ? 44  C   B O2    1 
ATOM   853 N N3    . C   B 1 19 ? 18.071  11.695  2.728   1.00 92.21  ? 44  C   B N3    1 
ATOM   854 C C4    . C   B 1 19 ? 17.703  12.390  3.808   1.00 93.20  ? 44  C   B C4    1 
ATOM   855 N N4    . C   B 1 19 ? 16.973  13.494  3.626   1.00 93.13  ? 44  C   B N4    1 
ATOM   856 C C5    . C   B 1 19 ? 18.069  11.987  5.128   1.00 94.15  ? 44  C   B C5    1 
ATOM   857 C C6    . C   B 1 19 ? 18.807  10.877  5.258   1.00 94.91  ? 44  C   B C6    1 
ATOM   858 P P     . G   B 1 20 ? 24.323  10.571  5.490   1.00 105.29 ? 45  G   B P     1 
ATOM   859 O OP1   . G   B 1 20 ? 25.636  10.180  6.075   1.00 104.11 ? 45  G   B OP1   1 
ATOM   860 O OP2   . G   B 1 20 ? 23.618  11.771  6.012   1.00 104.30 ? 45  G   B OP2   1 
ATOM   861 O "O5'" . G   B 1 20 ? 24.468  10.743  3.913   1.00 104.19 ? 45  G   B "O5'" 1 
ATOM   862 C "C5'" . G   B 1 20 ? 25.019  9.705   3.116   1.00 105.01 ? 45  G   B "C5'" 1 
ATOM   863 C "C4'" . G   B 1 20 ? 24.718  9.953   1.661   1.00 107.59 ? 45  G   B "C4'" 1 
ATOM   864 O "O4'" . G   B 1 20 ? 23.278  9.880   1.456   1.00 107.53 ? 45  G   B "O4'" 1 
ATOM   865 C "C3'" . G   B 1 20 ? 25.057  11.338  1.128   1.00 109.89 ? 45  G   B "C3'" 1 
ATOM   866 O "O3'" . G   B 1 20 ? 26.424  11.539  0.810   1.00 113.30 ? 45  G   B "O3'" 1 
ATOM   867 C "C2'" . G   B 1 20 ? 24.181  11.406  -0.111  1.00 108.97 ? 45  G   B "C2'" 1 
ATOM   868 O "O2'" . G   B 1 20 ? 24.674  10.668  -1.209  1.00 109.54 ? 45  G   B "O2'" 1 
ATOM   869 C "C1'" . G   B 1 20 ? 22.894  10.786  0.423   1.00 107.09 ? 45  G   B "C1'" 1 
ATOM   870 N N9    . G   B 1 20 ? 22.061  11.850  0.986   1.00 104.56 ? 45  G   B N9    1 
ATOM   871 C C8    . G   B 1 20 ? 21.883  12.186  2.309   1.00 103.25 ? 45  G   B C8    1 
ATOM   872 N N7    . G   B 1 20 ? 21.122  13.236  2.471   1.00 102.63 ? 45  G   B N7    1 
ATOM   873 C C5    . G   B 1 20 ? 20.768  13.608  1.179   1.00 102.62 ? 45  G   B C5    1 
ATOM   874 C C6    . G   B 1 20 ? 19.961  14.686  0.712   1.00 102.49 ? 45  G   B C6    1 
ATOM   875 O O6    . G   B 1 20 ? 19.378  15.560  1.373   1.00 102.29 ? 45  G   B O6    1 
ATOM   876 N N1    . G   B 1 20 ? 19.869  14.690  -0.677  1.00 101.70 ? 45  G   B N1    1 
ATOM   877 C C2    . G   B 1 20 ? 20.469  13.779  -1.511  1.00 102.08 ? 45  G   B C2    1 
ATOM   878 N N2    . G   B 1 20 ? 20.266  13.945  -2.828  1.00 102.96 ? 45  G   B N2    1 
ATOM   879 N N3    . G   B 1 20 ? 21.217  12.777  -1.091  1.00 101.84 ? 45  G   B N3    1 
ATOM   880 C C4    . G   B 1 20 ? 21.325  12.754  0.254   1.00 102.57 ? 45  G   B C4    1 
ATOM   881 P P     . C   B 1 21 ? 26.992  13.041  0.707   1.00 116.32 ? 46  C   B P     1 
ATOM   882 O OP1   . C   B 1 21 ? 28.437  12.952  0.391   1.00 117.41 ? 46  C   B OP1   1 
ATOM   883 O OP2   . C   B 1 21 ? 26.550  13.785  1.916   1.00 115.03 ? 46  C   B OP2   1 
ATOM   884 O "O5'" . C   B 1 21 ? 26.219  13.676  -0.536  1.00 115.79 ? 46  C   B "O5'" 1 
ATOM   885 C "C5'" . C   B 1 21 ? 26.281  13.086  -1.833  1.00 116.18 ? 46  C   B "C5'" 1 
ATOM   886 C "C4'" . C   B 1 21 ? 25.497  13.923  -2.829  1.00 117.87 ? 46  C   B "C4'" 1 
ATOM   887 O "O4'" . C   B 1 21 ? 24.087  13.963  -2.462  1.00 118.50 ? 46  C   B "O4'" 1 
ATOM   888 C "C3'" . C   B 1 21 ? 25.881  15.392  -2.903  1.00 118.08 ? 46  C   B "C3'" 1 
ATOM   889 O "O3'" . C   B 1 21 ? 27.149  15.648  -3.516  1.00 118.19 ? 46  C   B "O3'" 1 
ATOM   890 C "C2'" . C   B 1 21 ? 24.634  16.017  -3.525  1.00 117.71 ? 46  C   B "C2'" 1 
ATOM   891 O "O2'" . C   B 1 21 ? 24.511  15.824  -4.921  1.00 118.33 ? 46  C   B "O2'" 1 
ATOM   892 C "C1'" . C   B 1 21 ? 23.529  15.226  -2.823  1.00 116.74 ? 46  C   B "C1'" 1 
ATOM   893 N N1    . C   B 1 21 ? 23.042  15.908  -1.605  1.00 115.11 ? 46  C   B N1    1 
ATOM   894 C C2    . C   B 1 21 ? 22.062  16.913  -1.730  1.00 114.25 ? 46  C   B C2    1 
ATOM   895 O O2    . C   B 1 21 ? 21.618  17.190  -2.850  1.00 114.50 ? 46  C   B O2    1 
ATOM   896 N N3    . C   B 1 21 ? 21.625  17.550  -0.626  1.00 113.48 ? 46  C   B N3    1 
ATOM   897 C C4    . C   B 1 21 ? 22.116  17.221  0.569   1.00 114.54 ? 46  C   B C4    1 
ATOM   898 N N4    . C   B 1 21 ? 21.649  17.871  1.634   1.00 114.70 ? 46  C   B N4    1 
ATOM   899 C C5    . C   B 1 21 ? 23.106  16.206  0.727   1.00 114.78 ? 46  C   B C5    1 
ATOM   900 C C6    . C   B 1 21 ? 23.536  15.582  -0.373  1.00 114.44 ? 46  C   B C6    1 
HETATM 901 C C11   . SIS C 2 .  ? 6.775   12.145  3.209   1.00 75.72  ? 101 SIS A C11   1 
HETATM 902 C C12   . SIS C 2 .  ? 11.479  14.700  3.165   1.00 83.21  ? 101 SIS A C12   1 
HETATM 903 C C13   . SIS C 2 .  ? 12.495  12.819  0.322   1.00 94.41  ? 101 SIS A C13   1 
HETATM 904 C C21   . SIS C 2 .  ? 5.580   12.713  2.377   1.00 75.51  ? 101 SIS A C21   1 
HETATM 905 C C22   . SIS C 2 .  ? 10.916  14.525  4.630   1.00 80.96  ? 101 SIS A C22   1 
HETATM 906 C C23   . SIS C 2 .  ? 13.304  13.744  -0.634  1.00 96.47  ? 101 SIS A C23   1 
HETATM 907 C C31   . SIS C 2 .  ? 4.607   13.577  3.294   1.00 74.67  ? 101 SIS A C31   1 
HETATM 908 C C32   . SIS C 2 .  ? 9.340   14.480  4.562   1.00 78.42  ? 101 SIS A C32   1 
HETATM 909 C C33   . SIS C 2 .  ? 12.264  14.375  -1.655  1.00 97.40  ? 101 SIS A C33   1 
HETATM 910 C C41   . SIS C 2 .  ? 4.615   13.116  4.798   1.00 74.65  ? 101 SIS A C41   1 
HETATM 911 C C42   . SIS C 2 .  ? 8.899   13.279  3.642   1.00 78.62  ? 101 SIS A C42   1 
HETATM 912 C C43   . SIS C 2 .  ? 11.571  13.187  -2.508  1.00 99.44  ? 101 SIS A C43   1 
HETATM 913 C C51   . SIS C 2 .  ? 5.405   12.105  5.222   1.00 75.72  ? 101 SIS A C51   1 
HETATM 914 C C52   . SIS C 2 .  ? 9.491   13.468  2.185   1.00 81.09  ? 101 SIS A C52   1 
HETATM 915 C C53   . SIS C 2 .  ? 10.850  12.201  -1.520  1.00 99.69  ? 101 SIS A C53   1 
HETATM 916 C C61   . SIS C 2 .  ? 5.443   11.640  6.710   1.00 78.74  ? 101 SIS A C61   1 
HETATM 917 C C62   . SIS C 2 .  ? 11.038  13.509  2.261   1.00 83.51  ? 101 SIS A C62   1 
HETATM 918 C C83   . SIS C 2 .  ? 10.519  13.631  -3.554  1.00 101.04 ? 101 SIS A C83   1 
HETATM 919 C C93   . SIS C 2 .  ? 12.598  16.721  -2.496  1.00 100.40 ? 101 SIS A C93   1 
HETATM 920 N N12   . SIS C 2 .  ? 12.911  14.748  3.225   1.00 81.52  ? 101 SIS A N12   1 
HETATM 921 N N21   . SIS C 2 .  ? 6.132   13.493  1.263   1.00 72.78  ? 101 SIS A N21   1 
HETATM 922 N N32   . SIS C 2 .  ? 8.785   14.310  5.920   1.00 78.04  ? 101 SIS A N32   1 
HETATM 923 N N33   . SIS C 2 .  ? 12.948  15.297  -2.603  1.00 98.02  ? 101 SIS A N33   1 
HETATM 924 N N61   . SIS C 2 .  ? 6.428   10.574  6.898   1.00 78.43  ? 101 SIS A N61   1 
HETATM 925 O O11   . SIS C 2 .  ? 7.522   13.286  3.604   1.00 78.91  ? 101 SIS A O11   1 
HETATM 926 O O23   . SIS C 2 .  ? 13.938  14.750  0.138   1.00 98.46  ? 101 SIS A O23   1 
HETATM 927 O O43   . SIS C 2 .  ? 12.525  12.450  -3.260  1.00 101.30 ? 101 SIS A O43   1 
HETATM 928 O O51   . SIS C 2 .  ? 6.268   11.398  4.337   1.00 74.91  ? 101 SIS A O51   1 
HETATM 929 O O52   . SIS C 2 .  ? 9.113   12.371  1.340   1.00 78.64  ? 101 SIS A O52   1 
HETATM 930 O O53   . SIS C 2 .  ? 11.817  11.736  -0.456  1.00 94.84  ? 101 SIS A O53   1 
HETATM 931 O O62   . SIS C 2 .  ? 11.522  13.689  0.955   1.00 89.99  ? 101 SIS A O62   1 
HETATM 932 C C11   . SIS D 2 .  ? -7.379  -11.057 -4.405  1.00 99.41  ? 101 SIS B C11   1 
HETATM 933 C C12   . SIS D 2 .  ? -11.029 -14.299 -2.068  1.00 105.14 ? 101 SIS B C12   1 
HETATM 934 C C13   . SIS D 2 .  ? -13.043 -11.814 -0.823  1.00 103.71 ? 101 SIS B C13   1 
HETATM 935 C C21   . SIS D 2 .  ? -7.109  -10.535 -5.850  1.00 98.48  ? 101 SIS B C21   1 
HETATM 936 C C22   . SIS D 2 .  ? -9.545  -14.823 -2.106  1.00 105.58 ? 101 SIS B C22   1 
HETATM 937 C C23   . SIS D 2 .  ? -14.537 -11.714 -1.235  1.00 103.43 ? 101 SIS B C23   1 
HETATM 938 C C31   . SIS D 2 .  ? -6.319  -11.616 -6.684  1.00 97.70  ? 101 SIS B C31   1 
HETATM 939 C C32   . SIS D 2 .  ? -8.833  -14.267 -3.406  1.00 105.12 ? 101 SIS B C32   1 
HETATM 940 C C33   . SIS D 2 .  ? -14.656 -10.649 -2.395  1.00 102.60 ? 101 SIS B C33   1 
HETATM 941 C C41   . SIS D 2 .  ? -5.344  -12.476 -5.801  1.00 96.68  ? 101 SIS B C41   1 
HETATM 942 C C42   . SIS D 2 .  ? -8.865  -12.680 -3.373  1.00 104.68 ? 101 SIS B C42   1 
HETATM 943 C C43   . SIS D 2 .  ? -14.138 -9.201  -1.860  1.00 102.54 ? 101 SIS B C43   1 
HETATM 944 C C51   . SIS D 2 .  ? -5.297  -12.332 -4.468  1.00 95.27  ? 101 SIS B C51   1 
HETATM 945 C C52   . SIS D 2 .  ? -10.356 -12.185 -3.315  1.00 105.61 ? 101 SIS B C52   1 
HETATM 946 C C53   . SIS D 2 .  ? -12.656 -9.336  -1.390  1.00 102.82 ? 101 SIS B C53   1 
HETATM 947 C C61   . SIS D 2 .  ? -4.365  -13.168 -3.570  1.00 93.07  ? 101 SIS B C61   1 
HETATM 948 C C62   . SIS D 2 .  ? -11.047 -12.757 -2.020  1.00 105.09 ? 101 SIS B C62   1 
HETATM 949 C C83   . SIS D 2 .  ? -14.193 -8.053  -2.878  1.00 103.27 ? 101 SIS B C83   1 
HETATM 950 C C93   . SIS D 2 .  ? -16.422 -11.237 -4.085  1.00 105.97 ? 101 SIS B C93   1 
HETATM 951 N N12   . SIS D 2 .  ? -11.673 -14.798 -0.899  1.00 105.73 ? 101 SIS B N12   1 
HETATM 952 N N21   . SIS D 2 .  ? -8.385  -10.199 -6.479  1.00 98.47  ? 101 SIS B N21   1 
HETATM 953 N N32   . SIS D 2 .  ? -7.439  -14.753 -3.445  1.00 105.11 ? 101 SIS B N32   1 
HETATM 954 N N33   . SIS D 2 .  ? -16.073 -10.534 -2.840  1.00 102.88 ? 101 SIS B N33   1 
HETATM 955 N N61   . SIS D 2 .  ? -3.734  -12.290 -2.609  1.00 91.28  ? 101 SIS B N61   1 
HETATM 956 O O11   . SIS D 2 .  ? -8.261  -12.181 -4.525  1.00 101.64 ? 101 SIS B O11   1 
HETATM 957 O O23   . SIS D 2 .  ? -14.974 -12.986 -1.656  1.00 102.56 ? 101 SIS B O23   1 
HETATM 958 O O43   . SIS D 2 .  ? -14.893 -8.711  -0.779  1.00 103.41 ? 101 SIS B O43   1 
HETATM 959 O O51   . SIS D 2 .  ? -6.112  -11.401 -3.783  1.00 96.95  ? 101 SIS B O51   1 
HETATM 960 O O52   . SIS D 2 .  ? -10.375 -10.759 -3.274  1.00 106.24 ? 101 SIS B O52   1 
HETATM 961 O O53   . SIS D 2 .  ? -12.524 -10.466 -0.389  1.00 103.43 ? 101 SIS B O53   1 
HETATM 962 O O62   . SIS D 2 .  ? -12.371 -12.310 -2.000  1.00 104.46 ? 101 SIS B O62   1 
HETATM 963 O O     . HOH E 3 .  ? -7.122  -5.149  -3.848  1.00 69.12  ? 201 HOH A O     1 
HETATM 964 O O     . HOH E 3 .  ? -13.410 -21.523 -0.365  1.00 64.14  ? 202 HOH A O     1 
HETATM 965 O O     . HOH F 3 .  ? -6.067  -1.525  6.086   1.00 78.16  ? 201 HOH B O     1 
# 
